data_7PVK
#
_entry.id   7PVK
#
_cell.length_a   94.630
_cell.length_b   103.770
_cell.length_c   132.210
_cell.angle_alpha   90.000
_cell.angle_beta   98.500
_cell.angle_gamma   90.000
#
_symmetry.space_group_name_H-M   'P 1 21 1'
#
loop_
_entity.id
_entity.type
_entity.pdbx_description
1 polymer 'Response regulator'
2 polymer pGpG
3 non-polymer 'MAGNESIUM ION'
4 non-polymer 'BERYLLIUM TRIFLUORIDE ION'
5 non-polymer 'ZINC ION'
6 non-polymer GLYCEROL
7 non-polymer 'FORMIC ACID'
8 water water
#
loop_
_entity_poly.entity_id
_entity_poly.type
_entity_poly.pdbx_seq_one_letter_code
_entity_poly.pdbx_strand_id
1 'polypeptide(L)'
;GPLGS(MSE)EKN(MSE)RPYTVLWADDEIDLLKPHILFLEQKGYQVTPVLSGNDAIEAVQNNDFDIVFLDEN(MSE)PG
IGGLDALQKIKELKPYTPVV(MSE)ITKSEEEHI(MSE)TQAIGGKIADYLIKPVNPNQLLLSLKKNLQQHSIISETTNT
NYRQEFVQLGTQ(MSE)SGKLSFEEWKELYRRIVFWEIELEQADRQ(MSE)GELLE(MSE)QKQEANRLFARFVTQNYRE
WIAKPDTRPT(MSE)SPDLFKQKVFPLLDNGEKVFFILIDNFRQDQWESVKS(MSE)LSEFYTFEED(MSE)YLSILPTA
AQYARNAIFSGL(MSE)PLQIEK(MSE)FPDLWVDEESEEGKNLNEEP(MSE)IRTLIERYRKHYSFSYNKVYETKFGER
LLGQIRSLSQNQLNVIVLNFVD(MSE)(MSE)SHARTDSK(MSE)IRELASNEAAYRSLTKSWFKHSTTYNLFRSIAE
(MSE)GYKVVLTTDHGTIQVKNPVKVIGDRSTNTNLRYKIGKNLDYNPKEVFEIKDPASVGLPHNNLSDKFIFTKEDDFF
AYPNNYNYYVQYYRNTFQHGGISLEE(MSE)LVPVIT(MSE)QPK
;
A,B,C,D
2 'polyribonucleotide' GG E,F,G,H
#
loop_
_chem_comp.id
_chem_comp.type
_chem_comp.name
_chem_comp.formula
BEF non-polymer 'BERYLLIUM TRIFLUORIDE ION' 'Be F3 -1'
FMT non-polymer 'FORMIC ACID' 'C H2 O2'
G RNA linking GUANOSINE-5'-MONOPHOSPHATE 'C10 H14 N5 O8 P'
GOL non-polymer GLYCEROL 'C3 H8 O3'
MG non-polymer 'MAGNESIUM ION' 'Mg 2'
ZN non-polymer 'ZINC ION' 'Zn 2'
#
# COMPACT_ATOMS: atom_id res chain seq x y z
N ARG A 11 13.15 56.33 -27.00
CA ARG A 11 14.60 56.37 -26.87
C ARG A 11 15.26 55.47 -27.92
N PRO A 12 16.34 55.95 -28.53
CA PRO A 12 17.07 55.11 -29.50
C PRO A 12 18.11 54.22 -28.84
N TYR A 13 18.39 53.11 -29.54
CA TYR A 13 19.34 52.14 -29.02
C TYR A 13 20.77 52.66 -29.11
N THR A 14 21.55 52.41 -28.07
CA THR A 14 22.93 52.86 -28.00
C THR A 14 23.88 51.71 -28.33
N VAL A 15 24.90 52.02 -29.12
CA VAL A 15 25.93 51.06 -29.53
C VAL A 15 27.28 51.56 -29.07
N LEU A 16 28.02 50.71 -28.37
CA LEU A 16 29.42 50.95 -28.07
C LEU A 16 30.26 50.15 -29.06
N TRP A 17 31.12 50.84 -29.80
CA TRP A 17 31.96 50.20 -30.81
C TRP A 17 33.42 50.51 -30.48
N ALA A 18 34.18 49.47 -30.15
CA ALA A 18 35.59 49.58 -29.79
C ALA A 18 36.41 49.02 -30.93
N ASP A 19 37.33 49.84 -31.46
CA ASP A 19 38.19 49.40 -32.56
C ASP A 19 39.31 50.43 -32.77
N ASP A 20 40.56 49.96 -32.76
CA ASP A 20 41.69 50.83 -33.01
C ASP A 20 41.61 51.51 -34.37
N GLU A 21 40.89 50.92 -35.32
CA GLU A 21 40.70 51.48 -36.66
C GLU A 21 39.29 52.05 -36.81
N ILE A 22 38.78 52.65 -35.73
CA ILE A 22 37.40 53.13 -35.74
C ILE A 22 37.16 54.10 -36.88
N ASP A 23 38.21 54.80 -37.32
CA ASP A 23 38.05 55.79 -38.39
C ASP A 23 37.72 55.11 -39.71
N LEU A 24 38.27 53.92 -39.95
CA LEU A 24 37.90 53.15 -41.15
C LEU A 24 36.44 52.74 -41.14
N LEU A 25 35.77 52.78 -39.99
CA LEU A 25 34.39 52.36 -39.86
C LEU A 25 33.42 53.53 -39.87
N LYS A 26 33.91 54.75 -40.09
CA LYS A 26 33.04 55.93 -40.23
C LYS A 26 31.87 55.68 -41.16
N PRO A 27 32.06 55.13 -42.37
CA PRO A 27 30.90 54.87 -43.24
C PRO A 27 29.81 54.05 -42.56
N HIS A 28 30.19 52.95 -41.89
CA HIS A 28 29.22 52.14 -41.18
C HIS A 28 28.54 52.92 -40.06
N ILE A 29 29.32 53.72 -39.32
CA ILE A 29 28.79 54.43 -38.17
C ILE A 29 27.76 55.47 -38.61
N LEU A 30 28.08 56.24 -39.65
CA LEU A 30 27.08 57.14 -40.23
C LEU A 30 25.83 56.37 -40.63
N PHE A 31 26.02 55.23 -41.30
CA PHE A 31 24.89 54.41 -41.70
C PHE A 31 24.06 53.98 -40.49
N LEU A 32 24.72 53.65 -39.38
CA LEU A 32 23.98 53.23 -38.18
C LEU A 32 23.32 54.43 -37.51
N GLU A 33 24.08 55.51 -37.29
CA GLU A 33 23.47 56.74 -36.81
C GLU A 33 22.32 57.16 -37.72
N GLN A 34 22.47 56.93 -39.02
CA GLN A 34 21.40 57.19 -39.98
C GLN A 34 20.14 56.40 -39.63
N LYS A 35 20.30 55.20 -39.07
CA LYS A 35 19.18 54.33 -38.74
C LYS A 35 18.67 54.53 -37.31
N GLY A 36 19.09 55.60 -36.64
CA GLY A 36 18.56 55.92 -35.33
C GLY A 36 19.37 55.42 -34.15
N TYR A 37 20.51 54.78 -34.39
CA TYR A 37 21.35 54.28 -33.30
C TYR A 37 22.32 55.34 -32.83
N GLN A 38 22.54 55.39 -31.52
CA GLN A 38 23.53 56.28 -30.93
C GLN A 38 24.82 55.48 -30.74
N VAL A 39 25.80 55.72 -31.63
CA VAL A 39 27.06 55.00 -31.58
C VAL A 39 28.06 55.78 -30.75
N THR A 40 28.79 55.07 -29.89
CA THR A 40 29.85 55.64 -29.07
C THR A 40 31.15 54.96 -29.47
N PRO A 41 32.13 55.67 -30.06
CA PRO A 41 33.38 55.01 -30.44
C PRO A 41 34.46 55.09 -29.38
N VAL A 42 35.26 54.02 -29.31
CA VAL A 42 36.49 54.01 -28.54
C VAL A 42 37.53 53.25 -29.35
N LEU A 43 38.79 53.40 -28.95
CA LEU A 43 39.91 52.86 -29.71
C LEU A 43 40.63 51.70 -29.00
N SER A 44 40.27 51.40 -27.75
CA SER A 44 40.95 50.37 -26.98
C SER A 44 39.94 49.59 -26.16
N GLY A 45 40.37 48.41 -25.72
CA GLY A 45 39.51 47.61 -24.85
C GLY A 45 39.40 48.19 -23.45
N ASN A 46 40.46 48.84 -22.96
CA ASN A 46 40.36 49.51 -21.68
C ASN A 46 39.31 50.61 -21.70
N ASP A 47 39.28 51.40 -22.78
CA ASP A 47 38.21 52.38 -22.94
C ASP A 47 36.85 51.70 -22.98
N ALA A 48 36.75 50.58 -23.70
CA ALA A 48 35.48 49.86 -23.79
C ALA A 48 34.98 49.45 -22.41
N ILE A 49 35.85 48.84 -21.60
CA ILE A 49 35.46 48.37 -20.28
C ILE A 49 35.00 49.55 -19.42
N GLU A 50 35.76 50.66 -19.45
CA GLU A 50 35.35 51.84 -18.70
C GLU A 50 33.97 52.33 -19.16
N ALA A 51 33.74 52.38 -20.47
CA ALA A 51 32.46 52.83 -20.98
C ALA A 51 31.32 51.94 -20.49
N VAL A 52 31.52 50.63 -20.48
CA VAL A 52 30.52 49.73 -19.93
C VAL A 52 30.36 49.98 -18.43
N GLN A 53 31.44 50.36 -17.75
CA GLN A 53 31.38 50.55 -16.30
C GLN A 53 30.48 51.73 -15.94
N ASN A 54 30.50 52.80 -16.74
CA ASN A 54 29.84 54.05 -16.39
C ASN A 54 28.52 54.27 -17.13
N ASN A 55 28.09 53.34 -17.97
CA ASN A 55 26.90 53.55 -18.78
C ASN A 55 26.12 52.24 -18.86
N ASP A 56 25.07 52.25 -19.67
CA ASP A 56 24.21 51.10 -19.86
C ASP A 56 23.89 50.93 -21.34
N PHE A 57 24.92 50.67 -22.13
CA PHE A 57 24.74 50.48 -23.57
C PHE A 57 23.84 49.28 -23.84
N ASP A 58 23.10 49.35 -24.95
CA ASP A 58 22.23 48.26 -25.34
C ASP A 58 22.96 47.12 -26.05
N ILE A 59 24.12 47.41 -26.64
CA ILE A 59 24.87 46.39 -27.36
C ILE A 59 26.30 46.90 -27.53
N VAL A 60 27.25 45.97 -27.63
CA VAL A 60 28.67 46.29 -27.72
C VAL A 60 29.25 45.63 -28.97
N PHE A 61 29.90 46.42 -29.81
CA PHE A 61 30.69 45.92 -30.93
C PHE A 61 32.15 45.93 -30.50
N LEU A 62 32.79 44.76 -30.55
CA LEU A 62 34.19 44.62 -30.18
C LEU A 62 35.03 44.18 -31.37
N ASP A 63 36.26 44.66 -31.41
CA ASP A 63 37.26 44.24 -32.38
C ASP A 63 38.29 43.38 -31.66
N GLU A 64 38.68 42.26 -32.28
CA GLU A 64 39.63 41.36 -31.65
C GLU A 64 40.98 42.03 -31.47
N ASN A 65 41.65 42.38 -32.57
CA ASN A 65 43.03 42.84 -32.51
C ASN A 65 43.08 44.32 -32.16
N MSE A 66 43.46 44.62 -30.91
CA MSE A 66 43.68 45.98 -30.48
C MSE A 66 44.91 46.05 -29.59
O MSE A 66 45.27 45.05 -28.98
CB MSE A 66 42.46 46.52 -29.71
CG MSE A 66 41.21 46.68 -30.53
SE MSE A 66 39.75 47.40 -29.46
CE MSE A 66 39.78 46.09 -27.99
H MSE A 66 43.59 44.03 -30.30
HA MSE A 66 43.81 46.55 -31.26
HB2 MSE A 66 42.27 45.90 -28.99
HB3 MSE A 66 42.69 47.38 -29.34
HG2 MSE A 66 41.38 47.30 -31.26
HG3 MSE A 66 40.94 45.82 -30.88
HE1 MSE A 66 39.09 46.32 -27.36
HE2 MSE A 66 39.61 45.21 -28.36
HE3 MSE A 66 40.65 46.12 -27.57
N PRO A 67 45.56 47.21 -29.53
CA PRO A 67 46.70 47.36 -28.62
C PRO A 67 46.26 47.20 -27.18
N GLY A 68 47.25 47.02 -26.31
CA GLY A 68 46.97 46.82 -24.90
C GLY A 68 46.12 45.58 -24.72
N ILE A 69 45.01 45.73 -23.99
CA ILE A 69 44.11 44.60 -23.75
C ILE A 69 43.56 44.09 -25.07
N GLY A 70 43.41 42.76 -25.17
CA GLY A 70 42.85 42.17 -26.37
C GLY A 70 41.33 42.21 -26.38
N GLY A 71 40.79 41.97 -27.57
CA GLY A 71 39.34 42.03 -27.72
C GLY A 71 38.62 40.99 -26.88
N LEU A 72 39.12 39.76 -26.87
CA LEU A 72 38.47 38.70 -26.12
C LEU A 72 38.59 38.91 -24.61
N ASP A 73 39.62 39.63 -24.16
CA ASP A 73 39.72 39.94 -22.73
C ASP A 73 38.66 40.95 -22.33
N ALA A 74 38.45 42.00 -23.14
CA ALA A 74 37.38 42.94 -22.86
C ALA A 74 36.03 42.25 -22.89
N LEU A 75 35.85 41.29 -23.80
CA LEU A 75 34.62 40.50 -23.82
C LEU A 75 34.39 39.83 -22.47
N GLN A 76 35.40 39.15 -21.95
CA GLN A 76 35.27 38.45 -20.67
C GLN A 76 34.92 39.44 -19.57
N LYS A 77 35.61 40.57 -19.51
CA LYS A 77 35.34 41.55 -18.46
C LYS A 77 33.95 42.16 -18.64
N ILE A 78 33.53 42.37 -19.89
CA ILE A 78 32.24 43.00 -20.13
C ILE A 78 31.10 42.04 -19.77
N LYS A 79 31.28 40.75 -20.04
CA LYS A 79 30.25 39.78 -19.67
C LYS A 79 30.17 39.59 -18.16
N GLU A 80 31.24 39.92 -17.42
CA GLU A 80 31.16 39.91 -15.96
C GLU A 80 30.34 41.08 -15.45
N LEU A 81 30.48 42.24 -16.09
CA LEU A 81 29.77 43.43 -15.65
C LEU A 81 28.33 43.45 -16.15
N LYS A 82 28.11 43.07 -17.40
CA LYS A 82 26.80 43.13 -18.04
C LYS A 82 26.55 41.82 -18.77
N PRO A 83 26.34 40.73 -18.02
CA PRO A 83 26.15 39.42 -18.68
C PRO A 83 24.97 39.39 -19.63
N TYR A 84 24.04 40.32 -19.50
CA TYR A 84 22.82 40.32 -20.30
C TYR A 84 22.88 41.28 -21.48
N THR A 85 23.98 42.03 -21.62
CA THR A 85 24.15 42.91 -22.76
C THR A 85 24.81 42.15 -23.90
N PRO A 86 24.21 42.08 -25.09
CA PRO A 86 24.84 41.34 -26.18
C PRO A 86 26.11 42.03 -26.66
N VAL A 87 27.12 41.23 -26.95
CA VAL A 87 28.40 41.71 -27.45
C VAL A 87 28.64 41.06 -28.81
N VAL A 88 28.83 41.88 -29.83
CA VAL A 88 29.13 41.40 -31.17
C VAL A 88 30.61 41.61 -31.43
N MSE A 89 31.27 40.59 -31.97
CA MSE A 89 32.67 40.70 -32.34
C MSE A 89 32.81 40.92 -33.84
O MSE A 89 32.30 40.14 -34.64
CB MSE A 89 33.46 39.47 -31.92
CG MSE A 89 34.87 39.45 -32.46
SE MSE A 89 36.13 38.74 -31.16
CE MSE A 89 36.10 40.21 -29.88
H MSE A 89 30.92 39.81 -32.14
HA MSE A 89 33.05 41.47 -31.88
HB2 MSE A 89 33.50 39.45 -30.95
HB3 MSE A 89 32.99 38.68 -32.24
HG2 MSE A 89 34.90 38.88 -33.24
HG3 MSE A 89 35.14 40.35 -32.68
HE1 MSE A 89 36.71 40.01 -29.14
HE2 MSE A 89 36.38 41.02 -30.32
HE3 MSE A 89 35.19 40.32 -29.54
N ILE A 90 33.51 41.99 -34.20
CA ILE A 90 33.70 42.40 -35.58
C ILE A 90 35.20 42.54 -35.79
N THR A 91 35.78 41.65 -36.60
CA THR A 91 37.23 41.55 -36.70
C THR A 91 37.64 41.08 -38.08
N LYS A 92 38.90 41.39 -38.44
CA LYS A 92 39.49 40.84 -39.66
C LYS A 92 39.66 39.33 -39.53
N SER A 93 40.02 38.86 -38.34
CA SER A 93 40.54 37.51 -38.18
C SER A 93 39.50 36.46 -38.54
N GLU A 94 39.95 35.41 -39.24
CA GLU A 94 39.15 34.24 -39.53
C GLU A 94 39.69 32.99 -38.84
N GLU A 95 40.58 33.17 -37.86
CA GLU A 95 41.18 32.03 -37.19
C GLU A 95 40.13 31.21 -36.44
N GLU A 96 40.35 29.90 -36.38
CA GLU A 96 39.42 29.01 -35.71
C GLU A 96 39.52 29.11 -34.20
N HIS A 97 40.70 29.42 -33.66
CA HIS A 97 40.83 29.57 -32.22
C HIS A 97 40.22 30.88 -31.75
N ILE A 98 40.24 31.92 -32.57
CA ILE A 98 39.59 33.17 -32.22
C ILE A 98 38.08 33.00 -32.20
N MSE A 99 37.52 32.43 -33.25
CA MSE A 99 36.08 32.15 -33.31
C MSE A 99 35.64 31.33 -32.11
O MSE A 99 34.68 31.68 -31.42
CB MSE A 99 35.73 31.43 -34.60
CG MSE A 99 35.45 32.33 -35.79
SE MSE A 99 35.03 31.33 -37.41
CE MSE A 99 36.76 30.52 -37.66
H MSE A 99 37.95 32.18 -33.95
HA MSE A 99 35.61 33.00 -33.31
HB2 MSE A 99 36.47 30.84 -34.84
HB3 MSE A 99 34.94 30.89 -34.45
HG2 MSE A 99 34.71 32.91 -35.58
HG3 MSE A 99 36.25 32.87 -35.97
HE1 MSE A 99 36.74 29.97 -38.46
HE2 MSE A 99 37.43 31.23 -37.77
HE3 MSE A 99 36.97 29.99 -36.89
N THR A 100 36.35 30.23 -31.88
CA THR A 100 36.01 29.34 -30.78
C THR A 100 35.94 30.09 -29.46
N GLN A 101 37.02 30.80 -29.11
CA GLN A 101 37.08 31.50 -27.83
C GLN A 101 35.94 32.50 -27.71
N ALA A 102 35.67 33.26 -28.78
CA ALA A 102 34.59 34.24 -28.74
C ALA A 102 33.26 33.55 -28.44
N ILE A 103 32.98 32.45 -29.14
CA ILE A 103 31.77 31.69 -28.85
C ILE A 103 31.75 31.26 -27.39
N GLY A 104 32.90 30.87 -26.85
CA GLY A 104 32.97 30.50 -25.45
C GLY A 104 32.81 31.67 -24.52
N GLY A 105 33.21 32.87 -24.96
CA GLY A 105 33.03 34.08 -24.18
C GLY A 105 31.61 34.60 -24.23
N LYS A 106 30.70 33.82 -24.81
CA LYS A 106 29.29 34.15 -24.86
C LYS A 106 29.01 35.26 -25.87
N ILE A 107 29.76 35.27 -26.98
CA ILE A 107 29.53 36.29 -27.99
C ILE A 107 28.12 36.14 -28.56
N ALA A 108 27.44 37.28 -28.73
CA ALA A 108 26.11 37.25 -29.32
C ALA A 108 26.18 37.00 -30.81
N ASP A 109 27.18 37.56 -31.49
CA ASP A 109 27.36 37.33 -32.91
C ASP A 109 28.81 37.66 -33.27
N TYR A 110 29.24 37.12 -34.40
CA TYR A 110 30.64 37.22 -34.83
C TYR A 110 30.64 37.59 -36.32
N LEU A 111 31.14 38.78 -36.64
CA LEU A 111 31.13 39.30 -38.00
C LEU A 111 32.56 39.50 -38.46
N ILE A 112 32.86 39.02 -39.66
CA ILE A 112 34.21 39.05 -40.21
C ILE A 112 34.33 40.22 -41.17
N LYS A 113 35.35 41.06 -40.97
CA LYS A 113 35.60 42.17 -41.88
C LYS A 113 36.04 41.64 -43.24
N PRO A 114 35.64 42.29 -44.34
CA PRO A 114 34.80 43.48 -44.41
C PRO A 114 33.33 43.16 -44.18
N VAL A 115 32.59 44.07 -43.56
CA VAL A 115 31.22 43.82 -43.11
C VAL A 115 30.26 44.62 -43.98
N ASN A 116 29.26 43.93 -44.51
CA ASN A 116 28.15 44.62 -45.15
C ASN A 116 27.43 45.50 -44.13
N PRO A 117 27.20 46.78 -44.41
CA PRO A 117 26.45 47.60 -43.44
C PRO A 117 25.09 47.01 -43.09
N ASN A 118 24.44 46.34 -44.04
CA ASN A 118 23.14 45.75 -43.77
C ASN A 118 23.25 44.54 -42.85
N GLN A 119 24.42 43.87 -42.84
CA GLN A 119 24.63 42.80 -41.88
C GLN A 119 24.64 43.34 -40.46
N LEU A 120 25.28 44.50 -40.24
CA LEU A 120 25.20 45.15 -38.94
C LEU A 120 23.75 45.44 -38.57
N LEU A 121 22.95 45.87 -39.55
CA LEU A 121 21.54 46.14 -39.27
C LEU A 121 20.83 44.89 -38.79
N LEU A 122 21.02 43.78 -39.50
CA LEU A 122 20.43 42.51 -39.07
C LEU A 122 20.86 42.17 -37.65
N SER A 123 22.18 42.19 -37.39
CA SER A 123 22.67 41.79 -36.09
C SER A 123 22.12 42.67 -34.98
N LEU A 124 21.79 43.93 -35.29
CA LEU A 124 21.23 44.83 -34.29
C LEU A 124 19.76 44.53 -34.05
N LYS A 125 19.02 44.12 -35.08
CA LYS A 125 17.63 43.73 -34.90
C LYS A 125 17.53 42.42 -34.12
N LYS A 126 18.36 41.44 -34.48
CA LYS A 126 18.23 40.11 -33.91
C LYS A 126 18.65 40.06 -32.44
N ASN A 127 19.56 40.95 -32.02
CA ASN A 127 20.09 40.91 -30.67
C ASN A 127 19.51 41.98 -29.77
N LEU A 128 18.66 42.86 -30.30
CA LEU A 128 17.98 43.87 -29.50
C LEU A 128 16.47 43.79 -29.58
N GLN A 129 15.91 43.06 -30.53
CA GLN A 129 14.46 43.06 -30.74
C GLN A 129 13.91 41.69 -31.13
N GLN A 130 14.66 40.60 -30.92
CA GLN A 130 14.16 39.30 -31.32
C GLN A 130 12.92 38.90 -30.52
N HIS A 131 12.84 39.30 -29.26
CA HIS A 131 11.68 38.95 -28.45
C HIS A 131 10.45 39.75 -28.88
N SER A 132 10.60 41.06 -29.05
CA SER A 132 9.48 41.88 -29.48
C SER A 132 9.05 41.52 -30.89
N ILE A 133 9.99 41.11 -31.75
CA ILE A 133 9.64 40.72 -33.11
C ILE A 133 8.92 39.37 -33.10
N ILE A 134 9.54 38.35 -32.50
CA ILE A 134 8.92 37.03 -32.43
C ILE A 134 7.51 37.13 -31.86
N SER A 135 7.31 38.02 -30.89
CA SER A 135 5.99 38.16 -30.27
C SER A 135 4.96 38.65 -31.28
N GLU A 136 5.30 39.68 -32.05
CA GLU A 136 4.33 40.27 -32.98
C GLU A 136 4.05 39.34 -34.15
N THR A 137 5.05 38.56 -34.58
CA THR A 137 4.83 37.58 -35.63
C THR A 137 3.91 36.46 -35.15
N THR A 138 4.20 35.91 -33.97
CA THR A 138 3.38 34.84 -33.41
C THR A 138 1.92 35.27 -33.34
N ASN A 139 1.66 36.44 -32.77
CA ASN A 139 0.30 36.96 -32.74
C ASN A 139 -0.28 37.03 -34.15
N THR A 140 0.48 37.61 -35.08
CA THR A 140 0.03 37.72 -36.46
C THR A 140 -0.23 36.33 -37.04
N ASN A 141 0.74 35.43 -36.94
CA ASN A 141 0.58 34.11 -37.51
C ASN A 141 -0.57 33.33 -36.87
N TYR A 142 -0.87 33.62 -35.59
CA TYR A 142 -2.00 32.96 -34.95
C TYR A 142 -3.33 33.52 -35.46
N ARG A 143 -3.48 34.85 -35.44
CA ARG A 143 -4.67 35.45 -36.03
C ARG A 143 -4.87 34.99 -37.46
N GLN A 144 -3.76 34.80 -38.19
CA GLN A 144 -3.84 34.25 -39.54
C GLN A 144 -4.57 32.92 -39.54
N GLU A 145 -4.14 32.00 -38.68
CA GLU A 145 -4.64 30.63 -38.68
C GLU A 145 -5.90 30.46 -37.85
N PHE A 146 -6.40 31.52 -37.21
CA PHE A 146 -7.55 31.39 -36.33
C PHE A 146 -8.75 30.82 -37.08
N VAL A 147 -9.10 31.43 -38.22
CA VAL A 147 -10.28 31.00 -38.96
C VAL A 147 -10.14 29.54 -39.37
N GLN A 148 -8.96 29.14 -39.84
CA GLN A 148 -8.76 27.74 -40.20
C GLN A 148 -9.04 26.82 -39.01
N LEU A 149 -8.53 27.18 -37.83
CA LEU A 149 -8.74 26.34 -36.65
C LEU A 149 -10.23 26.10 -36.42
N GLY A 150 -10.99 27.17 -36.17
CA GLY A 150 -12.42 27.01 -35.98
C GLY A 150 -13.09 26.33 -37.15
N THR A 151 -12.59 26.57 -38.37
CA THR A 151 -13.13 25.90 -39.54
C THR A 151 -12.67 24.44 -39.60
N GLN A 152 -11.43 24.17 -39.17
CA GLN A 152 -10.92 22.81 -39.16
C GLN A 152 -11.73 21.92 -38.24
N MSE A 153 -12.14 22.45 -37.09
CA MSE A 153 -12.90 21.69 -36.11
C MSE A 153 -14.40 21.72 -36.42
O MSE A 153 -15.12 20.76 -36.12
CB MSE A 153 -12.64 22.22 -34.70
CG MSE A 153 -13.12 23.65 -34.47
SE MSE A 153 -12.80 24.29 -32.66
CE MSE A 153 -10.85 24.33 -32.68
H MSE A 153 -11.99 23.26 -36.85
HA MSE A 153 -12.60 20.77 -36.13
HB2 MSE A 153 -13.11 21.65 -34.07
HB3 MSE A 153 -11.69 22.20 -34.53
HG2 MSE A 153 -12.65 24.24 -35.08
HG3 MSE A 153 -14.08 23.70 -34.64
HE1 MSE A 153 -10.53 24.64 -31.83
HE2 MSE A 153 -10.52 23.44 -32.86
HE3 MSE A 153 -10.56 24.93 -33.38
N SER A 154 -14.86 22.82 -37.01
CA SER A 154 -16.27 22.97 -37.33
C SER A 154 -16.78 21.76 -38.10
N GLY A 155 -16.14 21.44 -39.21
CA GLY A 155 -16.50 20.24 -39.96
C GLY A 155 -16.12 18.99 -39.18
N LYS A 156 -17.08 18.09 -39.00
CA LYS A 156 -16.81 16.86 -38.27
C LYS A 156 -15.66 16.11 -38.93
N LEU A 157 -14.73 15.63 -38.12
CA LEU A 157 -13.44 15.18 -38.61
C LEU A 157 -13.05 13.87 -37.95
N SER A 158 -12.08 13.20 -38.54
CA SER A 158 -11.66 11.88 -38.11
C SER A 158 -10.71 11.96 -36.91
N PHE A 159 -10.47 10.80 -36.30
CA PHE A 159 -9.55 10.72 -35.16
C PHE A 159 -8.16 11.18 -35.57
N GLU A 160 -7.67 10.71 -36.72
CA GLU A 160 -6.35 11.14 -37.19
C GLU A 160 -6.30 12.64 -37.36
N GLU A 161 -7.39 13.24 -37.85
CA GLU A 161 -7.45 14.69 -37.94
C GLU A 161 -7.60 15.32 -36.55
N TRP A 162 -8.34 14.67 -35.66
CA TRP A 162 -8.46 15.16 -34.29
C TRP A 162 -7.09 15.24 -33.62
N LYS A 163 -6.22 14.26 -33.88
CA LYS A 163 -4.86 14.31 -33.36
C LYS A 163 -4.16 15.60 -33.79
N GLU A 164 -4.14 15.88 -35.09
CA GLU A 164 -3.41 17.04 -35.60
C GLU A 164 -4.04 18.33 -35.10
N LEU A 165 -5.36 18.39 -35.01
CA LEU A 165 -6.02 19.58 -34.48
C LEU A 165 -5.54 19.87 -33.07
N TYR A 166 -5.46 18.85 -32.22
CA TYR A 166 -5.03 19.04 -30.84
C TYR A 166 -3.55 19.42 -30.79
N ARG A 167 -2.70 18.71 -31.52
CA ARG A 167 -1.29 19.08 -31.60
C ARG A 167 -1.15 20.54 -31.98
N ARG A 168 -2.02 21.02 -32.87
CA ARG A 168 -1.96 22.42 -33.28
C ARG A 168 -2.33 23.35 -32.13
N ILE A 169 -3.42 23.03 -31.43
CA ILE A 169 -3.86 23.88 -30.32
C ILE A 169 -2.79 23.93 -29.24
N VAL A 170 -2.17 22.80 -28.94
CA VAL A 170 -1.08 22.77 -27.95
C VAL A 170 0.02 23.73 -28.39
N PHE A 171 0.51 23.54 -29.62
CA PHE A 171 1.57 24.41 -30.15
C PHE A 171 1.22 25.87 -29.96
N TRP A 172 -0.01 26.26 -30.29
CA TRP A 172 -0.40 27.65 -30.10
C TRP A 172 -0.51 28.00 -28.63
N GLU A 173 -0.98 27.07 -27.80
CA GLU A 173 -1.09 27.35 -26.37
C GLU A 173 0.25 27.70 -25.77
N ILE A 174 1.34 27.14 -26.31
CA ILE A 174 2.68 27.41 -25.80
C ILE A 174 3.24 28.68 -26.40
N GLU A 175 3.04 28.89 -27.71
CA GLU A 175 3.57 30.07 -28.37
C GLU A 175 2.96 31.37 -27.84
N LEU A 176 1.80 31.29 -27.19
CA LEU A 176 1.09 32.48 -26.74
C LEU A 176 1.19 32.72 -25.24
N GLU A 177 2.05 31.98 -24.54
CA GLU A 177 2.25 32.24 -23.11
C GLU A 177 2.61 33.70 -22.86
N GLN A 178 3.37 34.31 -23.79
CA GLN A 178 3.89 35.64 -23.58
C GLN A 178 2.92 36.73 -24.01
N ALA A 179 1.96 36.42 -24.87
CA ALA A 179 1.08 37.43 -25.43
C ALA A 179 0.15 37.98 -24.36
N ASP A 180 -0.65 38.98 -24.75
CA ASP A 180 -1.55 39.65 -23.83
C ASP A 180 -2.81 38.80 -23.61
N ARG A 181 -3.58 39.19 -22.59
CA ARG A 181 -4.80 38.46 -22.24
C ARG A 181 -5.67 38.25 -23.46
N GLN A 182 -6.00 39.33 -24.18
CA GLN A 182 -6.88 39.22 -25.34
C GLN A 182 -6.42 38.08 -26.26
N MSE A 183 -5.13 38.05 -26.57
CA MSE A 183 -4.62 37.01 -27.45
C MSE A 183 -4.62 35.64 -26.78
O MSE A 183 -4.74 34.62 -27.44
CB MSE A 183 -3.20 37.38 -27.91
CG MSE A 183 -2.81 36.76 -29.24
SE MSE A 183 -3.41 37.77 -30.81
CE MSE A 183 -5.34 37.47 -30.74
H MSE A 183 -4.54 38.60 -26.29
HA MSE A 183 -5.18 36.97 -28.25
HB2 MSE A 183 -3.14 38.34 -28.00
HB3 MSE A 183 -2.57 37.05 -27.24
HG2 MSE A 183 -1.84 36.71 -29.28
HG3 MSE A 183 -3.19 35.87 -29.30
HE1 MSE A 183 -5.77 37.93 -31.48
HE2 MSE A 183 -5.51 36.52 -30.81
HE3 MSE A 183 -5.69 37.81 -29.90
N GLY A 184 -4.50 35.63 -25.46
CA GLY A 184 -4.62 34.38 -24.73
C GLY A 184 -6.03 33.82 -24.76
N GLU A 185 -7.02 34.68 -24.58
CA GLU A 185 -8.40 34.22 -24.49
C GLU A 185 -8.90 33.68 -25.84
N LEU A 186 -8.48 34.29 -26.95
CA LEU A 186 -8.90 33.80 -28.25
C LEU A 186 -8.60 32.32 -28.41
N LEU A 187 -7.49 31.84 -27.85
CA LEU A 187 -7.19 30.42 -27.95
C LEU A 187 -7.94 29.61 -26.91
N GLU A 188 -8.14 30.17 -25.71
CA GLU A 188 -8.90 29.46 -24.69
C GLU A 188 -10.28 29.07 -25.21
N MSE A 189 -11.02 30.04 -25.75
CA MSE A 189 -12.31 29.78 -26.36
C MSE A 189 -12.19 28.65 -27.38
O MSE A 189 -12.93 27.68 -27.34
CB MSE A 189 -12.87 31.02 -27.04
CG MSE A 189 -13.13 32.19 -26.10
SE MSE A 189 -14.32 33.50 -26.90
CE MSE A 189 -13.49 33.64 -28.65
H MSE A 189 -10.79 30.87 -25.76
HA MSE A 189 -12.94 29.51 -25.68
HB2 MSE A 189 -12.23 31.32 -27.72
HB3 MSE A 189 -13.71 30.80 -27.47
HG2 MSE A 189 -13.53 31.86 -25.29
HG3 MSE A 189 -12.28 32.62 -25.90
HE1 MSE A 189 -13.99 34.28 -29.19
HE2 MSE A 189 -12.58 33.94 -28.54
HE3 MSE A 189 -13.50 32.77 -29.08
N GLN A 190 -11.24 28.82 -28.32
CA GLN A 190 -10.99 27.76 -29.30
C GLN A 190 -10.65 26.45 -28.61
N LYS A 191 -9.87 26.52 -27.54
CA LYS A 191 -9.51 25.31 -26.81
C LYS A 191 -10.76 24.65 -26.23
N GLN A 192 -11.54 25.40 -25.44
CA GLN A 192 -12.72 24.81 -24.81
C GLN A 192 -13.76 24.40 -25.85
N GLU A 193 -13.96 25.22 -26.89
CA GLU A 193 -14.87 24.84 -27.96
C GLU A 193 -14.41 23.54 -28.59
N ALA A 194 -13.11 23.36 -28.78
CA ALA A 194 -12.59 22.09 -29.28
C ALA A 194 -12.89 20.96 -28.29
N ASN A 195 -12.76 21.23 -26.99
CA ASN A 195 -13.07 20.22 -25.99
C ASN A 195 -14.55 19.85 -26.06
N ARG A 196 -15.43 20.84 -26.11
CA ARG A 196 -16.85 20.56 -26.31
C ARG A 196 -17.06 19.66 -27.52
N LEU A 197 -16.50 20.07 -28.67
CA LEU A 197 -16.69 19.29 -29.88
C LEU A 197 -16.03 17.92 -29.78
N PHE A 198 -14.89 17.84 -29.10
CA PHE A 198 -14.26 16.53 -28.88
C PHE A 198 -15.10 15.69 -27.91
N ALA A 199 -15.69 16.34 -26.90
CA ALA A 199 -16.48 15.61 -25.92
C ALA A 199 -17.60 14.83 -26.59
N ARG A 200 -18.42 15.52 -27.38
CA ARG A 200 -19.50 14.83 -28.09
C ARG A 200 -18.95 13.80 -29.08
N PHE A 201 -17.77 14.06 -29.64
CA PHE A 201 -17.20 13.14 -30.62
C PHE A 201 -16.95 11.76 -30.02
N VAL A 202 -16.49 11.71 -28.76
CA VAL A 202 -16.19 10.43 -28.13
C VAL A 202 -17.46 9.75 -27.64
N THR A 203 -18.43 10.54 -27.17
CA THR A 203 -19.67 9.96 -26.66
C THR A 203 -20.40 9.18 -27.74
N GLN A 204 -20.16 9.50 -29.01
CA GLN A 204 -20.87 8.84 -30.10
C GLN A 204 -20.22 7.52 -30.48
N ASN A 205 -18.90 7.40 -30.33
CA ASN A 205 -18.17 6.25 -30.83
C ASN A 205 -17.57 5.36 -29.75
N TYR A 206 -17.53 5.80 -28.49
CA TYR A 206 -16.81 5.03 -27.48
C TYR A 206 -17.38 3.62 -27.35
N ARG A 207 -18.70 3.49 -27.40
CA ARG A 207 -19.29 2.16 -27.24
C ARG A 207 -18.86 1.22 -28.35
N GLU A 208 -18.74 1.74 -29.58
CA GLU A 208 -18.37 0.89 -30.71
C GLU A 208 -16.88 0.62 -30.78
N TRP A 209 -16.04 1.49 -30.22
CA TRP A 209 -14.63 1.16 -30.12
C TRP A 209 -14.41 -0.06 -29.25
N ILE A 210 -15.21 -0.19 -28.18
CA ILE A 210 -15.16 -1.39 -27.36
C ILE A 210 -15.75 -2.58 -28.12
N ALA A 211 -16.86 -2.35 -28.82
CA ALA A 211 -17.51 -3.43 -29.56
C ALA A 211 -16.72 -3.84 -30.79
N LYS A 212 -16.04 -2.90 -31.45
CA LYS A 212 -15.35 -3.14 -32.71
C LYS A 212 -13.87 -2.82 -32.53
N PRO A 213 -13.08 -3.71 -31.92
CA PRO A 213 -11.65 -3.44 -31.77
C PRO A 213 -10.91 -3.33 -33.09
N ASP A 214 -11.35 -4.06 -34.12
CA ASP A 214 -10.65 -4.02 -35.40
C ASP A 214 -10.63 -2.60 -35.97
N THR A 215 -11.78 -1.93 -35.95
CA THR A 215 -11.92 -0.63 -36.59
C THR A 215 -11.60 0.54 -35.68
N ARG A 216 -11.35 0.30 -34.39
CA ARG A 216 -11.19 1.39 -33.45
C ARG A 216 -9.78 1.98 -33.55
N PRO A 217 -9.58 3.19 -33.02
CA PRO A 217 -8.22 3.71 -32.89
C PRO A 217 -7.47 2.98 -31.78
N THR A 218 -6.16 3.16 -31.77
CA THR A 218 -5.34 2.57 -30.71
C THR A 218 -5.78 3.13 -29.36
N MSE A 219 -6.03 2.24 -28.42
CA MSE A 219 -6.33 2.65 -27.05
C MSE A 219 -5.46 1.87 -26.06
O MSE A 219 -4.63 1.07 -26.46
CB MSE A 219 -7.82 2.43 -26.74
CG MSE A 219 -8.75 3.12 -27.72
SE MSE A 219 -10.63 3.03 -27.20
CE MSE A 219 -10.77 4.70 -26.21
H MSE A 219 -6.03 1.38 -28.54
HA MSE A 219 -6.14 3.60 -26.96
HB2 MSE A 219 -8.01 1.48 -26.75
HB3 MSE A 219 -8.00 2.79 -25.85
HG2 MSE A 219 -8.51 4.06 -27.78
HG3 MSE A 219 -8.67 2.69 -28.59
HE1 MSE A 219 -11.67 4.80 -25.88
HE2 MSE A 219 -10.14 4.68 -25.47
HE3 MSE A 219 -10.55 5.44 -26.80
N SER A 220 -5.67 2.13 -24.77
CA SER A 220 -4.82 1.57 -23.72
C SER A 220 -4.55 0.08 -23.90
N PRO A 221 -5.56 -0.78 -24.12
CA PRO A 221 -5.27 -2.22 -24.26
C PRO A 221 -4.40 -2.58 -25.46
N ASP A 222 -4.36 -1.73 -26.49
CA ASP A 222 -3.61 -2.02 -27.70
C ASP A 222 -2.19 -1.47 -27.65
N LEU A 223 -1.86 -0.64 -26.66
CA LEU A 223 -0.63 0.13 -26.69
C LEU A 223 0.60 -0.77 -26.90
N PHE A 224 0.78 -1.74 -26.01
CA PHE A 224 1.92 -2.64 -26.14
C PHE A 224 1.90 -3.39 -27.47
N LYS A 225 0.72 -3.67 -28.01
CA LYS A 225 0.63 -4.42 -29.24
C LYS A 225 1.02 -3.58 -30.46
N GLN A 226 0.60 -2.32 -30.48
CA GLN A 226 0.85 -1.48 -31.64
C GLN A 226 2.23 -0.85 -31.61
N LYS A 227 2.67 -0.40 -30.42
CA LYS A 227 3.82 0.48 -30.30
C LYS A 227 5.03 -0.15 -29.63
N VAL A 228 4.92 -1.37 -29.11
CA VAL A 228 6.00 -2.01 -28.36
C VAL A 228 6.39 -3.35 -28.98
N PHE A 229 5.42 -4.21 -29.24
CA PHE A 229 5.73 -5.55 -29.73
C PHE A 229 6.40 -5.52 -31.10
N PRO A 230 6.05 -4.59 -31.99
CA PRO A 230 6.77 -4.53 -33.27
C PRO A 230 8.27 -4.32 -33.10
N LEU A 231 8.68 -3.43 -32.18
CA LEU A 231 10.11 -3.16 -32.01
C LEU A 231 10.82 -4.36 -31.40
N LEU A 232 10.21 -4.98 -30.39
CA LEU A 232 10.82 -6.14 -29.76
C LEU A 232 10.97 -7.28 -30.76
N ASP A 233 9.91 -7.58 -31.52
CA ASP A 233 9.98 -8.62 -32.53
C ASP A 233 11.04 -8.28 -33.58
N ASN A 234 11.17 -7.01 -33.92
CA ASN A 234 12.22 -6.56 -34.83
C ASN A 234 13.62 -6.62 -34.22
N GLY A 235 13.75 -7.17 -33.01
CA GLY A 235 15.06 -7.32 -32.39
C GLY A 235 15.58 -6.08 -31.70
N GLU A 236 14.77 -5.03 -31.58
CA GLU A 236 15.18 -3.82 -30.90
C GLU A 236 14.99 -3.97 -29.39
N LYS A 237 15.93 -3.42 -28.63
CA LYS A 237 15.83 -3.38 -27.18
C LYS A 237 15.15 -2.08 -26.76
N VAL A 238 14.23 -2.18 -25.79
CA VAL A 238 13.30 -1.09 -25.50
C VAL A 238 13.25 -0.79 -24.00
N PHE A 239 13.09 0.50 -23.68
CA PHE A 239 12.73 0.98 -22.36
C PHE A 239 11.35 1.61 -22.46
N PHE A 240 10.35 1.00 -21.84
CA PHE A 240 9.00 1.55 -21.82
C PHE A 240 8.85 2.42 -20.58
N ILE A 241 8.77 3.73 -20.77
CA ILE A 241 8.75 4.70 -19.69
C ILE A 241 7.33 5.22 -19.57
N LEU A 242 6.70 4.96 -18.43
CA LEU A 242 5.34 5.42 -18.18
C LEU A 242 5.40 6.52 -17.13
N ILE A 243 5.11 7.75 -17.55
CA ILE A 243 5.00 8.90 -16.65
C ILE A 243 3.51 9.15 -16.43
N ASP A 244 3.03 8.84 -15.23
CA ASP A 244 1.60 8.96 -14.95
C ASP A 244 1.19 10.42 -15.02
N ASN A 245 0.09 10.68 -15.72
CA ASN A 245 -0.51 12.01 -15.79
C ASN A 245 0.41 12.97 -16.54
N PHE A 246 0.70 12.65 -17.80
CA PHE A 246 1.61 13.46 -18.62
C PHE A 246 0.86 13.92 -19.87
N ARG A 247 0.42 15.18 -19.85
CA ARG A 247 -0.37 15.73 -20.94
C ARG A 247 0.45 15.83 -22.21
N GLN A 248 -0.21 16.23 -23.29
CA GLN A 248 0.50 16.53 -24.54
C GLN A 248 1.39 17.76 -24.39
N ASP A 249 0.87 18.81 -23.75
CA ASP A 249 1.65 20.04 -23.61
C ASP A 249 2.81 19.88 -22.64
N GLN A 250 2.81 18.83 -21.82
CA GLN A 250 3.97 18.54 -20.98
C GLN A 250 5.04 17.80 -21.76
N TRP A 251 4.66 17.04 -22.78
CA TRP A 251 5.66 16.44 -23.68
C TRP A 251 6.28 17.50 -24.57
N GLU A 252 5.49 18.49 -25.00
CA GLU A 252 6.05 19.60 -25.76
C GLU A 252 7.03 20.41 -24.92
N SER A 253 6.78 20.51 -23.61
CA SER A 253 7.64 21.31 -22.75
C SER A 253 8.99 20.67 -22.53
N VAL A 254 9.08 19.34 -22.64
CA VAL A 254 10.31 18.62 -22.34
C VAL A 254 11.01 18.07 -23.57
N LYS A 255 10.38 18.09 -24.74
CA LYS A 255 10.98 17.41 -25.89
C LYS A 255 12.27 18.09 -26.33
N SER A 256 12.42 19.39 -26.07
CA SER A 256 13.66 20.07 -26.46
C SER A 256 14.85 19.52 -25.70
N MSE A 257 14.67 19.21 -24.42
CA MSE A 257 15.74 18.64 -23.61
C MSE A 257 16.20 17.29 -24.16
O MSE A 257 17.38 16.93 -24.04
CB MSE A 257 15.30 18.45 -22.17
CG MSE A 257 14.94 19.72 -21.42
SE MSE A 257 14.84 19.36 -19.51
CE MSE A 257 13.96 20.98 -18.92
H MSE A 257 13.93 19.32 -23.99
HA MSE A 257 16.49 19.25 -23.62
HB2 MSE A 257 14.52 17.88 -22.15
HB3 MSE A 257 16.02 18.03 -21.67
HG2 MSE A 257 15.63 20.40 -21.58
HG3 MSE A 257 14.08 20.05 -21.72
HE1 MSE A 257 13.85 20.94 -17.96
HE2 MSE A 257 14.52 21.75 -19.15
HE3 MSE A 257 13.10 21.05 -19.35
N LEU A 258 15.27 16.55 -24.76
CA LEU A 258 15.52 15.18 -25.17
C LEU A 258 16.05 15.08 -26.59
N SER A 259 15.75 16.06 -27.44
CA SER A 259 16.33 16.05 -28.78
C SER A 259 17.85 16.05 -28.74
N GLU A 260 18.45 16.46 -27.63
CA GLU A 260 19.89 16.41 -27.51
C GLU A 260 20.41 14.97 -27.54
N PHE A 261 19.55 13.97 -27.29
CA PHE A 261 19.98 12.59 -27.23
C PHE A 261 19.16 11.64 -28.10
N TYR A 262 17.97 12.03 -28.57
CA TYR A 262 17.06 11.10 -29.20
C TYR A 262 16.51 11.65 -30.51
N THR A 263 16.18 10.73 -31.41
CA THR A 263 15.31 11.00 -32.54
C THR A 263 13.88 10.71 -32.11
N PHE A 264 12.95 11.60 -32.44
CA PHE A 264 11.57 11.49 -32.01
C PHE A 264 10.71 10.91 -33.12
N GLU A 265 9.96 9.87 -32.79
CA GLU A 265 8.89 9.34 -33.64
C GLU A 265 7.60 9.57 -32.87
N GLU A 266 7.11 10.81 -32.92
CA GLU A 266 6.00 11.22 -32.09
C GLU A 266 4.68 10.65 -32.60
N ASP A 267 3.82 10.28 -31.66
CA ASP A 267 2.47 9.80 -31.97
C ASP A 267 1.61 9.98 -30.74
N MSE A 268 0.32 9.71 -30.90
CA MSE A 268 -0.64 9.77 -29.80
C MSE A 268 -1.59 8.60 -29.86
O MSE A 268 -1.73 7.93 -30.88
CB MSE A 268 -1.42 11.08 -29.85
CG MSE A 268 -0.58 12.33 -29.72
SE MSE A 268 -1.66 13.96 -29.77
CE MSE A 268 -2.31 13.89 -27.92
H MSE A 268 -0.03 9.48 -31.66
HA MSE A 268 -0.14 9.75 -28.96
HB2 MSE A 268 -1.89 11.13 -30.70
HB3 MSE A 268 -2.06 11.08 -29.12
HG2 MSE A 268 -0.09 12.31 -28.88
HG3 MSE A 268 0.05 12.38 -30.46
HE1 MSE A 268 -2.89 14.65 -27.78
HE2 MSE A 268 -2.81 13.07 -27.80
HE3 MSE A 268 -1.56 13.92 -27.32
N TYR A 269 -2.25 8.33 -28.72
CA TYR A 269 -3.26 7.28 -28.64
C TYR A 269 -4.35 7.73 -27.67
N LEU A 270 -5.43 6.95 -27.63
CA LEU A 270 -6.62 7.29 -26.87
C LEU A 270 -6.65 6.51 -25.56
N SER A 271 -6.92 7.22 -24.47
CA SER A 271 -7.11 6.56 -23.19
C SER A 271 -8.54 6.05 -23.07
N ILE A 272 -8.69 4.91 -22.39
CA ILE A 272 -10.03 4.38 -22.13
C ILE A 272 -10.65 5.19 -21.00
N LEU A 273 -11.94 4.99 -20.77
CA LEU A 273 -12.62 5.66 -19.68
C LEU A 273 -12.89 4.69 -18.53
N PRO A 274 -12.80 5.14 -17.26
CA PRO A 274 -12.37 6.48 -16.86
C PRO A 274 -10.88 6.68 -17.07
N THR A 275 -10.46 7.95 -17.15
CA THR A 275 -9.05 8.29 -17.38
C THR A 275 -8.33 8.33 -16.04
N ALA A 276 -8.01 7.14 -15.53
CA ALA A 276 -7.28 6.98 -14.29
C ALA A 276 -6.48 5.68 -14.36
N ALA A 277 -5.50 5.56 -13.47
CA ALA A 277 -4.58 4.43 -13.54
C ALA A 277 -5.28 3.10 -13.29
N GLN A 278 -6.32 3.09 -12.46
CA GLN A 278 -6.96 1.84 -12.10
C GLN A 278 -7.42 1.07 -13.34
N TYR A 279 -7.88 1.78 -14.36
CA TYR A 279 -8.41 1.17 -15.56
C TYR A 279 -7.53 1.38 -16.78
N ALA A 280 -7.09 2.61 -17.03
CA ALA A 280 -6.30 2.89 -18.22
C ALA A 280 -4.89 2.30 -18.11
N ARG A 281 -4.24 2.47 -16.96
CA ARG A 281 -2.88 1.96 -16.81
C ARG A 281 -2.88 0.44 -16.69
N ASN A 282 -3.87 -0.12 -15.98
CA ASN A 282 -3.99 -1.57 -15.91
C ASN A 282 -4.29 -2.16 -17.29
N ALA A 283 -5.09 -1.45 -18.10
CA ALA A 283 -5.36 -1.91 -19.45
C ALA A 283 -4.08 -1.91 -20.29
N ILE A 284 -3.20 -0.93 -20.07
CA ILE A 284 -1.96 -0.86 -20.84
C ILE A 284 -1.11 -2.11 -20.58
N PHE A 285 -0.81 -2.38 -19.32
CA PHE A 285 0.11 -3.45 -18.98
C PHE A 285 -0.52 -4.84 -19.11
N SER A 286 -1.85 -4.94 -18.99
CA SER A 286 -2.51 -6.21 -19.21
C SER A 286 -2.88 -6.46 -20.68
N GLY A 287 -3.00 -5.41 -21.47
CA GLY A 287 -3.45 -5.56 -22.84
C GLY A 287 -4.92 -5.90 -22.96
N LEU A 288 -5.72 -5.56 -21.95
CA LEU A 288 -7.12 -5.95 -21.90
C LEU A 288 -7.93 -4.81 -21.30
N MSE A 289 -9.23 -4.88 -21.51
CA MSE A 289 -10.15 -3.98 -20.81
C MSE A 289 -10.27 -4.45 -19.37
O MSE A 289 -10.11 -5.65 -19.10
CB MSE A 289 -11.52 -3.95 -21.49
CG MSE A 289 -11.52 -3.35 -22.89
SE MSE A 289 -11.00 -1.48 -22.95
CE MSE A 289 -12.38 -0.72 -21.80
H MSE A 289 -9.62 -5.44 -22.03
HA MSE A 289 -9.78 -3.08 -20.82
HB2 MSE A 289 -11.86 -4.86 -21.55
HB3 MSE A 289 -12.12 -3.41 -20.94
HG2 MSE A 289 -10.89 -3.86 -23.44
HG3 MSE A 289 -12.41 -3.43 -23.26
HE1 MSE A 289 -12.24 0.23 -21.73
HE2 MSE A 289 -13.25 -0.91 -22.18
HE3 MSE A 289 -12.31 -1.12 -20.92
N PRO A 290 -10.55 -3.53 -18.45
CA PRO A 290 -10.64 -3.94 -17.03
C PRO A 290 -11.57 -5.11 -16.79
N LEU A 291 -12.73 -5.14 -17.46
CA LEU A 291 -13.67 -6.23 -17.27
C LEU A 291 -13.02 -7.57 -17.62
N GLN A 292 -12.31 -7.62 -18.75
CA GLN A 292 -11.63 -8.85 -19.13
C GLN A 292 -10.47 -9.18 -18.20
N ILE A 293 -9.93 -8.18 -17.48
CA ILE A 293 -8.93 -8.47 -16.46
C ILE A 293 -9.57 -9.20 -15.29
N GLU A 294 -10.76 -8.76 -14.87
CA GLU A 294 -11.43 -9.38 -13.74
C GLU A 294 -11.85 -10.80 -14.07
N LYS A 295 -12.42 -11.02 -15.25
CA LYS A 295 -12.85 -12.34 -15.67
C LYS A 295 -11.66 -13.29 -15.76
N MSE A 296 -10.75 -13.02 -16.68
CA MSE A 296 -9.65 -13.94 -16.97
C MSE A 296 -8.64 -14.04 -15.83
O MSE A 296 -8.08 -15.11 -15.60
CB MSE A 296 -8.93 -13.50 -18.25
CG MSE A 296 -9.83 -13.40 -19.48
SE MSE A 296 -8.88 -12.74 -21.05
CE MSE A 296 -7.38 -14.00 -21.04
H MSE A 296 -10.73 -12.30 -17.15
HA MSE A 296 -10.03 -14.82 -17.14
HB2 MSE A 296 -8.54 -12.63 -18.10
HB3 MSE A 296 -8.22 -14.14 -18.44
HG2 MSE A 296 -10.17 -14.29 -19.68
HG3 MSE A 296 -10.56 -12.80 -19.29
HE1 MSE A 296 -6.79 -13.79 -21.79
HE2 MSE A 296 -6.89 -13.90 -20.21
HE3 MSE A 296 -7.73 -14.90 -21.13
N PHE A 297 -8.40 -12.94 -15.13
CA PHE A 297 -7.43 -12.89 -14.04
C PHE A 297 -8.08 -12.23 -12.83
N PRO A 298 -8.86 -12.98 -12.04
CA PRO A 298 -9.49 -12.37 -10.86
C PRO A 298 -8.50 -12.01 -9.77
N ASP A 299 -7.40 -12.77 -9.65
CA ASP A 299 -6.40 -12.45 -8.65
C ASP A 299 -5.82 -11.06 -8.86
N LEU A 300 -5.55 -10.69 -10.11
CA LEU A 300 -4.79 -9.47 -10.39
C LEU A 300 -5.64 -8.22 -10.34
N TRP A 301 -6.95 -8.33 -10.49
CA TRP A 301 -7.82 -7.16 -10.46
C TRP A 301 -8.19 -6.81 -9.02
N VAL A 302 -8.29 -5.52 -8.75
CA VAL A 302 -8.68 -5.00 -7.44
C VAL A 302 -9.88 -4.10 -7.64
N ASP A 303 -10.97 -4.38 -6.92
CA ASP A 303 -12.21 -3.66 -7.13
C ASP A 303 -12.13 -2.25 -6.54
N GLU A 304 -13.12 -1.43 -6.88
CA GLU A 304 -13.09 -0.02 -6.51
C GLU A 304 -13.26 0.19 -5.01
N GLU A 305 -14.06 -0.65 -4.35
CA GLU A 305 -14.39 -0.44 -2.95
C GLU A 305 -13.29 -0.89 -1.99
N SER A 306 -12.22 -1.50 -2.51
CA SER A 306 -11.17 -2.05 -1.65
C SER A 306 -10.25 -0.95 -1.13
N GLU A 307 -9.60 -1.24 -0.01
CA GLU A 307 -8.69 -0.28 0.61
C GLU A 307 -7.30 -0.30 -0.01
N GLU A 308 -6.89 -1.42 -0.61
CA GLU A 308 -5.53 -1.54 -1.08
C GLU A 308 -5.33 -0.79 -2.41
N GLY A 309 -4.06 -0.62 -2.78
CA GLY A 309 -3.75 0.07 -4.02
C GLY A 309 -4.22 -0.69 -5.24
N LYS A 310 -4.47 0.04 -6.32
CA LYS A 310 -5.14 -0.49 -7.50
C LYS A 310 -4.19 -0.77 -8.66
N ASN A 311 -2.88 -0.62 -8.46
CA ASN A 311 -1.91 -0.87 -9.53
C ASN A 311 -0.66 -1.54 -8.96
N LEU A 312 -0.85 -2.50 -8.07
CA LEU A 312 0.26 -3.24 -7.48
C LEU A 312 0.60 -4.52 -8.23
N ASN A 313 -0.18 -4.89 -9.24
CA ASN A 313 0.01 -6.13 -9.98
C ASN A 313 0.27 -5.87 -11.45
N GLU A 314 0.96 -4.78 -11.76
CA GLU A 314 1.25 -4.46 -13.16
C GLU A 314 2.34 -5.36 -13.74
N GLU A 315 3.31 -5.78 -12.92
CA GLU A 315 4.35 -6.67 -13.43
C GLU A 315 3.79 -8.04 -13.80
N PRO A 316 3.01 -8.71 -12.94
CA PRO A 316 2.40 -9.98 -13.37
C PRO A 316 1.48 -9.82 -14.58
N MSE A 317 0.77 -8.71 -14.68
CA MSE A 317 -0.06 -8.45 -15.85
C MSE A 317 0.79 -8.47 -17.12
O MSE A 317 0.42 -9.08 -18.11
CB MSE A 317 -0.77 -7.11 -15.73
CG MSE A 317 -1.95 -7.11 -14.78
SE MSE A 317 -2.74 -5.34 -14.62
CE MSE A 317 -3.88 -5.64 -13.07
H MSE A 317 0.75 -8.08 -14.10
HA MSE A 317 -0.74 -9.14 -15.92
HB2 MSE A 317 -0.13 -6.44 -15.41
HB3 MSE A 317 -1.10 -6.85 -16.61
HG2 MSE A 317 -2.62 -7.71 -15.10
HG3 MSE A 317 -1.65 -7.38 -13.90
HE1 MSE A 317 -4.36 -4.81 -12.86
HE2 MSE A 317 -4.52 -6.34 -13.27
HE3 MSE A 317 -3.33 -5.89 -12.32
N ILE A 318 1.93 -7.77 -17.06
CA ILE A 318 2.86 -7.78 -18.19
C ILE A 318 3.18 -9.21 -18.59
N ARG A 319 3.41 -10.08 -17.60
CA ARG A 319 3.74 -11.46 -17.90
C ARG A 319 2.61 -12.16 -18.64
N THR A 320 1.37 -11.99 -18.17
CA THR A 320 0.23 -12.59 -18.86
C THR A 320 0.14 -12.06 -20.28
N LEU A 321 0.43 -10.77 -20.47
CA LEU A 321 0.41 -10.18 -21.80
C LEU A 321 1.46 -10.83 -22.69
N ILE A 322 2.71 -10.91 -22.19
CA ILE A 322 3.77 -11.54 -22.96
C ILE A 322 3.40 -12.97 -23.31
N GLU A 323 3.03 -13.76 -22.31
CA GLU A 323 2.71 -15.17 -22.54
C GLU A 323 1.45 -15.32 -23.38
N ARG A 324 0.46 -14.46 -23.19
CA ARG A 324 -0.78 -14.56 -23.95
C ARG A 324 -0.55 -14.36 -25.44
N TYR A 325 0.52 -13.67 -25.83
CA TYR A 325 0.90 -13.51 -27.23
C TYR A 325 2.03 -14.43 -27.64
N ARG A 326 2.32 -15.46 -26.83
CA ARG A 326 3.31 -16.49 -27.17
C ARG A 326 4.72 -15.93 -27.34
N LYS A 327 4.98 -14.73 -26.82
CA LYS A 327 6.33 -14.20 -26.82
C LYS A 327 7.10 -14.72 -25.61
N HIS A 328 8.43 -14.63 -25.69
CA HIS A 328 9.31 -15.06 -24.62
C HIS A 328 10.27 -13.97 -24.19
N TYR A 329 9.87 -12.70 -24.36
CA TYR A 329 10.73 -11.59 -23.99
C TYR A 329 11.19 -11.70 -22.55
N SER A 330 12.46 -11.38 -22.31
CA SER A 330 12.93 -11.06 -20.97
C SER A 330 12.62 -9.60 -20.67
N PHE A 331 12.28 -9.31 -19.42
CA PHE A 331 11.82 -7.98 -19.09
C PHE A 331 12.05 -7.70 -17.61
N SER A 332 11.83 -6.44 -17.24
CA SER A 332 11.92 -5.98 -15.86
C SER A 332 10.87 -4.90 -15.64
N TYR A 333 10.55 -4.66 -14.37
CA TYR A 333 9.54 -3.69 -13.99
C TYR A 333 10.03 -2.94 -12.75
N ASN A 334 10.01 -1.61 -12.82
CA ASN A 334 10.42 -0.77 -11.72
C ASN A 334 9.45 0.40 -11.60
N LYS A 335 9.09 0.74 -10.36
CA LYS A 335 8.12 1.80 -10.08
C LYS A 335 8.77 2.81 -9.15
N VAL A 336 8.95 4.04 -9.64
CA VAL A 336 9.63 5.10 -8.89
C VAL A 336 8.55 6.07 -8.42
N TYR A 337 8.15 5.93 -7.15
CA TYR A 337 7.23 6.85 -6.51
C TYR A 337 7.92 7.72 -5.47
N GLU A 338 9.25 7.66 -5.40
CA GLU A 338 9.99 8.41 -4.39
C GLU A 338 11.40 8.64 -4.91
N THR A 339 11.89 9.88 -4.78
CA THR A 339 13.21 10.27 -5.26
C THR A 339 14.28 9.23 -4.99
N LYS A 340 14.51 8.90 -3.72
CA LYS A 340 15.61 8.02 -3.34
C LYS A 340 15.53 6.69 -4.09
N PHE A 341 14.32 6.18 -4.32
CA PHE A 341 14.17 4.97 -5.10
C PHE A 341 14.60 5.19 -6.56
N GLY A 342 14.27 6.36 -7.11
CA GLY A 342 14.72 6.70 -8.45
C GLY A 342 16.22 6.90 -8.56
N GLU A 343 16.87 7.27 -7.46
CA GLU A 343 18.33 7.38 -7.48
C GLU A 343 18.98 6.01 -7.54
N ARG A 344 18.57 5.10 -6.65
CA ARG A 344 19.08 3.74 -6.71
C ARG A 344 18.88 3.13 -8.08
N LEU A 345 17.74 3.41 -8.72
CA LEU A 345 17.50 2.93 -10.08
C LEU A 345 18.49 3.53 -11.05
N LEU A 346 18.81 4.82 -10.89
CA LEU A 346 19.76 5.47 -11.79
C LEU A 346 21.16 4.88 -11.62
N GLY A 347 21.48 4.36 -10.44
CA GLY A 347 22.77 3.75 -10.20
C GLY A 347 22.92 2.39 -10.85
N GLN A 348 21.88 1.57 -10.74
CA GLN A 348 21.89 0.22 -11.28
C GLN A 348 21.28 0.15 -12.67
N ILE A 349 21.07 1.29 -13.32
CA ILE A 349 20.41 1.31 -14.63
C ILE A 349 21.10 0.35 -15.60
N ARG A 350 22.42 0.38 -15.65
CA ARG A 350 23.15 -0.40 -16.64
C ARG A 350 23.23 -1.88 -16.29
N SER A 351 22.73 -2.28 -15.13
CA SER A 351 22.58 -3.70 -14.83
C SER A 351 21.33 -4.30 -15.46
N LEU A 352 20.59 -3.50 -16.24
CA LEU A 352 19.39 -3.95 -16.94
C LEU A 352 19.64 -4.16 -18.42
N SER A 353 20.92 -4.22 -18.83
CA SER A 353 21.26 -4.35 -20.24
C SER A 353 20.88 -5.72 -20.82
N GLN A 354 20.49 -6.68 -19.99
CA GLN A 354 20.17 -8.01 -20.48
C GLN A 354 18.72 -8.14 -20.94
N ASN A 355 17.81 -7.37 -20.34
CA ASN A 355 16.41 -7.48 -20.71
C ASN A 355 16.14 -6.83 -22.05
N GLN A 356 15.26 -7.45 -22.84
CA GLN A 356 14.81 -6.85 -24.09
C GLN A 356 13.84 -5.71 -23.85
N LEU A 357 13.21 -5.66 -22.68
CA LEU A 357 12.19 -4.66 -22.38
C LEU A 357 12.30 -4.29 -20.90
N ASN A 358 12.54 -3.01 -20.63
CA ASN A 358 12.59 -2.50 -19.27
C ASN A 358 11.47 -1.48 -19.09
N VAL A 359 10.58 -1.73 -18.15
CA VAL A 359 9.41 -0.88 -17.90
C VAL A 359 9.68 -0.08 -16.63
N ILE A 360 9.66 1.25 -16.77
CA ILE A 360 9.80 2.16 -15.64
C ILE A 360 8.52 2.98 -15.53
N VAL A 361 7.98 3.08 -14.33
CA VAL A 361 6.80 3.88 -14.04
C VAL A 361 7.21 5.01 -13.11
N LEU A 362 6.89 6.25 -13.50
CA LEU A 362 7.18 7.43 -12.71
C LEU A 362 5.86 8.08 -12.31
N ASN A 363 5.69 8.32 -11.01
CA ASN A 363 4.42 8.79 -10.47
C ASN A 363 4.45 10.22 -9.94
N PHE A 364 5.61 10.88 -9.91
CA PHE A 364 5.67 12.19 -9.27
C PHE A 364 4.77 13.20 -9.95
N VAL A 365 4.63 13.11 -11.27
CA VAL A 365 3.82 14.10 -11.99
C VAL A 365 2.35 13.95 -11.60
N ASP A 366 1.88 12.71 -11.42
CA ASP A 366 0.51 12.52 -10.93
C ASP A 366 0.38 13.01 -9.49
N MSE A 367 1.38 12.71 -8.66
N MSE A 367 1.37 12.71 -8.65
CA MSE A 367 1.39 13.16 -7.28
CA MSE A 367 1.31 13.19 -7.27
C MSE A 367 1.31 14.69 -7.22
C MSE A 367 1.34 14.71 -7.24
O MSE A 367 0.60 15.25 -6.38
O MSE A 367 0.69 15.34 -6.41
CB MSE A 367 2.65 12.68 -6.56
CB MSE A 367 2.48 12.63 -6.46
CG MSE A 367 2.76 11.14 -6.49
CG MSE A 367 2.46 11.12 -6.29
SE MSE A 367 4.57 10.50 -6.09
SE MSE A 367 3.24 10.52 -4.61
CE MSE A 367 4.77 11.23 -4.29
CE MSE A 367 1.63 10.57 -3.50
H MSE A 367 2.06 12.25 -8.88
H MSE A 367 2.05 12.25 -8.85
HA MSE A 367 0.62 12.80 -6.81
HA MSE A 367 0.50 12.87 -6.86
HB2 MSE A 367 3.43 13.00 -7.03
HB2 MSE A 367 3.32 12.86 -6.90
HB3 MSE A 367 2.65 13.01 -5.65
HB3 MSE A 367 2.46 13.02 -5.57
HG2 MSE A 367 2.17 10.82 -5.79
HG2 MSE A 367 1.53 10.81 -6.32
HG3 MSE A 367 2.50 10.78 -7.34
HG3 MSE A 367 2.95 10.71 -7.02
HE1 MSE A 367 5.64 10.98 -3.95
HE1 MSE A 367 1.86 10.29 -2.60
HE2 MSE A 367 4.69 12.19 -4.33
HE2 MSE A 367 1.28 11.48 -3.48
HE3 MSE A 367 4.07 10.86 -3.72
HE3 MSE A 367 0.97 9.97 -3.88
N MSE A 368 2.04 15.35 -8.12
N MSE A 368 2.09 15.29 -8.17
CA MSE A 368 2.07 16.81 -8.17
CA MSE A 368 2.21 16.75 -8.27
C MSE A 368 0.78 17.37 -8.71
C MSE A 368 0.93 17.37 -8.79
O MSE A 368 0.22 18.33 -8.17
O MSE A 368 0.47 18.40 -8.29
CB MSE A 368 3.24 17.29 -9.02
CB MSE A 368 3.38 17.12 -9.18
CG MSE A 368 3.39 18.81 -9.05
CG MSE A 368 3.58 18.62 -9.37
SE MSE A 368 2.70 19.65 -10.67
SE MSE A 368 5.31 19.04 -10.19
CE MSE A 368 4.20 19.28 -11.85
CE MSE A 368 4.80 18.87 -12.06
H MSE A 368 2.53 14.97 -8.71
H MSE A 368 2.56 14.88 -8.75
HA MSE A 368 2.21 17.15 -7.26
HA MSE A 368 2.40 17.11 -7.39
HB2 MSE A 368 4.07 16.92 -8.67
HB2 MSE A 368 4.20 16.76 -8.80
HB3 MSE A 368 3.10 16.99 -9.94
HB3 MSE A 368 3.23 16.73 -10.06
HG2 MSE A 368 2.91 19.18 -8.29
HG2 MSE A 368 2.88 18.95 -9.94
HG3 MSE A 368 4.34 19.03 -8.99
HG3 MSE A 368 3.55 19.05 -8.51
HE1 MSE A 368 4.00 19.64 -12.73
HE1 MSE A 368 5.57 19.06 -12.62
HE2 MSE A 368 4.99 19.70 -11.50
HE2 MSE A 368 4.49 17.96 -12.23
HE3 MSE A 368 4.32 18.32 -11.91
HE3 MSE A 368 4.09 19.50 -12.27
N SER A 369 0.29 16.78 -9.81
N SER A 369 0.33 16.73 -9.81
CA SER A 369 -0.98 17.19 -10.37
CA SER A 369 -0.95 17.21 -10.34
C SER A 369 -2.09 17.12 -9.33
C SER A 369 -2.04 17.15 -9.28
N HIS A 370 -2.06 16.09 -8.48
CA HIS A 370 -3.05 15.99 -7.42
C HIS A 370 -2.79 17.02 -6.32
N ALA A 371 -1.52 17.28 -6.02
CA ALA A 371 -1.17 18.25 -4.99
C ALA A 371 -1.62 19.66 -5.35
N ARG A 372 -1.93 19.92 -6.62
CA ARG A 372 -2.52 21.21 -6.98
C ARG A 372 -3.77 21.51 -6.19
N THR A 373 -4.40 20.49 -5.62
CA THR A 373 -5.64 20.65 -4.86
C THR A 373 -5.40 20.90 -3.38
N ASP A 374 -4.58 20.06 -2.74
CA ASP A 374 -4.45 20.06 -1.30
C ASP A 374 -3.08 20.53 -0.81
N SER A 375 -2.38 21.35 -1.61
CA SER A 375 -1.04 21.80 -1.24
C SER A 375 -0.93 23.29 -1.56
N LYS A 376 -0.79 24.10 -0.50
CA LYS A 376 -0.53 25.53 -0.70
C LYS A 376 0.64 25.76 -1.64
N MSE A 377 1.71 24.99 -1.47
CA MSE A 377 2.91 25.13 -2.27
C MSE A 377 2.62 25.02 -3.76
O MSE A 377 3.02 25.88 -4.55
CB MSE A 377 3.93 24.07 -1.86
CG MSE A 377 4.51 24.29 -0.47
SE MSE A 377 5.44 26.00 -0.29
CE MSE A 377 6.47 25.91 -1.93
H MSE A 377 1.76 24.37 -0.87
HA MSE A 377 3.30 26.00 -2.10
HB2 MSE A 377 3.50 23.20 -1.86
HB3 MSE A 377 4.67 24.08 -2.49
HG2 MSE A 377 3.80 24.26 0.19
HG3 MSE A 377 5.16 23.58 -0.28
HE1 MSE A 377 7.00 26.72 -2.01
HE2 MSE A 377 7.03 25.13 -1.91
HE3 MSE A 377 5.85 25.85 -2.69
N ILE A 378 1.92 23.95 -4.15
CA ILE A 378 1.71 23.68 -5.56
C ILE A 378 0.60 24.53 -6.16
N ARG A 379 -0.31 25.06 -5.35
CA ARG A 379 -1.25 26.04 -5.87
C ARG A 379 -0.52 27.27 -6.38
N GLU A 380 0.56 27.67 -5.70
CA GLU A 380 1.33 28.82 -6.14
C GLU A 380 2.24 28.46 -7.31
N LEU A 381 2.97 27.35 -7.21
CA LEU A 381 3.93 26.98 -8.23
C LEU A 381 3.27 26.46 -9.50
N ALA A 382 2.00 26.09 -9.45
CA ALA A 382 1.23 25.66 -10.61
C ALA A 382 -0.13 26.32 -10.61
N SER A 383 -0.16 27.62 -10.35
CA SER A 383 -1.42 28.36 -10.32
C SER A 383 -2.16 28.24 -11.64
N ASN A 384 -1.43 28.28 -12.75
CA ASN A 384 -2.02 28.21 -14.09
C ASN A 384 -1.29 27.14 -14.89
N GLU A 385 -1.75 26.93 -16.13
CA GLU A 385 -1.19 25.85 -16.94
C GLU A 385 0.24 26.15 -17.37
N ALA A 386 0.56 27.41 -17.64
CA ALA A 386 1.94 27.75 -17.99
C ALA A 386 2.88 27.44 -16.82
N ALA A 387 2.48 27.80 -15.60
CA ALA A 387 3.28 27.45 -14.43
C ALA A 387 3.39 25.93 -14.28
N TYR A 388 2.27 25.23 -14.49
CA TYR A 388 2.28 23.77 -14.44
C TYR A 388 3.33 23.20 -15.38
N ARG A 389 3.33 23.65 -16.64
CA ARG A 389 4.32 23.16 -17.60
C ARG A 389 5.74 23.48 -17.16
N SER A 390 5.97 24.72 -16.72
CA SER A 390 7.30 25.10 -16.26
C SER A 390 7.72 24.25 -15.07
N LEU A 391 6.83 24.09 -14.09
CA LEU A 391 7.14 23.27 -12.94
C LEU A 391 7.43 21.82 -13.35
N THR A 392 6.75 21.34 -14.40
CA THR A 392 7.05 20.02 -14.93
C THR A 392 8.45 19.97 -15.52
N LYS A 393 8.83 21.02 -16.26
CA LYS A 393 10.18 21.07 -16.82
C LYS A 393 11.23 21.04 -15.72
N SER A 394 11.03 21.81 -14.64
CA SER A 394 12.01 21.86 -13.56
C SER A 394 12.22 20.48 -12.95
N TRP A 395 11.13 19.75 -12.70
CA TRP A 395 11.26 18.42 -12.09
C TRP A 395 11.97 17.47 -13.04
N PHE A 396 11.60 17.47 -14.32
CA PHE A 396 12.25 16.60 -15.29
C PHE A 396 13.75 16.82 -15.30
N LYS A 397 14.18 18.08 -15.21
CA LYS A 397 15.60 18.39 -15.28
C LYS A 397 16.32 17.99 -14.00
N HIS A 398 15.83 18.44 -12.86
CA HIS A 398 16.57 18.36 -11.61
C HIS A 398 16.25 17.12 -10.80
N SER A 399 15.29 16.31 -11.22
CA SER A 399 15.08 15.00 -10.65
C SER A 399 16.03 14.02 -11.34
N THR A 400 15.95 12.74 -10.94
CA THR A 400 16.74 11.72 -11.61
C THR A 400 16.30 11.49 -13.04
N THR A 401 15.17 12.06 -13.46
CA THR A 401 14.58 11.72 -14.75
C THR A 401 15.51 12.08 -15.91
N TYR A 402 16.06 13.29 -15.89
CA TYR A 402 16.93 13.73 -16.99
C TYR A 402 18.11 12.77 -17.17
N ASN A 403 18.91 12.59 -16.12
CA ASN A 403 20.04 11.66 -16.21
C ASN A 403 19.58 10.26 -16.54
N LEU A 404 18.38 9.88 -16.09
CA LEU A 404 17.83 8.57 -16.43
C LEU A 404 17.76 8.37 -17.93
N PHE A 405 17.12 9.32 -18.64
CA PHE A 405 17.08 9.25 -20.10
C PHE A 405 18.48 9.28 -20.70
N ARG A 406 19.39 10.06 -20.12
CA ARG A 406 20.72 10.17 -20.68
C ARG A 406 21.43 8.81 -20.69
N SER A 407 21.35 8.09 -19.58
CA SER A 407 22.01 6.78 -19.51
C SER A 407 21.37 5.79 -20.47
N ILE A 408 20.04 5.78 -20.55
CA ILE A 408 19.35 4.87 -21.46
C ILE A 408 19.81 5.12 -22.90
N ALA A 409 19.94 6.40 -23.29
CA ALA A 409 20.46 6.71 -24.61
C ALA A 409 21.85 6.14 -24.81
N GLU A 410 22.70 6.24 -23.79
CA GLU A 410 24.04 5.65 -23.86
C GLU A 410 23.96 4.15 -24.08
N MSE A 411 23.05 3.48 -23.39
CA MSE A 411 22.92 2.02 -23.45
C MSE A 411 22.40 1.54 -24.81
O MSE A 411 22.35 0.34 -25.05
CB MSE A 411 22.00 1.52 -22.35
CG MSE A 411 22.56 1.72 -20.95
SE MSE A 411 21.20 1.55 -19.57
CE MSE A 411 20.78 -0.35 -19.76
H MSE A 411 22.47 3.84 -22.86
HA MSE A 411 23.81 1.63 -23.31
HB2 MSE A 411 21.16 1.99 -22.40
HB3 MSE A 411 21.85 0.57 -22.47
HG2 MSE A 411 23.24 1.05 -20.78
HG3 MSE A 411 22.95 2.61 -20.89
HE1 MSE A 411 20.10 -0.59 -19.12
HE2 MSE A 411 20.47 -0.51 -20.66
HE3 MSE A 411 21.59 -0.86 -19.60
N GLY A 412 22.02 2.46 -25.67
CA GLY A 412 21.54 2.12 -26.99
C GLY A 412 20.13 1.57 -27.02
N TYR A 413 19.37 1.72 -25.95
CA TYR A 413 18.00 1.24 -25.91
C TYR A 413 17.07 2.24 -26.60
N LYS A 414 16.20 1.73 -27.45
CA LYS A 414 15.07 2.53 -27.91
C LYS A 414 14.12 2.74 -26.73
N VAL A 415 13.37 3.84 -26.78
CA VAL A 415 12.48 4.21 -25.68
C VAL A 415 11.11 4.53 -26.24
N VAL A 416 10.08 3.92 -25.64
CA VAL A 416 8.69 4.30 -25.88
C VAL A 416 8.25 5.06 -24.64
N LEU A 417 8.17 6.38 -24.77
CA LEU A 417 7.75 7.26 -23.68
C LEU A 417 6.27 7.58 -23.85
N THR A 418 5.48 7.23 -22.84
CA THR A 418 4.04 7.43 -22.91
C THR A 418 3.49 7.59 -21.49
N THR A 419 2.17 7.70 -21.41
CA THR A 419 1.47 7.89 -20.14
C THR A 419 0.22 7.04 -20.14
N ASP A 420 -0.55 7.15 -19.06
CA ASP A 420 -1.83 6.46 -18.95
C ASP A 420 -3.03 7.38 -19.08
N HIS A 421 -2.84 8.69 -18.91
CA HIS A 421 -3.94 9.65 -19.00
C HIS A 421 -3.33 11.03 -18.81
N GLY A 422 -4.11 12.05 -19.14
CA GLY A 422 -3.76 13.42 -18.89
C GLY A 422 -4.48 13.98 -17.68
N THR A 423 -4.71 15.29 -17.70
CA THR A 423 -5.51 15.95 -16.68
C THR A 423 -5.93 17.30 -17.22
N ILE A 424 -6.99 17.85 -16.64
CA ILE A 424 -7.62 19.05 -17.15
C ILE A 424 -7.96 19.98 -15.99
N GLN A 425 -7.82 21.28 -16.22
CA GLN A 425 -8.21 22.27 -15.23
C GLN A 425 -9.73 22.40 -15.22
N VAL A 426 -10.34 22.06 -14.09
CA VAL A 426 -11.80 22.03 -13.99
C VAL A 426 -12.30 23.43 -13.67
N LYS A 427 -13.45 23.77 -14.25
CA LYS A 427 -14.05 25.08 -14.08
C LYS A 427 -15.43 25.02 -13.44
N ASN A 428 -16.35 24.25 -14.01
CA ASN A 428 -17.76 24.36 -13.69
C ASN A 428 -18.23 23.16 -12.89
N PRO A 429 -19.00 23.37 -11.83
CA PRO A 429 -19.51 22.24 -11.05
C PRO A 429 -20.71 21.57 -11.72
N VAL A 430 -20.80 20.26 -11.52
CA VAL A 430 -21.95 19.47 -11.96
C VAL A 430 -22.52 18.78 -10.73
N LYS A 431 -23.76 19.13 -10.38
CA LYS A 431 -24.36 18.60 -9.16
C LYS A 431 -24.63 17.10 -9.32
N VAL A 432 -24.23 16.34 -8.31
CA VAL A 432 -24.47 14.91 -8.26
C VAL A 432 -24.64 14.52 -6.80
N ILE A 433 -25.50 13.54 -6.55
CA ILE A 433 -25.76 13.04 -5.20
C ILE A 433 -25.76 11.52 -5.24
N GLY A 434 -25.08 10.90 -4.28
CA GLY A 434 -24.93 9.46 -4.29
C GLY A 434 -24.72 8.88 -2.91
N ASP A 435 -24.52 7.56 -2.88
CA ASP A 435 -24.24 6.86 -1.64
C ASP A 435 -23.01 7.44 -0.98
N ARG A 436 -23.02 7.45 0.36
CA ARG A 436 -21.84 7.88 1.11
C ARG A 436 -20.60 7.12 0.65
N SER A 437 -20.74 5.82 0.39
CA SER A 437 -19.62 5.00 -0.07
C SER A 437 -19.23 5.27 -1.51
N THR A 438 -19.89 6.21 -2.19
CA THR A 438 -19.54 6.53 -3.57
C THR A 438 -18.07 6.95 -3.65
N ASN A 439 -17.45 6.60 -4.78
CA ASN A 439 -16.07 7.02 -5.01
C ASN A 439 -15.96 8.53 -4.96
N THR A 440 -14.75 9.01 -4.67
CA THR A 440 -14.50 10.42 -4.43
C THR A 440 -13.88 11.13 -5.62
N ASN A 441 -13.66 10.43 -6.73
CA ASN A 441 -13.14 11.09 -7.92
C ASN A 441 -14.15 12.13 -8.41
N LEU A 442 -13.63 13.23 -8.95
CA LEU A 442 -14.45 14.37 -9.35
C LEU A 442 -14.80 14.39 -10.82
N ARG A 443 -14.19 13.54 -11.64
CA ARG A 443 -14.50 13.48 -13.07
C ARG A 443 -15.37 12.29 -13.44
N TYR A 444 -15.50 11.30 -12.57
CA TYR A 444 -16.38 10.16 -12.83
C TYR A 444 -16.89 9.62 -11.51
N LYS A 445 -18.05 8.99 -11.54
CA LYS A 445 -18.65 8.40 -10.35
C LYS A 445 -19.22 7.03 -10.68
N ILE A 446 -19.11 6.11 -9.73
CA ILE A 446 -19.72 4.78 -9.83
C ILE A 446 -20.78 4.68 -8.74
N GLY A 447 -21.93 4.11 -9.09
CA GLY A 447 -22.98 3.93 -8.12
C GLY A 447 -24.25 3.41 -8.77
N LYS A 448 -25.33 3.46 -8.00
CA LYS A 448 -26.65 3.05 -8.46
C LYS A 448 -27.66 4.17 -8.20
N ASN A 449 -27.75 4.59 -6.93
CA ASN A 449 -28.73 5.60 -6.52
C ASN A 449 -28.11 6.99 -6.66
N LEU A 450 -27.90 7.39 -7.91
CA LEU A 450 -27.24 8.65 -8.25
C LEU A 450 -28.22 9.55 -8.99
N ASP A 451 -28.53 10.71 -8.40
CA ASP A 451 -29.36 11.71 -9.05
C ASP A 451 -28.48 12.72 -9.77
N TYR A 452 -28.91 13.11 -10.97
CA TYR A 452 -28.13 13.99 -11.82
C TYR A 452 -28.94 14.33 -13.06
N ASN A 453 -28.39 15.18 -13.95
CA ASN A 453 -29.00 15.43 -15.25
C ASN A 453 -28.30 14.56 -16.28
N PRO A 454 -29.02 13.68 -17.00
CA PRO A 454 -28.32 12.78 -17.93
C PRO A 454 -27.49 13.49 -18.99
N LYS A 455 -27.97 14.61 -19.55
CA LYS A 455 -27.19 15.29 -20.58
C LYS A 455 -25.90 15.86 -20.01
N GLU A 456 -25.98 16.54 -18.87
CA GLU A 456 -24.80 17.18 -18.29
C GLU A 456 -23.61 16.23 -18.18
N VAL A 457 -23.85 14.92 -18.14
CA VAL A 457 -22.78 13.94 -18.02
C VAL A 457 -22.85 12.97 -19.19
N PHE A 458 -22.08 11.89 -19.09
CA PHE A 458 -22.04 10.84 -20.11
C PHE A 458 -22.44 9.54 -19.42
N GLU A 459 -23.70 9.16 -19.59
CA GLU A 459 -24.28 8.07 -18.81
C GLU A 459 -23.92 6.73 -19.44
N ILE A 460 -23.54 5.76 -18.60
CA ILE A 460 -23.21 4.41 -19.04
C ILE A 460 -23.94 3.47 -18.08
N LYS A 461 -25.18 3.11 -18.44
CA LYS A 461 -25.98 2.23 -17.60
C LYS A 461 -25.61 0.76 -17.77
N ASP A 462 -24.80 0.43 -18.78
CA ASP A 462 -24.43 -0.95 -19.09
C ASP A 462 -22.92 -1.04 -19.09
N PRO A 463 -22.29 -1.06 -17.90
CA PRO A 463 -20.82 -0.99 -17.87
C PRO A 463 -20.13 -2.13 -18.60
N ALA A 464 -20.79 -3.28 -18.72
CA ALA A 464 -20.16 -4.41 -19.41
C ALA A 464 -19.94 -4.09 -20.89
N SER A 465 -20.80 -3.26 -21.48
CA SER A 465 -20.65 -2.93 -22.90
C SER A 465 -19.36 -2.17 -23.16
N VAL A 466 -19.00 -1.26 -22.26
CA VAL A 466 -17.80 -0.45 -22.42
C VAL A 466 -16.62 -1.11 -21.71
N GLY A 467 -16.75 -2.40 -21.42
CA GLY A 467 -15.66 -3.16 -20.85
C GLY A 467 -15.24 -2.74 -19.45
N LEU A 468 -16.19 -2.35 -18.61
CA LEU A 468 -15.89 -1.91 -17.26
C LEU A 468 -16.59 -2.82 -16.24
N PRO A 469 -15.87 -3.32 -15.23
CA PRO A 469 -16.51 -4.11 -14.19
C PRO A 469 -17.20 -3.23 -13.16
N HIS A 470 -17.97 -3.88 -12.29
CA HIS A 470 -18.83 -3.20 -11.34
C HIS A 470 -18.94 -4.06 -10.10
N ASN A 471 -18.97 -3.41 -8.92
CA ASN A 471 -19.06 -4.16 -7.68
C ASN A 471 -20.42 -4.85 -7.57
N ASN A 472 -21.47 -4.23 -8.10
CA ASN A 472 -22.77 -4.86 -8.25
C ASN A 472 -23.03 -5.07 -9.74
N LEU A 473 -24.28 -5.35 -10.09
CA LEU A 473 -24.67 -5.44 -11.50
C LEU A 473 -25.80 -4.48 -11.85
N SER A 474 -26.22 -3.62 -10.92
CA SER A 474 -27.04 -2.47 -11.23
C SER A 474 -26.23 -1.18 -11.25
N ASP A 475 -24.91 -1.29 -11.17
CA ASP A 475 -24.05 -0.11 -11.12
C ASP A 475 -24.04 0.60 -12.48
N LYS A 476 -23.95 1.93 -12.42
CA LYS A 476 -23.89 2.77 -13.60
C LYS A 476 -22.70 3.71 -13.47
N PHE A 477 -22.08 4.03 -14.61
CA PHE A 477 -20.99 4.98 -14.67
C PHE A 477 -21.50 6.31 -15.21
N ILE A 478 -21.03 7.40 -14.61
CA ILE A 478 -21.28 8.75 -15.11
C ILE A 478 -19.94 9.47 -15.21
N PHE A 479 -19.80 10.30 -16.23
CA PHE A 479 -18.56 11.01 -16.50
C PHE A 479 -18.85 12.48 -16.77
N THR A 480 -18.01 13.35 -16.23
CA THR A 480 -18.02 14.75 -16.62
C THR A 480 -17.36 14.90 -17.99
N LYS A 481 -17.74 15.96 -18.70
CA LYS A 481 -17.15 16.28 -19.98
C LYS A 481 -16.55 17.68 -19.93
N GLU A 482 -15.68 17.95 -20.89
CA GLU A 482 -15.03 19.27 -21.02
C GLU A 482 -14.28 19.51 -19.71
N ASP A 483 -14.50 20.63 -19.02
CA ASP A 483 -13.79 20.97 -17.80
C ASP A 483 -14.72 20.97 -16.59
N ASP A 484 -15.78 20.16 -16.64
CA ASP A 484 -16.71 20.08 -15.53
C ASP A 484 -16.13 19.23 -14.41
N PHE A 485 -16.75 19.34 -13.23
CA PHE A 485 -16.35 18.53 -12.09
C PHE A 485 -17.55 18.35 -11.18
N PHE A 486 -17.59 17.20 -10.50
CA PHE A 486 -18.73 16.86 -9.65
C PHE A 486 -18.64 17.57 -8.30
N ALA A 487 -19.78 18.07 -7.85
CA ALA A 487 -19.89 18.71 -6.55
C ALA A 487 -21.14 18.21 -5.84
N TYR A 488 -21.00 17.89 -4.56
CA TYR A 488 -22.12 17.42 -3.77
C TYR A 488 -22.85 18.60 -3.14
N PRO A 489 -24.18 18.50 -2.98
CA PRO A 489 -24.93 19.65 -2.46
C PRO A 489 -24.52 20.07 -1.05
N ASN A 490 -24.09 19.13 -0.22
CA ASN A 490 -23.59 19.48 1.10
C ASN A 490 -22.30 20.29 0.96
N ASN A 491 -22.27 21.46 1.59
CA ASN A 491 -21.12 22.35 1.50
C ASN A 491 -20.78 22.64 0.04
N TYR A 492 -21.82 22.76 -0.78
CA TYR A 492 -21.63 22.99 -2.21
C TYR A 492 -20.86 24.28 -2.46
N ASN A 493 -21.20 25.34 -1.74
CA ASN A 493 -20.48 26.61 -1.90
C ASN A 493 -19.01 26.45 -1.55
N TYR A 494 -18.70 25.61 -0.57
CA TYR A 494 -17.31 25.46 -0.13
C TYR A 494 -16.50 24.63 -1.11
N TYR A 495 -17.00 23.44 -1.46
CA TYR A 495 -16.23 22.54 -2.31
C TYR A 495 -16.06 23.10 -3.71
N VAL A 496 -17.03 23.89 -4.21
CA VAL A 496 -16.87 24.48 -5.53
C VAL A 496 -15.75 25.51 -5.51
N GLN A 497 -15.65 26.28 -4.42
CA GLN A 497 -14.49 27.14 -4.23
C GLN A 497 -13.21 26.31 -4.21
N TYR A 498 -13.22 25.20 -3.48
CA TYR A 498 -12.01 24.44 -3.23
C TYR A 498 -11.49 23.78 -4.49
N TYR A 499 -12.38 23.34 -5.38
CA TYR A 499 -11.98 22.55 -6.53
C TYR A 499 -11.94 23.34 -7.84
N ARG A 500 -12.38 24.60 -7.85
CA ARG A 500 -12.33 25.39 -9.07
C ARG A 500 -10.87 25.61 -9.47
N ASN A 501 -10.56 25.33 -10.73
CA ASN A 501 -9.25 25.55 -11.35
C ASN A 501 -8.19 24.53 -10.90
N THR A 502 -8.59 23.42 -10.30
CA THR A 502 -7.66 22.34 -9.98
C THR A 502 -7.57 21.37 -11.15
N PHE A 503 -6.56 20.51 -11.11
CA PHE A 503 -6.35 19.50 -12.14
C PHE A 503 -7.02 18.20 -11.70
N GLN A 504 -7.90 17.68 -12.56
CA GLN A 504 -8.62 16.45 -12.27
C GLN A 504 -8.66 15.60 -13.52
N HIS A 505 -8.43 14.30 -13.35
CA HIS A 505 -8.54 13.34 -14.44
C HIS A 505 -9.58 12.29 -14.08
N GLY A 506 -9.95 11.49 -15.08
CA GLY A 506 -10.99 10.49 -14.94
C GLY A 506 -12.17 10.70 -15.87
N GLY A 507 -12.32 11.91 -16.42
CA GLY A 507 -13.44 12.25 -17.28
C GLY A 507 -13.07 12.23 -18.74
N ILE A 508 -13.77 13.04 -19.52
CA ILE A 508 -13.63 13.08 -20.97
C ILE A 508 -13.15 14.47 -21.37
N SER A 509 -12.02 14.52 -22.07
CA SER A 509 -11.48 15.77 -22.59
C SER A 509 -10.24 15.45 -23.41
N LEU A 510 -9.91 16.37 -24.32
CA LEU A 510 -8.69 16.21 -25.12
C LEU A 510 -7.47 16.06 -24.23
N GLU A 511 -7.38 16.84 -23.15
CA GLU A 511 -6.26 16.71 -22.22
C GLU A 511 -6.20 15.31 -21.63
N GLU A 512 -7.32 14.83 -21.10
CA GLU A 512 -7.32 13.55 -20.38
C GLU A 512 -7.08 12.37 -21.30
N MSE A 513 -7.81 12.30 -22.41
CA MSE A 513 -7.84 11.10 -23.22
C MSE A 513 -6.75 11.06 -24.29
O MSE A 513 -6.08 10.04 -24.46
CB MSE A 513 -9.20 10.94 -23.89
CG MSE A 513 -10.36 10.80 -22.90
SE MSE A 513 -12.04 10.38 -23.78
CE MSE A 513 -11.60 8.61 -24.45
H MSE A 513 -8.31 12.94 -22.71
HA MSE A 513 -7.71 10.33 -22.63
HB2 MSE A 513 -9.37 11.71 -24.44
HB3 MSE A 513 -9.18 10.13 -24.44
HG2 MSE A 513 -10.15 10.10 -22.28
HG3 MSE A 513 -10.47 11.65 -22.44
HE1 MSE A 513 -12.36 8.25 -24.93
HE2 MSE A 513 -10.84 8.68 -25.05
HE3 MSE A 513 -11.38 8.03 -23.71
N LEU A 514 -6.57 12.15 -25.02
CA LEU A 514 -5.57 12.21 -26.08
C LEU A 514 -4.20 12.43 -25.47
N VAL A 515 -3.38 11.39 -25.47
CA VAL A 515 -2.11 11.40 -24.74
C VAL A 515 -0.98 10.98 -25.66
N PRO A 516 0.25 11.45 -25.42
CA PRO A 516 1.36 11.12 -26.32
C PRO A 516 1.94 9.74 -26.08
N VAL A 517 2.38 9.12 -27.18
CA VAL A 517 3.22 7.92 -27.14
C VAL A 517 4.39 8.18 -28.07
N ILE A 518 5.55 8.45 -27.48
CA ILE A 518 6.74 8.85 -28.23
C ILE A 518 7.69 7.67 -28.32
N THR A 519 8.05 7.29 -29.54
CA THR A 519 9.06 6.27 -29.79
C THR A 519 10.36 6.99 -30.13
N MSE A 520 11.36 6.85 -29.27
CA MSE A 520 12.59 7.61 -29.38
C MSE A 520 13.79 6.75 -29.70
O MSE A 520 14.06 5.76 -29.02
CB MSE A 520 12.84 8.39 -28.09
CG MSE A 520 11.64 9.21 -27.63
SE MSE A 520 12.08 10.39 -26.12
CE MSE A 520 13.21 9.18 -25.10
H MSE A 520 11.35 6.30 -28.60
HA MSE A 520 12.47 8.28 -30.09
HB2 MSE A 520 13.05 7.76 -27.39
HB3 MSE A 520 13.59 9.00 -28.22
HG2 MSE A 520 11.35 9.77 -28.36
HG3 MSE A 520 10.93 8.62 -27.34
HE1 MSE A 520 13.52 9.65 -24.30
HE2 MSE A 520 12.70 8.40 -24.86
HE3 MSE A 520 13.98 8.94 -25.63
N GLN A 521 14.53 7.13 -30.75
CA GLN A 521 15.75 6.43 -31.13
C GLN A 521 16.97 7.21 -30.64
N PRO A 522 17.89 6.60 -29.92
CA PRO A 522 19.09 7.33 -29.47
C PRO A 522 19.91 7.82 -30.66
N LYS A 523 20.57 8.96 -30.46
CA LYS A 523 21.46 9.52 -31.47
C LYS A 523 22.82 8.87 -31.40
N ARG B 11 30.46 11.73 -34.64
CA ARG B 11 29.70 11.81 -35.88
C ARG B 11 29.79 13.19 -36.50
N PRO B 12 29.88 13.29 -37.82
CA PRO B 12 29.85 14.60 -38.47
C PRO B 12 28.42 15.11 -38.58
N TYR B 13 28.26 16.42 -38.44
CA TYR B 13 26.94 17.03 -38.42
C TYR B 13 26.40 17.15 -39.84
N THR B 14 25.08 17.07 -39.96
CA THR B 14 24.41 17.10 -41.25
C THR B 14 23.85 18.49 -41.50
N VAL B 15 24.03 18.99 -42.72
CA VAL B 15 23.53 20.29 -43.13
C VAL B 15 22.59 20.10 -44.32
N LEU B 16 21.40 20.68 -44.22
CA LEU B 16 20.45 20.71 -45.33
C LEU B 16 20.41 22.14 -45.87
N TRP B 17 20.78 22.30 -47.14
CA TRP B 17 20.85 23.61 -47.78
C TRP B 17 19.85 23.67 -48.92
N ALA B 18 18.97 24.68 -48.89
CA ALA B 18 17.93 24.87 -49.89
C ALA B 18 18.16 26.20 -50.59
N ASP B 19 18.38 26.15 -51.90
CA ASP B 19 18.58 27.35 -52.69
C ASP B 19 18.36 27.00 -54.16
N ASP B 20 17.67 27.88 -54.87
CA ASP B 20 17.41 27.67 -56.29
C ASP B 20 18.68 27.76 -57.12
N GLU B 21 19.65 28.56 -56.67
CA GLU B 21 20.94 28.72 -57.34
C GLU B 21 22.04 27.96 -56.62
N ILE B 22 21.69 26.78 -56.09
CA ILE B 22 22.65 25.94 -55.38
C ILE B 22 23.94 25.78 -56.17
N ASP B 23 23.83 25.69 -57.50
CA ASP B 23 25.01 25.55 -58.36
C ASP B 23 26.12 26.50 -57.95
N LEU B 24 25.79 27.77 -57.75
CA LEU B 24 26.82 28.78 -57.51
C LEU B 24 27.53 28.56 -56.18
N LEU B 25 26.83 28.00 -55.20
CA LEU B 25 27.35 27.87 -53.85
C LEU B 25 28.24 26.65 -53.67
N LYS B 26 28.54 25.92 -54.75
CA LYS B 26 29.33 24.70 -54.64
C LYS B 26 30.64 24.89 -53.88
N PRO B 27 31.42 25.95 -54.10
CA PRO B 27 32.67 26.09 -53.33
C PRO B 27 32.42 26.19 -51.84
N HIS B 28 31.41 26.96 -51.43
CA HIS B 28 31.01 26.97 -50.02
C HIS B 28 30.77 25.55 -49.53
N ILE B 29 30.16 24.71 -50.38
CA ILE B 29 29.82 23.35 -49.97
C ILE B 29 31.07 22.51 -49.81
N LEU B 30 32.01 22.63 -50.76
CA LEU B 30 33.27 21.90 -50.62
C LEU B 30 34.03 22.36 -49.38
N PHE B 31 34.00 23.66 -49.10
CA PHE B 31 34.62 24.17 -47.88
C PHE B 31 34.01 23.52 -46.65
N LEU B 32 32.68 23.48 -46.58
CA LEU B 32 32.01 22.82 -45.46
C LEU B 32 32.31 21.33 -45.46
N GLU B 33 32.07 20.67 -46.60
CA GLU B 33 32.35 19.23 -46.69
C GLU B 33 33.82 18.94 -46.42
N GLN B 34 34.72 19.87 -46.76
CA GLN B 34 36.14 19.68 -46.45
C GLN B 34 36.34 19.57 -44.95
N LYS B 35 35.66 20.42 -44.17
CA LYS B 35 35.84 20.49 -42.72
C LYS B 35 35.00 19.46 -41.97
N GLY B 36 34.67 18.34 -42.60
CA GLY B 36 33.92 17.28 -41.93
C GLY B 36 32.46 17.64 -41.67
N TYR B 37 31.76 18.07 -42.71
CA TYR B 37 30.34 18.40 -42.62
C TYR B 37 29.60 17.73 -43.78
N GLN B 38 28.67 16.84 -43.45
CA GLN B 38 27.83 16.22 -44.47
C GLN B 38 26.77 17.22 -44.91
N VAL B 39 26.75 17.53 -46.21
CA VAL B 39 25.88 18.55 -46.77
C VAL B 39 24.92 17.89 -47.74
N THR B 40 23.63 18.22 -47.60
CA THR B 40 22.60 17.73 -48.51
C THR B 40 21.96 18.94 -49.21
N PRO B 41 22.05 19.06 -50.54
CA PRO B 41 21.49 20.24 -51.20
C PRO B 41 20.14 19.98 -51.83
N VAL B 42 19.21 20.92 -51.70
CA VAL B 42 17.95 20.89 -52.41
C VAL B 42 17.82 22.16 -53.23
N LEU B 43 16.83 22.16 -54.13
CA LEU B 43 16.61 23.28 -55.05
C LEU B 43 15.44 24.16 -54.63
N SER B 44 14.70 23.78 -53.60
CA SER B 44 13.54 24.54 -53.19
C SER B 44 13.16 24.12 -51.78
N GLY B 45 12.25 24.89 -51.17
CA GLY B 45 11.74 24.51 -49.86
C GLY B 45 11.05 23.16 -49.89
N ASN B 46 10.15 22.95 -50.86
CA ASN B 46 9.39 21.71 -50.92
C ASN B 46 10.31 20.50 -50.76
N ASP B 47 11.36 20.44 -51.57
CA ASP B 47 12.36 19.40 -51.39
C ASP B 47 12.98 19.47 -50.00
N ALA B 48 13.12 20.68 -49.45
CA ALA B 48 13.64 20.81 -48.09
C ALA B 48 12.64 20.33 -47.05
N ILE B 49 11.37 20.70 -47.21
CA ILE B 49 10.35 20.28 -46.25
C ILE B 49 10.29 18.77 -46.18
N GLU B 50 10.35 18.11 -47.34
CA GLU B 50 10.35 16.65 -47.38
C GLU B 50 11.53 16.09 -46.59
N ALA B 51 12.75 16.48 -46.96
CA ALA B 51 13.94 15.86 -46.40
C ALA B 51 13.95 15.90 -44.87
N VAL B 52 13.39 16.96 -44.28
CA VAL B 52 13.36 17.06 -42.82
C VAL B 52 12.46 15.99 -42.23
N GLN B 53 11.29 15.76 -42.83
CA GLN B 53 10.44 14.69 -42.36
C GLN B 53 11.12 13.32 -42.50
N ASN B 54 11.77 13.10 -43.64
CA ASN B 54 12.36 11.81 -43.95
C ASN B 54 13.80 11.66 -43.48
N ASN B 55 14.36 12.69 -42.84
CA ASN B 55 15.71 12.63 -42.29
C ASN B 55 15.81 13.55 -41.09
N ASP B 56 16.68 13.19 -40.16
CA ASP B 56 16.94 14.00 -38.96
C ASP B 56 18.20 14.83 -39.21
N PHE B 57 18.00 16.08 -39.64
CA PHE B 57 19.12 16.97 -39.93
C PHE B 57 19.52 17.76 -38.69
N ASP B 58 20.82 18.04 -38.58
CA ASP B 58 21.32 18.84 -37.47
C ASP B 58 21.02 20.33 -37.67
N ILE B 59 21.06 20.81 -38.92
CA ILE B 59 20.88 22.23 -39.21
C ILE B 59 20.38 22.38 -40.63
N VAL B 60 19.74 23.52 -40.90
CA VAL B 60 19.18 23.82 -42.20
C VAL B 60 19.72 25.17 -42.68
N PHE B 61 20.02 25.26 -43.96
CA PHE B 61 20.37 26.51 -44.62
C PHE B 61 19.27 26.83 -45.63
N LEU B 62 18.59 27.96 -45.43
CA LEU B 62 17.45 28.35 -46.25
C LEU B 62 17.78 29.63 -47.00
N ASP B 63 17.81 29.53 -48.33
CA ASP B 63 17.77 30.71 -49.18
C ASP B 63 16.35 31.25 -49.22
N GLU B 64 16.21 32.57 -49.16
CA GLU B 64 14.87 33.15 -49.13
C GLU B 64 14.19 33.03 -50.49
N ASN B 65 14.76 33.64 -51.53
CA ASN B 65 14.09 33.68 -52.82
C ASN B 65 14.33 32.40 -53.59
N MSE B 66 13.27 31.62 -53.74
CA MSE B 66 13.30 30.35 -54.48
C MSE B 66 11.99 30.24 -55.25
O MSE B 66 11.03 30.96 -54.96
CB MSE B 66 13.47 29.18 -53.52
CG MSE B 66 14.91 28.90 -53.12
SE MSE B 66 15.06 27.52 -51.73
CE MSE B 66 13.69 28.13 -50.50
H MSE B 66 12.49 31.80 -53.43
HA MSE B 66 14.04 30.36 -55.10
HB2 MSE B 66 12.97 29.38 -52.71
HB3 MSE B 66 13.12 28.38 -53.94
HG2 MSE B 66 15.41 28.60 -53.90
HG3 MSE B 66 15.30 29.72 -52.77
HE1 MSE B 66 13.65 27.52 -49.75
HE2 MSE B 66 13.91 29.02 -50.20
HE3 MSE B 66 12.83 28.13 -50.96
N PRO B 67 11.93 29.34 -56.22
CA PRO B 67 10.68 29.16 -56.96
C PRO B 67 9.58 28.60 -56.08
N GLY B 68 8.35 29.03 -56.38
CA GLY B 68 7.18 28.54 -55.67
C GLY B 68 7.22 28.78 -54.17
N ILE B 69 7.50 27.71 -53.42
CA ILE B 69 7.49 27.78 -51.97
C ILE B 69 8.32 28.97 -51.50
N GLY B 70 7.74 29.77 -50.61
CA GLY B 70 8.47 30.88 -50.03
C GLY B 70 9.48 30.40 -49.00
N GLY B 71 10.70 30.94 -49.09
CA GLY B 71 11.75 30.53 -48.18
C GLY B 71 11.36 30.71 -46.73
N LEU B 72 10.71 31.83 -46.40
CA LEU B 72 10.26 32.05 -45.03
C LEU B 72 9.13 31.11 -44.66
N ASP B 73 8.25 30.78 -45.61
CA ASP B 73 7.15 29.90 -45.29
C ASP B 73 7.61 28.47 -45.14
N ALA B 74 8.72 28.11 -45.77
CA ALA B 74 9.34 26.82 -45.48
C ALA B 74 9.87 26.79 -44.05
N LEU B 75 10.61 27.84 -43.65
CA LEU B 75 11.10 27.96 -42.29
C LEU B 75 9.97 27.72 -41.29
N GLN B 76 8.86 28.45 -41.44
CA GLN B 76 7.72 28.29 -40.55
C GLN B 76 7.32 26.82 -40.43
N LYS B 77 7.40 26.07 -41.54
CA LYS B 77 7.05 24.66 -41.52
C LYS B 77 8.13 23.84 -40.81
N ILE B 78 9.40 24.09 -41.13
CA ILE B 78 10.48 23.31 -40.53
C ILE B 78 10.48 23.48 -39.02
N LYS B 79 10.25 24.70 -38.53
CA LYS B 79 10.21 24.92 -37.09
C LYS B 79 9.04 24.19 -36.43
N GLU B 80 7.94 24.01 -37.15
CA GLU B 80 6.80 23.28 -36.59
C GLU B 80 7.00 21.78 -36.67
N LEU B 81 7.79 21.29 -37.63
CA LEU B 81 8.09 19.87 -37.71
C LEU B 81 9.17 19.49 -36.71
N LYS B 82 10.34 20.09 -36.82
CA LYS B 82 11.47 19.81 -35.93
C LYS B 82 11.88 21.12 -35.25
N PRO B 83 11.06 21.60 -34.31
CA PRO B 83 11.37 22.90 -33.68
C PRO B 83 12.74 22.94 -33.02
N TYR B 84 13.26 21.79 -32.59
CA TYR B 84 14.52 21.74 -31.87
C TYR B 84 15.73 21.90 -32.79
N THR B 85 15.53 21.97 -34.11
CA THR B 85 16.64 22.01 -35.05
C THR B 85 16.88 23.45 -35.49
N PRO B 86 18.09 23.99 -35.34
CA PRO B 86 18.32 25.38 -35.76
C PRO B 86 18.32 25.53 -37.28
N VAL B 87 17.94 26.72 -37.73
CA VAL B 87 17.94 27.06 -39.14
C VAL B 87 18.71 28.35 -39.32
N VAL B 88 19.57 28.40 -40.34
CA VAL B 88 20.32 29.59 -40.71
C VAL B 88 19.87 30.01 -42.10
N MSE B 89 19.53 31.29 -42.24
CA MSE B 89 19.10 31.82 -43.53
C MSE B 89 20.25 32.52 -44.23
O MSE B 89 20.95 33.35 -43.66
CB MSE B 89 17.93 32.78 -43.36
CG MSE B 89 17.50 33.44 -44.64
SE MSE B 89 15.64 34.00 -44.64
CE MSE B 89 14.81 32.26 -44.37
H MSE B 89 19.55 31.87 -41.61
HA MSE B 89 18.80 31.07 -44.08
HB2 MSE B 89 17.17 32.28 -43.01
HB3 MSE B 89 18.18 33.47 -42.73
HG2 MSE B 89 18.05 34.23 -44.80
HG3 MSE B 89 17.62 32.81 -45.38
HE1 MSE B 89 13.84 32.37 -44.33
HE2 MSE B 89 15.04 31.68 -45.10
HE3 MSE B 89 15.12 31.89 -43.52
N ILE B 90 20.45 32.16 -45.50
CA ILE B 90 21.53 32.67 -46.32
C ILE B 90 20.91 33.09 -47.65
N THR B 91 20.73 34.39 -47.85
CA THR B 91 20.07 34.90 -49.05
C THR B 91 20.78 36.15 -49.53
N LYS B 92 20.45 36.55 -50.77
CA LYS B 92 20.93 37.80 -51.32
C LYS B 92 20.08 38.99 -50.90
N SER B 93 18.94 38.74 -50.24
CA SER B 93 18.05 39.82 -49.85
C SER B 93 18.71 40.72 -48.82
N GLU B 94 18.58 42.04 -49.02
CA GLU B 94 19.01 43.04 -48.06
C GLU B 94 17.86 43.89 -47.57
N GLU B 95 16.62 43.45 -47.81
CA GLU B 95 15.45 44.17 -47.36
C GLU B 95 15.32 44.08 -45.85
N GLU B 96 14.55 45.01 -45.27
CA GLU B 96 14.40 45.03 -43.82
C GLU B 96 13.33 44.05 -43.36
N HIS B 97 12.21 43.95 -44.09
CA HIS B 97 11.13 43.07 -43.63
C HIS B 97 11.50 41.61 -43.77
N ILE B 98 12.30 41.25 -44.78
CA ILE B 98 12.78 39.88 -44.88
C ILE B 98 13.63 39.52 -43.68
N MSE B 99 14.45 40.46 -43.21
CA MSE B 99 15.15 40.29 -41.94
C MSE B 99 14.15 40.13 -40.81
O MSE B 99 14.24 39.21 -40.00
CB MSE B 99 16.05 41.49 -41.64
CG MSE B 99 17.19 41.72 -42.60
SE MSE B 99 18.14 43.35 -42.11
CE MSE B 99 19.58 43.27 -43.43
H MSE B 99 14.61 41.21 -43.60
HA MSE B 99 15.71 39.50 -41.99
HB2 MSE B 99 15.49 42.29 -41.65
HB3 MSE B 99 16.43 41.37 -40.75
HG2 MSE B 99 17.81 40.97 -42.56
HG3 MSE B 99 16.85 41.82 -43.50
HE1 MSE B 99 20.16 44.05 -43.31
HE2 MSE B 99 20.09 42.46 -43.30
HE3 MSE B 99 19.20 43.29 -44.32
N THR B 100 13.19 41.06 -40.76
CA THR B 100 12.21 41.07 -39.68
C THR B 100 11.38 39.80 -39.68
N GLN B 101 10.91 39.39 -40.87
CA GLN B 101 10.11 38.16 -40.96
C GLN B 101 10.96 36.93 -40.63
N ALA B 102 12.22 36.92 -41.07
CA ALA B 102 13.09 35.79 -40.73
C ALA B 102 13.38 35.74 -39.24
N ILE B 103 13.66 36.88 -38.63
CA ILE B 103 13.86 36.92 -37.18
C ILE B 103 12.61 36.42 -36.47
N GLY B 104 11.45 36.95 -36.88
CA GLY B 104 10.18 36.52 -36.28
C GLY B 104 9.88 35.07 -36.51
N GLY B 105 10.52 34.44 -37.49
CA GLY B 105 10.40 33.02 -37.70
C GLY B 105 11.37 32.19 -36.89
N LYS B 106 12.07 32.80 -35.95
CA LYS B 106 12.99 32.10 -35.05
C LYS B 106 14.20 31.56 -35.81
N ILE B 107 14.76 32.37 -36.70
CA ILE B 107 15.96 31.97 -37.40
C ILE B 107 17.15 32.04 -36.43
N ALA B 108 18.13 31.16 -36.67
CA ALA B 108 19.32 31.14 -35.82
C ALA B 108 20.34 32.19 -36.25
N ASP B 109 20.61 32.27 -37.55
CA ASP B 109 21.51 33.26 -38.11
C ASP B 109 20.99 33.68 -39.47
N TYR B 110 21.36 34.90 -39.87
CA TYR B 110 20.94 35.48 -41.15
C TYR B 110 22.18 36.06 -41.80
N LEU B 111 22.59 35.49 -42.93
CA LEU B 111 23.82 35.87 -43.62
C LEU B 111 23.49 36.33 -45.02
N ILE B 112 23.96 37.54 -45.36
CA ILE B 112 23.66 38.16 -46.65
C ILE B 112 24.67 37.67 -47.68
N LYS B 113 24.17 37.35 -48.89
CA LYS B 113 25.06 37.00 -49.98
C LYS B 113 25.73 38.26 -50.54
N PRO B 114 27.00 38.19 -50.94
CA PRO B 114 27.88 37.03 -50.87
C PRO B 114 28.39 36.79 -49.45
N VAL B 115 28.58 35.52 -49.07
CA VAL B 115 28.93 35.16 -47.71
C VAL B 115 30.36 34.61 -47.70
N ASN B 116 31.14 35.06 -46.72
CA ASN B 116 32.48 34.52 -46.52
C ASN B 116 32.38 33.07 -46.05
N PRO B 117 33.18 32.15 -46.61
CA PRO B 117 33.10 30.76 -46.13
C PRO B 117 33.36 30.63 -44.64
N ASN B 118 34.38 31.31 -44.11
CA ASN B 118 34.64 31.26 -42.68
C ASN B 118 33.44 31.73 -41.88
N GLN B 119 32.62 32.62 -42.45
CA GLN B 119 31.40 33.06 -41.77
C GLN B 119 30.40 31.91 -41.64
N LEU B 120 30.32 31.05 -42.67
CA LEU B 120 29.48 29.86 -42.57
C LEU B 120 30.03 28.90 -41.52
N LEU B 121 31.36 28.79 -41.43
CA LEU B 121 31.95 28.00 -40.37
C LEU B 121 31.59 28.57 -39.01
N LEU B 122 31.64 29.90 -38.87
CA LEU B 122 31.32 30.54 -37.61
C LEU B 122 29.94 30.12 -37.11
N SER B 123 28.91 30.34 -37.93
CA SER B 123 27.55 30.03 -37.49
C SER B 123 27.33 28.55 -37.25
N LEU B 124 28.11 27.68 -37.90
CA LEU B 124 27.98 26.25 -37.65
C LEU B 124 28.56 25.88 -36.27
N LYS B 125 29.73 26.43 -35.93
CA LYS B 125 30.24 26.24 -34.58
C LYS B 125 29.30 26.82 -33.55
N LYS B 126 28.80 28.04 -33.80
CA LYS B 126 28.04 28.77 -32.79
C LYS B 126 26.62 28.25 -32.61
N ASN B 127 26.10 27.45 -33.54
CA ASN B 127 24.72 26.97 -33.47
C ASN B 127 24.61 25.47 -33.25
N LEU B 128 25.72 24.73 -33.37
CA LEU B 128 25.70 23.29 -33.17
C LEU B 128 26.60 22.81 -32.04
N GLN B 129 27.42 23.68 -31.47
CA GLN B 129 28.34 23.28 -30.42
C GLN B 129 28.39 24.23 -29.24
N GLN B 130 27.85 25.45 -29.38
CA GLN B 130 28.08 26.54 -28.43
C GLN B 130 28.13 26.08 -26.98
N HIS B 131 27.21 25.21 -26.56
CA HIS B 131 27.20 24.79 -25.16
C HIS B 131 28.49 24.07 -24.80
N SER B 132 29.02 23.26 -25.71
CA SER B 132 30.24 22.51 -25.42
C SER B 132 31.44 23.46 -25.30
N ILE B 133 31.53 24.46 -26.19
CA ILE B 133 32.65 25.39 -26.13
C ILE B 133 32.58 26.20 -24.84
N ILE B 134 31.39 26.68 -24.49
CA ILE B 134 31.24 27.49 -23.28
C ILE B 134 31.61 26.66 -22.05
N SER B 135 31.22 25.38 -22.03
CA SER B 135 31.55 24.52 -20.90
C SER B 135 33.06 24.42 -20.70
N GLU B 136 33.80 24.17 -21.79
CA GLU B 136 35.25 24.06 -21.68
C GLU B 136 35.87 25.38 -21.24
N THR B 137 35.43 26.48 -21.83
CA THR B 137 35.93 27.80 -21.43
C THR B 137 35.62 28.06 -19.96
N THR B 138 34.41 27.73 -19.51
CA THR B 138 34.05 27.93 -18.11
C THR B 138 34.97 27.13 -17.19
N ASN B 139 35.13 25.83 -17.48
CA ASN B 139 36.03 25.00 -16.69
C ASN B 139 37.43 25.60 -16.65
N THR B 140 37.97 25.93 -17.82
CA THR B 140 39.31 26.52 -17.90
C THR B 140 39.38 27.82 -17.12
N ASN B 141 38.47 28.75 -17.41
CA ASN B 141 38.53 30.07 -16.79
C ASN B 141 38.39 29.99 -15.28
N TYR B 142 37.62 29.03 -14.76
CA TYR B 142 37.48 28.94 -13.32
C TYR B 142 38.79 28.54 -12.65
N ARG B 143 39.50 27.56 -13.22
CA ARG B 143 40.80 27.18 -12.65
C ARG B 143 41.75 28.37 -12.62
N GLN B 144 41.76 29.17 -13.69
CA GLN B 144 42.61 30.35 -13.70
C GLN B 144 42.16 31.34 -12.63
N GLU B 145 40.84 31.52 -12.48
CA GLU B 145 40.33 32.41 -11.45
C GLU B 145 40.37 31.76 -10.07
N PHE B 146 40.25 30.43 -10.02
CA PHE B 146 40.41 29.71 -8.76
C PHE B 146 41.69 30.14 -8.05
N VAL B 147 42.75 30.37 -8.81
CA VAL B 147 44.02 30.82 -8.23
C VAL B 147 43.82 32.16 -7.53
N GLN B 148 43.25 33.13 -8.25
CA GLN B 148 43.06 34.46 -7.66
C GLN B 148 42.17 34.39 -6.43
N LEU B 149 41.02 33.72 -6.56
CA LEU B 149 40.11 33.58 -5.43
C LEU B 149 40.85 33.06 -4.20
N GLY B 150 41.64 32.00 -4.36
CA GLY B 150 42.49 31.55 -3.27
C GLY B 150 43.40 32.65 -2.76
N THR B 151 43.90 33.49 -3.67
CA THR B 151 44.73 34.62 -3.27
C THR B 151 43.90 35.67 -2.52
N GLN B 152 42.68 35.94 -3.01
CA GLN B 152 41.84 36.93 -2.36
C GLN B 152 41.56 36.54 -0.91
N MSE B 153 41.29 35.26 -0.67
CA MSE B 153 40.99 34.77 0.67
C MSE B 153 42.23 34.73 1.57
O MSE B 153 42.12 34.78 2.79
CB MSE B 153 40.38 33.38 0.61
CG MSE B 153 38.89 33.37 0.32
SE MSE B 153 38.23 31.56 0.03
CE MSE B 153 38.95 31.28 -1.76
H MSE B 153 41.28 34.64 -1.26
HA MSE B 153 40.34 35.36 1.09
HB2 MSE B 153 40.82 32.88 -0.09
HB3 MSE B 153 40.52 32.93 1.47
HG2 MSE B 153 38.41 33.74 1.08
HG3 MSE B 153 38.71 33.89 -0.48
HE1 MSE B 153 38.70 30.39 -2.06
HE2 MSE B 153 38.58 31.95 -2.36
HE3 MSE B 153 39.91 31.36 -1.72
N SER B 154 43.41 34.64 0.95
CA SER B 154 44.64 34.49 1.71
C SER B 154 44.80 35.61 2.73
N GLY B 155 44.63 36.85 2.31
CA GLY B 155 44.84 37.99 3.18
C GLY B 155 43.62 38.36 3.99
N LYS B 156 43.82 39.29 4.91
CA LYS B 156 42.69 39.86 5.65
C LYS B 156 41.81 40.65 4.69
N LEU B 157 40.50 40.50 4.85
CA LEU B 157 39.52 41.05 3.92
C LEU B 157 38.69 42.13 4.58
N SER B 158 38.49 43.22 3.87
CA SER B 158 37.53 44.24 4.27
C SER B 158 36.12 43.76 3.93
N PHE B 159 35.12 44.50 4.42
CA PHE B 159 33.75 44.20 4.07
C PHE B 159 33.54 44.29 2.56
N GLU B 160 34.09 45.33 1.93
CA GLU B 160 33.91 45.51 0.50
C GLU B 160 34.52 44.36 -0.28
N GLU B 161 35.68 43.87 0.18
CA GLU B 161 36.31 42.73 -0.47
C GLU B 161 35.52 41.45 -0.24
N TRP B 162 34.87 41.33 0.93
CA TRP B 162 34.00 40.18 1.16
C TRP B 162 32.82 40.18 0.19
N LYS B 163 32.22 41.35 -0.04
CA LYS B 163 31.16 41.47 -1.03
C LYS B 163 31.63 40.96 -2.39
N GLU B 164 32.77 41.47 -2.86
CA GLU B 164 33.24 41.12 -4.19
C GLU B 164 33.60 39.65 -4.28
N LEU B 165 34.23 39.10 -3.23
CA LEU B 165 34.57 37.69 -3.22
C LEU B 165 33.32 36.83 -3.28
N TYR B 166 32.37 37.09 -2.37
CA TYR B 166 31.13 36.33 -2.35
C TYR B 166 30.39 36.44 -3.67
N ARG B 167 30.34 37.64 -4.26
CA ARG B 167 29.73 37.79 -5.57
C ARG B 167 30.36 36.85 -6.59
N ARG B 168 31.69 36.74 -6.56
CA ARG B 168 32.36 35.93 -7.58
C ARG B 168 32.16 34.44 -7.33
N ILE B 169 32.08 34.03 -6.06
CA ILE B 169 31.78 32.64 -5.75
C ILE B 169 30.41 32.25 -6.29
N VAL B 170 29.40 33.08 -6.02
CA VAL B 170 28.06 32.82 -6.52
C VAL B 170 28.04 32.78 -8.04
N PHE B 171 28.70 33.74 -8.68
CA PHE B 171 28.74 33.75 -10.14
C PHE B 171 29.21 32.40 -10.67
N TRP B 172 30.35 31.92 -10.16
CA TRP B 172 30.86 30.63 -10.61
C TRP B 172 29.97 29.48 -10.19
N GLU B 173 29.31 29.61 -9.03
CA GLU B 173 28.38 28.58 -8.58
C GLU B 173 27.31 28.32 -9.64
N ILE B 174 26.69 29.38 -10.15
CA ILE B 174 25.67 29.22 -11.18
C ILE B 174 26.32 28.89 -12.52
N GLU B 175 27.45 29.54 -12.82
CA GLU B 175 28.10 29.32 -14.12
C GLU B 175 28.50 27.88 -14.31
N LEU B 176 28.75 27.15 -13.23
CA LEU B 176 29.24 25.78 -13.29
C LEU B 176 28.15 24.73 -13.11
N GLU B 177 26.88 25.15 -13.03
CA GLU B 177 25.80 24.18 -13.01
C GLU B 177 25.86 23.24 -14.21
N GLN B 178 26.48 23.69 -15.30
CA GLN B 178 26.53 22.93 -16.55
C GLN B 178 27.96 22.45 -16.76
N ALA B 179 28.37 21.49 -15.93
CA ALA B 179 29.73 20.98 -15.96
C ALA B 179 29.77 19.66 -15.21
N ASP B 180 30.95 19.06 -15.17
CA ASP B 180 31.12 17.79 -14.48
C ASP B 180 31.04 17.99 -12.96
N ARG B 181 30.96 16.87 -12.24
CA ARG B 181 30.86 16.92 -10.78
C ARG B 181 32.14 17.47 -10.16
N GLN B 182 33.29 16.92 -10.58
CA GLN B 182 34.55 17.33 -9.98
C GLN B 182 34.78 18.83 -10.10
N MSE B 183 34.42 19.42 -11.24
CA MSE B 183 34.54 20.86 -11.41
C MSE B 183 33.65 21.58 -10.40
O MSE B 183 33.93 22.71 -10.00
CB MSE B 183 34.18 21.28 -12.83
CG MSE B 183 35.27 21.02 -13.87
SE MSE B 183 36.98 21.88 -13.49
CE MSE B 183 36.34 23.67 -13.06
H MSE B 183 34.10 19.00 -11.92
HA MSE B 183 35.46 21.11 -11.24
HB2 MSE B 183 33.39 20.80 -13.10
HB3 MSE B 183 34.00 22.24 -12.83
HG2 MSE B 183 35.43 20.05 -13.91
HG3 MSE B 183 34.96 21.33 -14.73
HE1 MSE B 183 37.09 24.24 -12.85
HE2 MSE B 183 35.86 24.03 -13.83
HE3 MSE B 183 35.73 23.62 -12.30
N GLY B 184 32.57 20.91 -9.98
CA GLY B 184 31.70 21.47 -8.96
C GLY B 184 32.24 21.31 -7.57
N GLU B 185 33.05 20.28 -7.33
CA GLU B 185 33.60 20.04 -6.00
C GLU B 185 34.77 20.97 -5.69
N LEU B 186 35.42 21.53 -6.70
CA LEU B 186 36.46 22.52 -6.46
C LEU B 186 35.86 23.80 -5.90
N LEU B 187 34.81 24.31 -6.54
CA LEU B 187 34.13 25.50 -6.05
C LEU B 187 33.48 25.23 -4.70
N GLU B 188 32.95 24.02 -4.52
CA GLU B 188 32.35 23.66 -3.24
C GLU B 188 33.37 23.79 -2.11
N MSE B 189 34.60 23.34 -2.35
CA MSE B 189 35.66 23.49 -1.35
C MSE B 189 35.97 24.96 -1.15
O MSE B 189 36.16 25.42 -0.03
CB MSE B 189 36.93 22.75 -1.77
CG MSE B 189 37.12 21.41 -1.08
SE MSE B 189 38.93 20.66 -1.16
CE MSE B 189 39.94 22.16 -1.92
H MSE B 189 34.85 22.95 -3.08
HA MSE B 189 35.35 23.12 -0.52
HB2 MSE B 189 36.89 22.58 -2.73
HB3 MSE B 189 37.69 23.31 -1.57
HG2 MSE B 189 36.90 21.52 -0.14
HG3 MSE B 189 36.52 20.77 -1.47
HE1 MSE B 189 40.87 21.90 -2.02
HE2 MSE B 189 39.56 22.38 -2.79
HE3 MSE B 189 39.87 22.92 -1.33
N GLN B 190 36.04 25.70 -2.26
CA GLN B 190 36.26 27.15 -2.18
C GLN B 190 35.16 27.81 -1.36
N LYS B 191 33.90 27.47 -1.64
CA LYS B 191 32.79 28.06 -0.92
C LYS B 191 32.88 27.75 0.57
N GLN B 192 33.17 26.49 0.91
CA GLN B 192 33.23 26.11 2.31
C GLN B 192 34.33 26.87 3.04
N GLU B 193 35.50 27.01 2.41
CA GLU B 193 36.56 27.79 3.02
C GLU B 193 36.16 29.25 3.16
N ALA B 194 35.47 29.80 2.16
CA ALA B 194 34.98 31.17 2.25
C ALA B 194 34.04 31.32 3.44
N ASN B 195 33.14 30.35 3.63
CA ASN B 195 32.21 30.42 4.75
C ASN B 195 32.94 30.37 6.09
N ARG B 196 34.00 29.56 6.17
CA ARG B 196 34.73 29.44 7.43
C ARG B 196 35.40 30.75 7.80
N LEU B 197 36.03 31.42 6.83
CA LEU B 197 36.68 32.69 7.11
C LEU B 197 35.66 33.78 7.39
N PHE B 198 34.55 33.81 6.64
CA PHE B 198 33.53 34.82 6.86
C PHE B 198 32.93 34.70 8.26
N ALA B 199 32.71 33.48 8.72
CA ALA B 199 32.24 33.30 10.10
C ALA B 199 33.25 33.85 11.10
N ARG B 200 34.53 33.54 10.87
CA ARG B 200 35.59 34.15 11.68
C ARG B 200 35.51 35.68 11.62
N PHE B 201 35.26 36.21 10.43
CA PHE B 201 35.21 37.67 10.25
C PHE B 201 34.03 38.28 10.99
N VAL B 202 32.88 37.62 10.98
CA VAL B 202 31.70 38.15 11.66
C VAL B 202 31.92 38.13 13.17
N THR B 203 32.31 36.98 13.72
CA THR B 203 32.41 36.84 15.17
C THR B 203 33.44 37.77 15.77
N GLN B 204 34.43 38.21 14.98
CA GLN B 204 35.42 39.15 15.50
C GLN B 204 34.85 40.56 15.61
N ASN B 205 34.00 40.95 14.66
CA ASN B 205 33.61 42.34 14.48
C ASN B 205 32.16 42.64 14.79
N TYR B 206 31.32 41.62 15.00
CA TYR B 206 29.89 41.87 15.13
C TYR B 206 29.59 42.81 16.30
N ARG B 207 30.24 42.58 17.45
CA ARG B 207 29.97 43.43 18.61
C ARG B 207 30.41 44.87 18.36
N GLU B 208 31.53 45.05 17.65
CA GLU B 208 31.96 46.40 17.31
C GLU B 208 30.94 47.09 16.41
N TRP B 209 30.37 46.35 15.47
CA TRP B 209 29.45 46.95 14.50
C TRP B 209 28.22 47.51 15.19
N ILE B 210 27.70 46.81 16.19
CA ILE B 210 26.52 47.30 16.91
C ILE B 210 26.88 48.46 17.83
N ALA B 211 28.15 48.56 18.25
CA ALA B 211 28.58 49.64 19.11
C ALA B 211 29.07 50.86 18.36
N LYS B 212 29.46 50.71 17.09
CA LYS B 212 29.99 51.81 16.26
C LYS B 212 29.14 51.93 15.01
N PRO B 213 27.96 52.55 15.10
CA PRO B 213 27.13 52.69 13.89
C PRO B 213 27.79 53.52 12.80
N ASP B 214 28.53 54.56 13.15
CA ASP B 214 29.11 55.46 12.16
C ASP B 214 30.15 54.77 11.28
N THR B 215 30.76 53.69 11.77
CA THR B 215 31.82 53.01 11.04
C THR B 215 31.42 51.64 10.52
N ARG B 216 30.40 51.01 11.09
CA ARG B 216 30.03 49.66 10.69
C ARG B 216 29.57 49.63 9.24
N PRO B 217 29.58 48.46 8.61
CA PRO B 217 28.98 48.34 7.28
C PRO B 217 27.46 48.48 7.35
N THR B 218 26.86 48.64 6.18
CA THR B 218 25.41 48.77 6.10
C THR B 218 24.73 47.53 6.64
N MSE B 219 23.81 47.72 7.58
CA MSE B 219 23.07 46.60 8.14
C MSE B 219 21.56 46.86 8.15
O MSE B 219 21.11 47.93 7.75
CB MSE B 219 23.57 46.31 9.56
CG MSE B 219 25.04 45.93 9.59
SE MSE B 219 25.68 45.40 11.36
CE MSE B 219 25.11 43.54 11.33
H MSE B 219 23.59 48.49 7.90
HA MSE B 219 23.24 45.81 7.61
HB2 MSE B 219 23.44 47.10 10.10
HB3 MSE B 219 23.06 45.57 9.93
HG2 MSE B 219 25.19 45.19 8.99
HG3 MSE B 219 25.57 46.70 9.32
HE1 MSE B 219 25.36 43.11 12.16
HE2 MSE B 219 24.15 43.50 11.22
HE3 MSE B 219 25.55 43.09 10.59
N SER B 220 20.81 45.86 8.61
CA SER B 220 19.35 45.93 8.55
C SER B 220 18.77 47.25 9.03
N PRO B 221 19.14 47.78 10.21
CA PRO B 221 18.55 49.05 10.66
C PRO B 221 19.01 50.26 9.85
N ASP B 222 20.03 50.10 9.00
CA ASP B 222 20.53 51.18 8.18
C ASP B 222 20.00 51.15 6.75
N LEU B 223 19.35 50.05 6.35
CA LEU B 223 19.05 49.85 4.93
C LEU B 223 18.23 51.01 4.38
N PHE B 224 17.18 51.42 5.09
CA PHE B 224 16.27 52.41 4.53
C PHE B 224 16.95 53.78 4.41
N LYS B 225 17.68 54.21 5.43
CA LYS B 225 18.31 55.52 5.36
C LYS B 225 19.39 55.57 4.29
N GLN B 226 20.05 54.45 4.02
CA GLN B 226 21.16 54.43 3.08
C GLN B 226 20.71 54.24 1.64
N LYS B 227 19.68 53.43 1.41
CA LYS B 227 19.31 53.01 0.07
C LYS B 227 17.97 53.53 -0.42
N VAL B 228 17.10 54.01 0.46
CA VAL B 228 15.75 54.44 0.09
C VAL B 228 15.61 55.96 0.21
N PHE B 229 15.95 56.52 1.38
CA PHE B 229 15.74 57.95 1.60
C PHE B 229 16.49 58.82 0.60
N PRO B 230 17.73 58.52 0.20
CA PRO B 230 18.39 59.39 -0.78
C PRO B 230 17.64 59.47 -2.10
N LEU B 231 16.93 58.40 -2.49
CA LEU B 231 16.15 58.43 -3.72
C LEU B 231 14.92 59.31 -3.55
N LEU B 232 14.20 59.14 -2.44
CA LEU B 232 13.02 59.96 -2.19
C LEU B 232 13.41 61.42 -1.97
N ASP B 233 14.55 61.66 -1.30
CA ASP B 233 15.02 63.03 -1.13
C ASP B 233 15.28 63.69 -2.46
N ASN B 234 15.80 62.93 -3.43
CA ASN B 234 16.03 63.44 -4.78
C ASN B 234 14.76 63.45 -5.62
N GLY B 235 13.59 63.37 -4.99
CA GLY B 235 12.34 63.45 -5.72
C GLY B 235 12.01 62.24 -6.56
N GLU B 236 12.56 61.08 -6.23
CA GLU B 236 12.29 59.86 -7.00
C GLU B 236 11.18 59.06 -6.35
N LYS B 237 10.51 58.25 -7.18
CA LYS B 237 9.45 57.37 -6.75
C LYS B 237 10.01 55.96 -6.58
N VAL B 238 9.80 55.36 -5.42
CA VAL B 238 10.47 54.11 -5.05
C VAL B 238 9.43 53.06 -4.71
N PHE B 239 9.57 51.87 -5.33
CA PHE B 239 8.95 50.63 -4.87
C PHE B 239 10.01 49.88 -4.09
N PHE B 240 9.80 49.68 -2.79
CA PHE B 240 10.70 48.88 -1.96
C PHE B 240 10.12 47.47 -1.85
N ILE B 241 10.73 46.54 -2.56
CA ILE B 241 10.25 45.16 -2.63
C ILE B 241 11.19 44.30 -1.80
N LEU B 242 10.67 43.72 -0.72
CA LEU B 242 11.44 42.82 0.12
C LEU B 242 10.91 41.41 -0.09
N ILE B 243 11.71 40.58 -0.77
CA ILE B 243 11.40 39.16 -0.93
C ILE B 243 12.09 38.43 0.21
N ASP B 244 11.30 37.96 1.17
CA ASP B 244 11.85 37.31 2.35
C ASP B 244 12.67 36.09 1.93
N ASN B 245 13.83 35.94 2.58
CA ASN B 245 14.68 34.76 2.37
C ASN B 245 15.08 34.64 0.90
N PHE B 246 15.87 35.61 0.45
CA PHE B 246 16.29 35.69 -0.94
C PHE B 246 17.81 35.79 -0.98
N ARG B 247 18.46 34.70 -1.39
CA ARG B 247 19.91 34.63 -1.42
C ARG B 247 20.49 35.40 -2.61
N GLN B 248 21.79 35.68 -2.52
CA GLN B 248 22.49 36.28 -3.65
C GLN B 248 22.32 35.44 -4.90
N ASP B 249 22.47 34.12 -4.79
CA ASP B 249 22.35 33.27 -5.96
C ASP B 249 20.93 33.22 -6.50
N GLN B 250 19.93 33.56 -5.68
CA GLN B 250 18.57 33.67 -6.17
C GLN B 250 18.37 34.97 -6.94
N TRP B 251 18.96 36.07 -6.45
CA TRP B 251 18.99 37.29 -7.25
C TRP B 251 19.70 37.05 -8.58
N GLU B 252 20.87 36.41 -8.52
CA GLU B 252 21.63 36.14 -9.72
C GLU B 252 20.83 35.29 -10.72
N SER B 253 19.92 34.47 -10.22
CA SER B 253 19.13 33.59 -11.08
C SER B 253 18.02 34.33 -11.81
N VAL B 254 17.55 35.47 -11.29
CA VAL B 254 16.41 36.15 -11.87
C VAL B 254 16.78 37.45 -12.60
N LYS B 255 17.98 37.99 -12.39
CA LYS B 255 18.26 39.32 -12.90
C LYS B 255 18.21 39.37 -14.42
N SER B 256 18.36 38.22 -15.10
CA SER B 256 18.20 38.20 -16.55
C SER B 256 16.78 38.59 -16.94
N MSE B 257 15.79 38.01 -16.28
CA MSE B 257 14.38 38.32 -16.52
C MSE B 257 14.10 39.81 -16.35
O MSE B 257 13.31 40.38 -17.09
CB MSE B 257 13.49 37.53 -15.58
CG MSE B 257 12.88 36.29 -16.19
SE MSE B 257 11.89 35.25 -14.89
CE MSE B 257 13.37 34.65 -13.78
H MSE B 257 15.90 37.42 -15.66
HA MSE B 257 14.16 38.06 -17.43
HB2 MSE B 257 14.00 37.25 -14.81
HB3 MSE B 257 12.75 38.11 -15.29
HG2 MSE B 257 12.27 36.56 -16.90
HG3 MSE B 257 13.59 35.74 -16.55
HE1 MSE B 257 13.03 34.09 -13.07
HE2 MSE B 257 13.99 34.13 -14.33
HE3 MSE B 257 13.82 35.42 -13.41
N LEU B 258 14.74 40.43 -15.36
CA LEU B 258 14.49 41.82 -15.03
C LEU B 258 15.30 42.78 -15.89
N SER B 259 16.43 42.35 -16.44
CA SER B 259 17.23 43.24 -17.26
C SER B 259 16.48 43.73 -18.48
N GLU B 260 15.38 43.06 -18.85
CA GLU B 260 14.58 43.52 -19.98
C GLU B 260 13.85 44.82 -19.69
N PHE B 261 13.62 45.14 -18.42
CA PHE B 261 12.83 46.30 -18.03
C PHE B 261 13.55 47.29 -17.13
N TYR B 262 14.67 46.91 -16.52
CA TYR B 262 15.40 47.80 -15.63
C TYR B 262 16.88 47.71 -15.93
N THR B 263 17.61 48.73 -15.45
CA THR B 263 19.06 48.67 -15.28
C THR B 263 19.36 48.63 -13.78
N PHE B 264 20.44 47.97 -13.42
CA PHE B 264 20.71 47.60 -12.04
C PHE B 264 21.92 48.35 -11.49
N GLU B 265 21.84 48.71 -10.22
CA GLU B 265 23.00 49.05 -9.38
C GLU B 265 23.03 47.98 -8.29
N GLU B 266 23.79 46.92 -8.52
CA GLU B 266 23.80 45.77 -7.61
C GLU B 266 24.65 46.08 -6.39
N ASP B 267 24.24 45.53 -5.25
CA ASP B 267 24.95 45.76 -4.00
C ASP B 267 24.50 44.71 -2.99
N MSE B 268 25.17 44.70 -1.83
CA MSE B 268 24.80 43.80 -0.75
C MSE B 268 24.95 44.50 0.60
O MSE B 268 25.67 45.48 0.72
CB MSE B 268 25.70 42.55 -0.76
CG MSE B 268 25.76 41.81 -2.07
SE MSE B 268 27.03 40.33 -1.95
CE MSE B 268 27.24 39.96 -3.85
H MSE B 268 25.83 45.22 -1.66
HA MSE B 268 23.88 43.52 -0.86
HB2 MSE B 268 26.60 42.82 -0.53
HB3 MSE B 268 25.36 41.94 -0.09
HG2 MSE B 268 24.89 41.45 -2.29
HG3 MSE B 268 26.06 42.41 -2.77
HE1 MSE B 268 27.86 39.23 -3.96
HE2 MSE B 268 26.37 39.73 -4.22
HE3 MSE B 268 27.58 40.75 -4.29
N TYR B 269 24.25 43.99 1.61
CA TYR B 269 24.39 44.48 2.97
C TYR B 269 24.39 43.29 3.92
N LEU B 270 24.66 43.58 5.21
CA LEU B 270 24.72 42.54 6.23
C LEU B 270 23.42 42.53 7.03
N SER B 271 22.76 41.38 7.06
CA SER B 271 21.67 41.16 7.99
C SER B 271 22.21 41.03 9.40
N ILE B 272 21.54 41.66 10.35
CA ILE B 272 21.88 41.51 11.76
C ILE B 272 21.56 40.08 12.18
N LEU B 273 22.02 39.71 13.37
CA LEU B 273 21.71 38.40 13.92
C LEU B 273 20.61 38.52 14.97
N PRO B 274 19.69 37.53 15.07
CA PRO B 274 19.57 36.36 14.19
C PRO B 274 19.08 36.73 12.80
N THR B 275 19.50 35.97 11.78
CA THR B 275 19.03 36.19 10.41
C THR B 275 17.62 35.64 10.28
N ALA B 276 16.68 36.38 10.88
CA ALA B 276 15.28 35.99 10.92
C ALA B 276 14.42 37.23 10.85
N ALA B 277 13.22 37.08 10.28
CA ALA B 277 12.35 38.24 10.07
C ALA B 277 12.05 38.97 11.37
N GLN B 278 11.81 38.22 12.46
CA GLN B 278 11.44 38.86 13.73
C GLN B 278 12.43 39.93 14.11
N TYR B 279 13.71 39.73 13.82
CA TYR B 279 14.75 40.68 14.18
C TYR B 279 15.22 41.49 12.96
N ALA B 280 15.70 40.80 11.91
CA ALA B 280 16.27 41.51 10.78
C ALA B 280 15.23 42.34 10.04
N ARG B 281 14.06 41.76 9.78
CA ARG B 281 13.07 42.45 8.96
C ARG B 281 12.45 43.62 9.73
N ASN B 282 12.24 43.47 11.03
CA ASN B 282 11.75 44.58 11.84
C ASN B 282 12.79 45.68 11.93
N ALA B 283 14.07 45.32 11.99
CA ALA B 283 15.13 46.32 11.96
C ALA B 283 15.05 47.13 10.67
N ILE B 284 14.90 46.45 9.54
CA ILE B 284 14.77 47.13 8.25
C ILE B 284 13.72 48.22 8.31
N PHE B 285 12.47 47.83 8.62
CA PHE B 285 11.36 48.76 8.51
C PHE B 285 11.29 49.76 9.66
N SER B 286 11.89 49.47 10.80
CA SER B 286 11.94 50.43 11.90
C SER B 286 13.19 51.28 11.89
N GLY B 287 14.25 50.84 11.20
CA GLY B 287 15.51 51.55 11.25
C GLY B 287 16.19 51.47 12.59
N LEU B 288 15.79 50.53 13.44
CA LEU B 288 16.35 50.38 14.78
C LEU B 288 16.74 48.93 15.01
N MSE B 289 17.59 48.73 16.02
CA MSE B 289 17.90 47.38 16.47
C MSE B 289 16.74 46.86 17.30
O MSE B 289 16.03 47.64 17.93
CB MSE B 289 19.20 47.37 17.29
CG MSE B 289 20.46 47.72 16.51
SE MSE B 289 20.97 46.37 15.18
CE MSE B 289 21.52 44.94 16.38
H MSE B 289 17.97 49.36 16.46
HA MSE B 289 18.03 46.81 15.70
HB2 MSE B 289 19.11 48.01 18.01
HB3 MSE B 289 19.32 46.47 17.66
HG2 MSE B 289 20.31 48.55 16.03
HG3 MSE B 289 21.20 47.81 17.12
HE1 MSE B 289 21.81 44.18 15.86
HE2 MSE B 289 22.25 45.25 16.93
HE3 MSE B 289 20.76 44.68 16.94
N PRO B 290 16.55 45.53 17.31
CA PRO B 290 15.38 44.98 18.02
C PRO B 290 15.23 45.49 19.45
N LEU B 291 16.32 45.55 20.21
CA LEU B 291 16.21 46.05 21.58
C LEU B 291 15.68 47.47 21.60
N GLN B 292 16.10 48.31 20.64
CA GLN B 292 15.60 49.67 20.58
C GLN B 292 14.12 49.70 20.21
N ILE B 293 13.68 48.77 19.36
CA ILE B 293 12.26 48.69 19.04
C ILE B 293 11.47 48.43 20.32
N GLU B 294 11.96 47.53 21.17
CA GLU B 294 11.27 47.22 22.41
C GLU B 294 11.33 48.40 23.39
N LYS B 295 12.49 49.05 23.48
CA LYS B 295 12.65 50.13 24.45
C LYS B 295 11.78 51.33 24.10
N MSE B 296 11.69 51.68 22.82
CA MSE B 296 10.97 52.88 22.40
C MSE B 296 9.51 52.59 22.04
O MSE B 296 8.62 53.40 22.34
CB MSE B 296 11.67 53.53 21.21
CG MSE B 296 13.07 54.04 21.50
SE MSE B 296 13.89 54.85 19.94
CE MSE B 296 12.64 56.32 19.66
H MSE B 296 12.07 51.26 22.17
HA MSE B 296 10.98 53.52 23.13
HB2 MSE B 296 11.73 52.87 20.50
HB3 MSE B 296 11.13 54.29 20.92
HG2 MSE B 296 13.02 54.71 22.20
HG3 MSE B 296 13.62 53.30 21.78
HE1 MSE B 296 12.93 56.84 18.89
HE2 MSE B 296 11.75 55.95 19.51
HE3 MSE B 296 12.63 56.89 20.45
N PHE B 297 9.28 51.47 21.39
CA PHE B 297 7.94 51.10 20.89
C PHE B 297 7.58 49.72 21.42
N PRO B 298 7.40 49.59 22.73
CA PRO B 298 7.10 48.26 23.30
C PRO B 298 5.83 47.65 22.78
N ASP B 299 4.79 48.46 22.52
CA ASP B 299 3.53 47.93 22.02
C ASP B 299 3.66 47.36 20.61
N LEU B 300 4.68 47.77 19.85
CA LEU B 300 4.92 47.22 18.53
C LEU B 300 5.79 45.98 18.55
N TRP B 301 6.51 45.72 19.65
CA TRP B 301 7.38 44.56 19.74
C TRP B 301 6.62 43.35 20.25
N VAL B 302 6.92 42.19 19.67
CA VAL B 302 6.36 40.90 20.09
C VAL B 302 7.53 40.01 20.48
N ASP B 303 7.50 39.52 21.71
CA ASP B 303 8.64 38.77 22.23
C ASP B 303 8.62 37.33 21.73
N GLU B 304 9.67 36.59 22.08
CA GLU B 304 9.86 35.24 21.54
C GLU B 304 8.86 34.26 22.14
N GLU B 305 8.56 34.39 23.43
CA GLU B 305 7.72 33.40 24.10
C GLU B 305 6.39 33.23 23.39
N SER B 306 5.74 34.34 23.05
CA SER B 306 4.42 34.30 22.45
C SER B 306 4.45 33.51 21.13
N GLU B 307 3.26 33.09 20.69
CA GLU B 307 3.08 32.38 19.44
C GLU B 307 2.48 33.22 18.32
N GLU B 308 2.03 34.44 18.62
CA GLU B 308 1.55 35.35 17.59
C GLU B 308 2.68 35.74 16.65
N GLY B 309 2.31 36.06 15.41
CA GLY B 309 3.26 36.50 14.42
C GLY B 309 4.15 37.63 14.91
N LYS B 310 5.40 37.65 14.46
CA LYS B 310 6.40 38.60 14.94
C LYS B 310 6.60 39.79 14.02
N ASN B 311 5.98 39.80 12.83
CA ASN B 311 6.14 40.88 11.88
C ASN B 311 4.76 41.30 11.36
N LEU B 312 3.92 41.77 12.29
CA LEU B 312 2.59 42.24 11.98
C LEU B 312 2.43 43.74 12.18
N ASN B 313 3.49 44.44 12.59
CA ASN B 313 3.44 45.87 12.86
C ASN B 313 4.47 46.62 12.03
N GLU B 314 4.75 46.12 10.84
CA GLU B 314 5.80 46.73 10.02
C GLU B 314 5.34 48.06 9.42
N GLU B 315 4.05 48.23 9.16
CA GLU B 315 3.58 49.52 8.63
C GLU B 315 3.68 50.60 9.69
N PRO B 316 3.26 50.39 10.93
CA PRO B 316 3.55 51.38 11.97
C PRO B 316 5.02 51.72 12.09
N MSE B 317 5.89 50.74 12.03
CA MSE B 317 7.33 50.97 12.17
C MSE B 317 7.86 51.88 11.08
O MSE B 317 8.73 52.72 11.34
CB MSE B 317 8.08 49.64 12.14
CG MSE B 317 7.87 48.81 13.39
SE MSE B 317 8.64 47.03 13.22
CE MSE B 317 8.18 46.35 14.98
H MSE B 317 5.69 49.90 11.90
HA MSE B 317 7.49 51.38 13.03
HB2 MSE B 317 7.78 49.12 11.38
HB3 MSE B 317 9.03 49.82 12.06
HG2 MSE B 317 8.29 49.26 14.13
HG3 MSE B 317 6.92 48.71 13.55
HE1 MSE B 317 8.51 45.44 15.07
HE2 MSE B 317 8.59 46.91 15.66
HE3 MSE B 317 7.21 46.36 15.08
N ILE B 318 7.37 51.71 9.85
CA ILE B 318 7.77 52.59 8.77
C ILE B 318 7.35 54.03 9.07
N ARG B 319 6.14 54.20 9.60
CA ARG B 319 5.66 55.53 9.94
C ARG B 319 6.56 56.19 10.98
N THR B 320 7.00 55.43 11.99
CA THR B 320 7.90 55.98 12.98
C THR B 320 9.27 56.29 12.37
N LEU B 321 9.71 55.48 11.40
CA LEU B 321 10.99 55.73 10.74
C LEU B 321 10.94 57.02 9.95
N ILE B 322 9.88 57.21 9.15
CA ILE B 322 9.70 58.45 8.41
C ILE B 322 9.65 59.63 9.36
N GLU B 323 8.87 59.52 10.44
CA GLU B 323 8.75 60.61 11.39
C GLU B 323 10.08 60.87 12.10
N ARG B 324 10.79 59.81 12.48
CA ARG B 324 12.02 59.97 13.24
C ARG B 324 13.04 60.83 12.49
N TYR B 325 13.05 60.76 11.16
CA TYR B 325 13.98 61.54 10.34
C TYR B 325 13.32 62.79 9.76
N ARG B 326 12.23 63.26 10.37
CA ARG B 326 11.55 64.48 9.94
C ARG B 326 11.30 64.48 8.44
N LYS B 327 10.74 63.38 7.94
CA LYS B 327 10.38 63.25 6.54
C LYS B 327 8.86 63.28 6.38
N HIS B 328 8.43 63.50 5.15
CA HIS B 328 7.01 63.62 4.83
C HIS B 328 6.68 62.82 3.58
N TYR B 329 7.18 61.59 3.53
CA TYR B 329 6.89 60.71 2.41
C TYR B 329 5.47 60.18 2.51
N SER B 330 4.79 60.13 1.38
CA SER B 330 3.58 59.34 1.26
C SER B 330 3.97 57.90 0.94
N PHE B 331 3.39 56.94 1.66
CA PHE B 331 3.80 55.56 1.47
C PHE B 331 2.63 54.61 1.68
N SER B 332 2.78 53.42 1.11
CA SER B 332 1.87 52.30 1.29
C SER B 332 2.66 51.09 1.78
N TYR B 333 1.93 50.02 2.09
CA TYR B 333 2.55 48.79 2.58
C TYR B 333 1.61 47.64 2.28
N ASN B 334 2.14 46.58 1.65
CA ASN B 334 1.34 45.42 1.31
C ASN B 334 2.17 44.16 1.50
N LYS B 335 1.57 43.18 2.19
CA LYS B 335 2.21 41.91 2.49
C LYS B 335 1.50 40.83 1.68
N VAL B 336 2.28 40.09 0.89
CA VAL B 336 1.75 39.03 0.02
C VAL B 336 2.29 37.69 0.51
N TYR B 337 1.38 36.80 0.90
CA TYR B 337 1.72 35.41 1.17
C TYR B 337 0.76 34.48 0.45
N GLU B 338 -0.51 34.90 0.31
CA GLU B 338 -1.46 34.12 -0.47
C GLU B 338 -1.27 34.41 -1.95
N THR B 339 -1.63 33.43 -2.78
CA THR B 339 -1.59 33.63 -4.22
C THR B 339 -2.68 34.59 -4.68
N LYS B 340 -3.89 34.47 -4.10
CA LYS B 340 -5.01 35.30 -4.52
C LYS B 340 -4.73 36.77 -4.21
N PHE B 341 -4.19 37.07 -3.02
CA PHE B 341 -3.95 38.45 -2.65
C PHE B 341 -2.97 39.12 -3.61
N GLY B 342 -1.93 38.39 -4.03
CA GLY B 342 -1.00 38.95 -4.99
C GLY B 342 -1.67 39.33 -6.30
N GLU B 343 -2.60 38.49 -6.76
CA GLU B 343 -3.33 38.81 -7.99
C GLU B 343 -4.20 40.03 -7.81
N ARG B 344 -4.78 40.21 -6.62
CA ARG B 344 -5.52 41.43 -6.34
C ARG B 344 -4.61 42.65 -6.38
N LEU B 345 -3.41 42.53 -5.81
CA LEU B 345 -2.48 43.65 -5.77
C LEU B 345 -2.07 44.06 -7.19
N LEU B 346 -1.69 43.09 -8.01
CA LEU B 346 -1.32 43.40 -9.40
C LEU B 346 -2.48 44.06 -10.13
N GLY B 347 -3.70 43.54 -9.97
CA GLY B 347 -4.85 44.13 -10.63
C GLY B 347 -5.04 45.59 -10.29
N GLN B 348 -4.64 46.00 -9.08
CA GLN B 348 -4.83 47.37 -8.61
C GLN B 348 -3.51 48.12 -8.48
N ILE B 349 -2.48 47.69 -9.19
CA ILE B 349 -1.14 48.22 -8.98
C ILE B 349 -1.08 49.70 -9.33
N ARG B 350 -1.93 50.17 -10.24
CA ARG B 350 -1.89 51.57 -10.65
C ARG B 350 -2.27 52.50 -9.51
N SER B 351 -3.18 52.07 -8.64
CA SER B 351 -3.65 52.94 -7.56
C SER B 351 -2.52 53.38 -6.64
N LEU B 352 -1.40 52.65 -6.63
CA LEU B 352 -0.27 53.02 -5.80
C LEU B 352 0.56 54.15 -6.40
N SER B 353 0.16 54.67 -7.56
CA SER B 353 0.89 55.77 -8.17
C SER B 353 0.80 57.05 -7.33
N GLN B 354 -0.12 57.12 -6.38
CA GLN B 354 -0.27 58.31 -5.55
C GLN B 354 0.72 58.34 -4.39
N ASN B 355 1.64 57.39 -4.30
CA ASN B 355 2.59 57.32 -3.21
C ASN B 355 4.01 57.50 -3.73
N GLN B 356 4.85 58.17 -2.93
CA GLN B 356 6.27 58.24 -3.23
C GLN B 356 6.94 56.90 -2.97
N LEU B 357 6.53 56.22 -1.90
CA LEU B 357 7.15 54.98 -1.46
C LEU B 357 6.08 53.89 -1.39
N ASN B 358 6.34 52.77 -2.04
CA ASN B 358 5.44 51.63 -2.02
C ASN B 358 6.21 50.40 -1.57
N VAL B 359 5.88 49.92 -0.37
CA VAL B 359 6.55 48.76 0.23
C VAL B 359 5.70 47.53 -0.05
N ILE B 360 6.30 46.52 -0.64
CA ILE B 360 5.65 45.23 -0.87
C ILE B 360 6.54 44.13 -0.29
N VAL B 361 5.94 43.27 0.53
CA VAL B 361 6.65 42.15 1.15
C VAL B 361 6.11 40.86 0.52
N LEU B 362 7.02 40.05 -0.01
CA LEU B 362 6.69 38.75 -0.60
C LEU B 362 7.27 37.66 0.29
N ASN B 363 6.42 36.76 0.77
CA ASN B 363 6.82 35.74 1.73
C ASN B 363 6.98 34.35 1.14
N PHE B 364 6.59 34.13 -0.11
CA PHE B 364 6.49 32.77 -0.62
C PHE B 364 7.83 32.06 -0.63
N VAL B 365 8.90 32.77 -1.02
CA VAL B 365 10.20 32.10 -1.11
C VAL B 365 10.62 31.59 0.26
N ASP B 366 10.28 32.31 1.33
CA ASP B 366 10.60 31.82 2.66
C ASP B 366 9.73 30.60 3.00
N MSE B 367 8.44 30.69 2.74
N MSE B 367 8.43 30.69 2.77
CA MSE B 367 7.53 29.56 2.96
CA MSE B 367 7.55 29.56 3.03
C MSE B 367 8.04 28.36 2.18
C MSE B 367 8.01 28.35 2.24
O MSE B 367 8.10 27.24 2.71
O MSE B 367 8.02 27.23 2.74
CB MSE B 367 6.11 29.92 2.51
CB MSE B 367 6.10 29.92 2.68
CG MSE B 367 5.52 31.16 3.17
CG MSE B 367 5.50 31.03 3.52
SE MSE B 367 3.60 31.39 2.93
SE MSE B 367 5.59 30.68 5.44
CE MSE B 367 3.47 31.20 1.00
CE MSE B 367 4.33 29.20 5.54
H MSE B 367 8.05 31.39 2.44
H MSE B 367 8.04 31.39 2.44
HA MSE B 367 7.51 29.35 3.90
HA MSE B 367 7.59 29.36 3.98
HB2 MSE B 367 6.11 30.07 1.55
HB2 MSE B 367 6.07 30.19 1.75
HB3 MSE B 367 5.53 29.17 2.73
HB3 MSE B 367 5.56 29.12 2.81
HG2 MSE B 367 5.71 31.11 4.13
HG2 MSE B 367 5.99 31.85 3.34
HG3 MSE B 367 5.97 31.94 2.80
HG3 MSE B 367 4.57 31.14 3.27
HE1 MSE B 367 2.54 31.29 0.74
HE1 MSE B 367 4.26 28.90 6.46
HE2 MSE B 367 4.00 31.88 0.58
HE2 MSE B 367 3.46 29.49 5.22
HE3 MSE B 367 3.80 30.31 0.75
HE3 MSE B 367 4.66 28.47 4.99
N MSE B 368 8.42 28.58 0.92
N MSE B 368 8.39 28.59 0.99
CA MSE B 368 8.96 27.54 0.08
CA MSE B 368 8.90 27.53 0.13
C MSE B 368 10.23 26.96 0.69
C MSE B 368 10.20 26.97 0.67
O MSE B 368 10.43 25.75 0.72
O MSE B 368 10.42 25.76 0.66
CB MSE B 368 9.23 28.07 -1.33
CB MSE B 368 9.09 28.05 -1.30
CG MSE B 368 9.82 27.03 -2.28
CG MSE B 368 9.64 27.01 -2.25
SE MSE B 368 9.98 27.69 -4.11
SE MSE B 368 11.56 27.19 -2.47
CE MSE B 368 11.32 29.08 -3.82
CE MSE B 368 12.08 25.32 -2.49
H MSE B 368 8.36 29.36 0.54
H MSE B 368 8.37 29.36 0.62
HA MSE B 368 8.31 26.83 0.00
HA MSE B 368 8.23 26.82 0.09
HB2 MSE B 368 8.40 28.39 -1.71
HB2 MSE B 368 8.24 28.36 -1.64
HB3 MSE B 368 9.87 28.80 -1.26
HB3 MSE B 368 9.72 28.79 -1.26
HG2 MSE B 368 10.70 26.78 -1.97
HG2 MSE B 368 9.45 26.13 -1.91
HG3 MSE B 368 9.24 26.25 -2.29
HG3 MSE B 368 9.23 27.12 -3.13
HE1 MSE B 368 11.51 29.51 -4.67
HE1 MSE B 368 13.04 25.26 -2.59
HE2 MSE B 368 10.97 29.73 -3.20
HE2 MSE B 368 11.81 24.91 -1.65
HE3 MSE B 368 12.13 28.68 -3.48
HE3 MSE B 368 11.64 24.88 -3.23
N SER B 369 11.11 27.85 1.17
N SER B 369 11.06 27.86 1.17
CA SER B 369 12.36 27.41 1.77
CA SER B 369 12.33 27.41 1.75
C SER B 369 12.11 26.53 2.98
C SER B 369 12.09 26.52 2.97
N HIS B 370 11.16 26.92 3.83
CA HIS B 370 10.83 26.08 4.99
C HIS B 370 10.20 24.77 4.56
N ALA B 371 9.42 24.77 3.48
CA ALA B 371 8.77 23.55 3.02
C ALA B 371 9.77 22.51 2.55
N ARG B 372 11.00 22.91 2.25
CA ARG B 372 12.05 21.96 1.94
C ARG B 372 12.28 20.96 3.06
N THR B 373 11.73 21.22 4.25
CA THR B 373 11.90 20.35 5.41
C THR B 373 10.73 19.36 5.57
N ASP B 374 9.50 19.85 5.51
CA ASP B 374 8.33 19.07 5.90
C ASP B 374 7.37 18.81 4.75
N SER B 375 7.77 19.05 3.51
CA SER B 375 6.92 18.85 2.34
C SER B 375 7.64 17.93 1.37
N LYS B 376 7.13 16.70 1.21
CA LYS B 376 7.75 15.76 0.29
C LYS B 376 7.70 16.26 -1.14
N MSE B 377 6.85 17.24 -1.43
CA MSE B 377 6.84 17.87 -2.74
C MSE B 377 8.10 18.70 -2.97
O MSE B 377 8.79 18.53 -3.97
CB MSE B 377 5.61 18.77 -2.89
CG MSE B 377 4.31 18.02 -3.11
SE MSE B 377 4.37 16.96 -4.75
CE MSE B 377 4.67 18.40 -6.01
H MSE B 377 6.28 17.56 -0.88
HA MSE B 377 6.78 17.19 -3.42
HB2 MSE B 377 5.51 19.30 -2.07
HB3 MSE B 377 5.74 19.36 -3.64
HG2 MSE B 377 4.16 17.42 -2.37
HG3 MSE B 377 3.59 18.65 -3.19
HE1 MSE B 377 4.72 18.03 -6.91
HE2 MSE B 377 3.93 19.03 -5.95
HE3 MSE B 377 5.50 18.86 -5.79
N ILE B 378 8.39 19.58 -2.01
CA ILE B 378 9.55 20.46 -2.15
C ILE B 378 10.86 19.72 -1.90
N ARG B 379 10.84 18.60 -1.18
CA ARG B 379 12.04 17.77 -1.09
C ARG B 379 12.47 17.29 -2.47
N GLU B 380 11.50 16.95 -3.32
CA GLU B 380 11.81 16.58 -4.69
C GLU B 380 12.13 17.81 -5.53
N LEU B 381 11.23 18.79 -5.54
CA LEU B 381 11.36 19.91 -6.46
C LEU B 381 12.56 20.80 -6.12
N ALA B 382 13.00 20.82 -4.87
CA ALA B 382 14.16 21.61 -4.45
C ALA B 382 15.16 20.72 -3.73
N SER B 383 15.46 19.56 -4.33
CA SER B 383 16.32 18.58 -3.68
C SER B 383 17.70 19.14 -3.43
N ASN B 384 18.25 19.88 -4.38
CA ASN B 384 19.57 20.48 -4.26
C ASN B 384 19.49 21.98 -4.53
N GLU B 385 20.59 22.67 -4.28
CA GLU B 385 20.61 24.12 -4.46
C GLU B 385 20.25 24.50 -5.89
N ALA B 386 20.79 23.76 -6.87
CA ALA B 386 20.45 24.05 -8.26
C ALA B 386 18.94 23.99 -8.50
N ALA B 387 18.29 22.96 -7.93
CA ALA B 387 16.84 22.87 -8.05
C ALA B 387 16.14 23.99 -7.30
N TYR B 388 16.70 24.39 -6.16
CA TYR B 388 16.15 25.51 -5.41
C TYR B 388 16.14 26.79 -6.25
N ARG B 389 17.22 27.02 -7.00
CA ARG B 389 17.28 28.20 -7.87
C ARG B 389 16.31 28.07 -9.02
N SER B 390 16.29 26.90 -9.68
CA SER B 390 15.37 26.69 -10.80
C SER B 390 13.93 26.91 -10.35
N LEU B 391 13.61 26.51 -9.12
CA LEU B 391 12.25 26.64 -8.62
C LEU B 391 11.94 28.09 -8.27
N THR B 392 12.94 28.85 -7.85
CA THR B 392 12.75 30.28 -7.61
C THR B 392 12.52 31.02 -8.92
N LYS B 393 13.18 30.58 -9.99
CA LYS B 393 13.02 31.23 -11.29
C LYS B 393 11.61 31.03 -11.83
N SER B 394 11.09 29.80 -11.75
CA SER B 394 9.76 29.55 -12.28
C SER B 394 8.69 30.28 -11.47
N TRP B 395 8.84 30.31 -10.14
CA TRP B 395 7.92 31.10 -9.32
C TRP B 395 7.94 32.55 -9.76
N PHE B 396 9.13 33.15 -9.74
CA PHE B 396 9.28 34.55 -10.16
C PHE B 396 8.57 34.80 -11.47
N LYS B 397 8.76 33.90 -12.44
CA LYS B 397 8.24 34.13 -13.78
C LYS B 397 6.72 33.96 -13.82
N HIS B 398 6.22 32.82 -13.33
CA HIS B 398 4.84 32.43 -13.57
C HIS B 398 3.89 32.83 -12.45
N SER B 399 4.40 33.37 -11.34
CA SER B 399 3.56 33.98 -10.35
C SER B 399 3.32 35.45 -10.71
N THR B 400 2.56 36.15 -9.89
CA THR B 400 2.30 37.56 -10.15
C THR B 400 3.54 38.42 -10.04
N THR B 401 4.62 37.90 -9.45
CA THR B 401 5.81 38.71 -9.23
C THR B 401 6.34 39.28 -10.54
N TYR B 402 6.45 38.45 -11.58
CA TYR B 402 6.97 38.92 -12.85
C TYR B 402 6.17 40.10 -13.37
N ASN B 403 4.85 39.95 -13.46
CA ASN B 403 4.01 41.03 -13.97
C ASN B 403 3.92 42.20 -13.00
N LEU B 404 4.32 41.99 -11.74
CA LEU B 404 4.37 43.10 -10.79
C LEU B 404 5.53 44.04 -11.13
N PHE B 405 6.74 43.51 -11.27
CA PHE B 405 7.87 44.33 -11.70
C PHE B 405 7.60 44.95 -13.06
N ARG B 406 7.02 44.17 -13.98
CA ARG B 406 6.61 44.71 -15.27
C ARG B 406 5.78 45.97 -15.10
N SER B 407 4.72 45.89 -14.29
CA SER B 407 3.83 47.03 -14.11
C SER B 407 4.54 48.19 -13.43
N ILE B 408 5.41 47.90 -12.46
CA ILE B 408 6.09 48.96 -11.72
C ILE B 408 6.99 49.77 -12.64
N ALA B 409 7.72 49.08 -13.53
CA ALA B 409 8.58 49.79 -14.48
C ALA B 409 7.76 50.73 -15.36
N GLU B 410 6.64 50.23 -15.88
CA GLU B 410 5.77 51.05 -16.71
C GLU B 410 5.22 52.26 -15.95
N MSE B 411 5.20 52.20 -14.63
CA MSE B 411 4.73 53.31 -13.81
C MSE B 411 5.86 54.27 -13.49
O MSE B 411 5.73 55.13 -12.61
CB MSE B 411 4.09 52.79 -12.52
CG MSE B 411 2.73 52.11 -12.72
SE MSE B 411 2.21 50.93 -11.26
CE MSE B 411 2.34 52.20 -9.77
H MSE B 411 5.45 51.52 -14.17
HA MSE B 411 4.04 53.79 -14.31
HB2 MSE B 411 4.69 52.14 -12.11
HB3 MSE B 411 3.95 53.54 -11.91
HG2 MSE B 411 2.06 52.79 -12.82
HG3 MSE B 411 2.78 51.58 -13.53
HE1 MSE B 411 2.10 51.74 -8.95
HE2 MSE B 411 3.25 52.52 -9.71
HE3 MSE B 411 1.73 52.93 -9.93
N GLY B 412 6.97 54.13 -14.20
CA GLY B 412 8.10 55.02 -14.00
C GLY B 412 8.68 55.00 -12.60
N TYR B 413 8.45 53.93 -11.85
CA TYR B 413 8.93 53.83 -10.48
C TYR B 413 10.31 53.19 -10.43
N LYS B 414 11.16 53.72 -9.55
CA LYS B 414 12.43 53.08 -9.23
C LYS B 414 12.20 52.01 -8.18
N VAL B 415 12.86 50.86 -8.36
CA VAL B 415 12.66 49.70 -7.49
C VAL B 415 13.91 49.48 -6.66
N VAL B 416 13.70 49.19 -5.38
CA VAL B 416 14.75 48.75 -4.49
C VAL B 416 14.39 47.33 -4.06
N LEU B 417 14.99 46.35 -4.71
CA LEU B 417 14.73 44.94 -4.41
C LEU B 417 15.77 44.42 -3.43
N THR B 418 15.29 43.85 -2.33
CA THR B 418 16.19 43.35 -1.29
C THR B 418 15.48 42.24 -0.53
N THR B 419 16.05 41.88 0.62
CA THR B 419 15.55 40.79 1.44
C THR B 419 15.95 41.03 2.89
N ASP B 420 15.46 40.16 3.77
CA ASP B 420 15.82 40.24 5.18
C ASP B 420 16.94 39.29 5.57
N HIS B 421 17.18 38.25 4.79
CA HIS B 421 18.24 37.29 5.08
C HIS B 421 18.20 36.25 3.97
N GLY B 422 19.24 35.42 3.94
CA GLY B 422 19.28 34.27 3.08
C GLY B 422 18.98 33.00 3.83
N THR B 423 19.55 31.89 3.34
CA THR B 423 19.43 30.60 3.99
C THR B 423 20.57 29.71 3.51
N ILE B 424 20.86 28.68 4.29
CA ILE B 424 21.99 27.80 4.03
C ILE B 424 21.57 26.36 4.21
N GLN B 425 22.06 25.48 3.33
CA GLN B 425 21.82 24.05 3.46
C GLN B 425 22.69 23.50 4.57
N VAL B 426 22.05 23.03 5.65
CA VAL B 426 22.79 22.58 6.82
C VAL B 426 23.26 21.14 6.61
N LYS B 427 24.29 20.77 7.37
CA LYS B 427 24.97 19.49 7.16
C LYS B 427 25.30 18.77 8.47
N ASN B 428 25.96 19.47 9.39
CA ASN B 428 26.53 18.83 10.56
C ASN B 428 25.77 19.24 11.81
N PRO B 429 25.41 18.32 12.69
CA PRO B 429 24.69 18.70 13.91
C PRO B 429 25.62 19.25 14.98
N VAL B 430 25.04 20.07 15.86
CA VAL B 430 25.72 20.60 17.04
C VAL B 430 24.81 20.31 18.22
N LYS B 431 25.25 19.44 19.12
CA LYS B 431 24.43 19.07 20.26
C LYS B 431 24.14 20.30 21.12
N VAL B 432 22.90 20.40 21.58
CA VAL B 432 22.47 21.45 22.48
C VAL B 432 21.38 20.91 23.38
N ILE B 433 21.47 21.19 24.68
CA ILE B 433 20.44 20.84 25.65
C ILE B 433 19.75 22.13 26.06
N GLY B 434 18.43 22.17 25.94
CA GLY B 434 17.67 23.36 26.24
C GLY B 434 16.53 23.11 27.21
N ASP B 435 15.31 23.27 26.74
CA ASP B 435 14.13 23.11 27.58
C ASP B 435 12.91 23.19 26.66
N ARG B 436 11.75 22.82 27.21
CA ARG B 436 10.52 23.02 26.46
C ARG B 436 10.33 24.49 26.11
N SER B 437 10.79 25.39 26.97
CA SER B 437 10.67 26.82 26.69
C SER B 437 11.62 27.25 25.60
N THR B 438 12.74 26.56 25.45
CA THR B 438 13.70 26.91 24.41
C THR B 438 13.04 26.85 23.03
N ASN B 439 13.45 27.76 22.15
CA ASN B 439 12.86 27.88 20.83
C ASN B 439 13.23 26.66 19.98
N THR B 440 12.71 26.66 18.75
CA THR B 440 12.86 25.53 17.83
C THR B 440 13.72 25.86 16.62
N ASN B 441 14.16 27.11 16.46
CA ASN B 441 15.00 27.46 15.32
C ASN B 441 16.27 26.61 15.34
N LEU B 442 16.69 26.14 14.17
CA LEU B 442 17.82 25.25 14.07
C LEU B 442 19.17 25.96 14.06
N ARG B 443 19.20 27.26 13.80
CA ARG B 443 20.45 28.01 13.64
C ARG B 443 20.76 28.95 14.79
N TYR B 444 19.87 29.05 15.78
CA TYR B 444 20.14 29.88 16.95
C TYR B 444 19.17 29.49 18.05
N LYS B 445 19.61 29.70 19.29
CA LYS B 445 18.82 29.35 20.47
C LYS B 445 18.81 30.50 21.46
N ILE B 446 17.74 30.58 22.24
CA ILE B 446 17.60 31.53 23.32
C ILE B 446 17.23 30.74 24.57
N GLY B 447 17.99 30.93 25.64
CA GLY B 447 17.76 30.13 26.82
C GLY B 447 18.44 30.61 28.08
N LYS B 448 17.72 30.53 29.20
CA LYS B 448 18.30 30.82 30.50
C LYS B 448 19.44 29.86 30.81
N ASN B 449 19.21 28.55 30.61
CA ASN B 449 20.17 27.50 30.96
C ASN B 449 20.34 26.60 29.74
N LEU B 450 21.25 26.99 28.85
CA LEU B 450 21.58 26.21 27.67
C LEU B 450 22.91 25.49 27.88
N ASP B 451 22.95 24.21 27.51
CA ASP B 451 24.16 23.41 27.55
C ASP B 451 24.59 23.11 26.12
N TYR B 452 25.88 23.35 25.84
CA TYR B 452 26.41 23.24 24.49
C TYR B 452 27.92 23.29 24.58
N ASN B 453 28.58 23.02 23.45
CA ASN B 453 30.03 23.15 23.36
C ASN B 453 30.35 24.55 22.86
N PRO B 454 30.87 25.46 23.70
CA PRO B 454 31.07 26.85 23.24
C PRO B 454 31.91 26.97 21.99
N LYS B 455 32.77 25.99 21.69
CA LYS B 455 33.58 26.07 20.48
C LYS B 455 32.76 25.83 19.22
N GLU B 456 31.55 25.27 19.36
CA GLU B 456 30.70 24.98 18.21
C GLU B 456 29.66 26.06 17.95
N VAL B 457 29.64 27.14 18.73
CA VAL B 457 28.67 28.21 18.54
C VAL B 457 29.35 29.56 18.75
N PHE B 458 28.58 30.61 18.47
CA PHE B 458 28.99 32.00 18.71
C PHE B 458 28.21 32.49 19.92
N GLU B 459 28.91 32.65 21.05
CA GLU B 459 28.25 32.93 22.32
C GLU B 459 27.94 34.41 22.43
N ILE B 460 26.66 34.73 22.62
CA ILE B 460 26.24 36.07 23.03
C ILE B 460 25.64 35.96 24.43
N LYS B 461 26.49 36.11 25.44
CA LYS B 461 26.02 36.16 26.82
C LYS B 461 25.42 37.51 27.17
N ASP B 462 25.64 38.54 26.34
CA ASP B 462 25.19 39.90 26.60
C ASP B 462 24.32 40.34 25.42
N PRO B 463 23.08 39.85 25.34
CA PRO B 463 22.25 40.20 24.17
C PRO B 463 22.08 41.69 23.97
N ALA B 464 22.03 42.47 25.05
CA ALA B 464 21.86 43.92 24.92
C ALA B 464 23.05 44.54 24.21
N SER B 465 24.25 44.00 24.39
CA SER B 465 25.43 44.54 23.74
C SER B 465 25.36 44.40 22.22
N VAL B 466 24.56 43.48 21.71
CA VAL B 466 24.31 43.33 20.29
C VAL B 466 22.88 43.75 19.93
N GLY B 467 22.25 44.57 20.77
CA GLY B 467 20.94 45.13 20.47
C GLY B 467 19.82 44.12 20.39
N LEU B 468 19.77 43.16 21.30
CA LEU B 468 18.76 42.12 21.29
C LEU B 468 17.98 42.11 22.60
N PRO B 469 16.66 42.03 22.57
CA PRO B 469 15.89 41.89 23.81
C PRO B 469 15.79 40.44 24.25
N HIS B 470 15.24 40.24 25.44
CA HIS B 470 15.05 38.89 25.95
C HIS B 470 14.07 38.94 27.12
N ASN B 471 13.49 37.78 27.43
CA ASN B 471 12.43 37.71 28.42
C ASN B 471 12.97 37.59 29.83
N ASN B 472 14.12 36.94 30.00
CA ASN B 472 14.73 36.73 31.30
C ASN B 472 16.12 37.34 31.32
N LEU B 473 16.51 37.85 32.49
CA LEU B 473 17.76 38.59 32.59
C LEU B 473 18.97 37.68 32.35
N SER B 474 18.86 36.39 32.67
CA SER B 474 19.95 35.45 32.47
C SER B 474 19.95 34.84 31.08
N ASP B 475 19.03 35.23 30.20
CA ASP B 475 18.98 34.67 28.86
C ASP B 475 20.25 34.99 28.10
N LYS B 476 20.55 34.14 27.12
CA LYS B 476 21.67 34.34 26.21
C LYS B 476 21.27 33.88 24.82
N PHE B 477 22.10 34.22 23.84
CA PHE B 477 21.94 33.78 22.46
C PHE B 477 23.15 32.96 22.06
N ILE B 478 22.91 31.91 21.27
CA ILE B 478 23.97 31.15 20.63
C ILE B 478 23.58 30.93 19.17
N PHE B 479 24.57 30.95 18.29
CA PHE B 479 24.36 30.87 16.85
C PHE B 479 25.28 29.82 16.25
N THR B 480 24.76 29.05 15.32
CA THR B 480 25.60 28.14 14.55
C THR B 480 26.26 28.90 13.41
N LYS B 481 27.42 28.39 13.00
CA LYS B 481 28.19 28.97 11.91
C LYS B 481 28.24 27.98 10.76
N GLU B 482 28.54 28.48 9.57
CA GLU B 482 28.68 27.62 8.41
C GLU B 482 27.44 26.76 8.24
N ASP B 483 27.62 25.50 7.83
CA ASP B 483 26.51 24.60 7.56
C ASP B 483 26.16 23.72 8.76
N ASP B 484 26.31 24.24 9.97
CA ASP B 484 25.94 23.53 11.18
C ASP B 484 24.48 23.80 11.56
N PHE B 485 23.91 22.89 12.34
CA PHE B 485 22.56 23.07 12.83
C PHE B 485 22.41 22.42 14.20
N PHE B 486 21.59 23.05 15.04
CA PHE B 486 21.37 22.55 16.39
C PHE B 486 20.51 21.29 16.37
N ALA B 487 20.86 20.33 17.22
CA ALA B 487 20.13 19.09 17.36
C ALA B 487 20.02 18.75 18.84
N TYR B 488 18.80 18.43 19.29
CA TYR B 488 18.61 18.09 20.68
C TYR B 488 18.95 16.62 20.93
N PRO B 489 19.38 16.28 22.15
CA PRO B 489 19.87 14.91 22.38
C PRO B 489 18.80 13.83 22.24
N ASN B 490 17.57 14.11 22.66
CA ASN B 490 16.53 13.08 22.64
C ASN B 490 16.12 12.78 21.21
N ASN B 491 16.23 11.52 20.82
CA ASN B 491 16.04 11.09 19.43
C ASN B 491 16.99 11.85 18.50
N TYR B 492 18.19 12.11 19.01
CA TYR B 492 19.22 12.81 18.23
C TYR B 492 19.40 12.17 16.85
N ASN B 493 19.43 10.84 16.79
CA ASN B 493 19.69 10.17 15.53
C ASN B 493 18.57 10.43 14.51
N TYR B 494 17.32 10.47 14.97
CA TYR B 494 16.22 10.68 14.03
C TYR B 494 16.22 12.10 13.48
N TYR B 495 16.36 13.10 14.36
CA TYR B 495 16.28 14.48 13.92
C TYR B 495 17.50 14.91 13.13
N VAL B 496 18.67 14.33 13.43
CA VAL B 496 19.86 14.61 12.64
C VAL B 496 19.62 14.27 11.17
N GLN B 497 19.18 13.04 10.91
CA GLN B 497 18.97 12.62 9.52
C GLN B 497 17.77 13.32 8.91
N TYR B 498 16.80 13.74 9.73
CA TYR B 498 15.63 14.42 9.21
C TYR B 498 15.96 15.85 8.77
N TYR B 499 16.71 16.58 9.58
CA TYR B 499 17.04 17.95 9.27
C TYR B 499 18.27 18.10 8.39
N ARG B 500 19.10 17.06 8.27
CA ARG B 500 20.27 17.14 7.42
C ARG B 500 19.86 17.41 5.98
N ASN B 501 20.55 18.34 5.32
CA ASN B 501 20.35 18.74 3.93
C ASN B 501 19.11 19.60 3.72
N THR B 502 18.53 20.17 4.77
CA THR B 502 17.42 21.11 4.64
C THR B 502 17.95 22.54 4.66
N PHE B 503 17.07 23.47 4.29
CA PHE B 503 17.40 24.89 4.30
C PHE B 503 16.98 25.51 5.64
N GLN B 504 17.92 26.17 6.29
CA GLN B 504 17.67 26.80 7.58
C GLN B 504 18.35 28.15 7.62
N HIS B 505 17.73 29.10 8.34
CA HIS B 505 18.27 30.43 8.47
C HIS B 505 18.16 30.88 9.92
N GLY B 506 18.92 31.91 10.25
CA GLY B 506 19.03 32.41 11.61
C GLY B 506 20.45 32.43 12.16
N GLY B 507 21.42 31.84 11.45
CA GLY B 507 22.77 31.77 11.91
C GLY B 507 23.73 32.61 11.10
N ILE B 508 25.00 32.25 11.17
CA ILE B 508 26.10 33.01 10.57
C ILE B 508 26.58 32.26 9.34
N SER B 509 26.54 32.92 8.19
CA SER B 509 27.05 32.35 6.95
C SER B 509 26.94 33.41 5.86
N LEU B 510 27.68 33.20 4.77
CA LEU B 510 27.63 34.13 3.65
C LEU B 510 26.24 34.13 3.03
N GLU B 511 25.62 32.96 2.91
CA GLU B 511 24.28 32.89 2.33
C GLU B 511 23.25 33.61 3.20
N GLU B 512 23.35 33.43 4.52
CA GLU B 512 22.35 34.02 5.41
C GLU B 512 22.52 35.53 5.51
N MSE B 513 23.73 36.00 5.78
CA MSE B 513 23.95 37.38 6.18
C MSE B 513 24.24 38.34 5.03
O MSE B 513 23.75 39.45 5.01
CB MSE B 513 25.10 37.46 7.18
CG MSE B 513 24.81 36.81 8.51
SE MSE B 513 26.21 37.15 9.81
CE MSE B 513 25.64 38.92 10.44
H MSE B 513 24.45 35.52 5.74
HA MSE B 513 23.15 37.70 6.63
HB2 MSE B 513 25.87 37.01 6.79
HB3 MSE B 513 25.31 38.39 7.34
HG2 MSE B 513 23.98 37.17 8.85
HG3 MSE B 513 24.75 35.85 8.38
HE1 MSE B 513 26.26 39.23 11.11
HE2 MSE B 513 25.63 39.53 9.69
HE3 MSE B 513 24.74 38.84 10.82
N LEU B 514 25.06 37.90 4.08
CA LEU B 514 25.50 38.77 2.99
C LEU B 514 24.44 38.67 1.90
N VAL B 515 23.52 39.63 1.88
CA VAL B 515 22.29 39.52 1.11
C VAL B 515 22.22 40.69 0.13
N PRO B 516 21.46 40.55 -0.96
CA PRO B 516 21.45 41.58 -2.00
C PRO B 516 20.50 42.73 -1.72
N VAL B 517 20.90 43.90 -2.20
CA VAL B 517 20.01 45.06 -2.29
C VAL B 517 20.25 45.73 -3.64
N ILE B 518 19.31 45.55 -4.55
CA ILE B 518 19.44 46.06 -5.91
C ILE B 518 18.59 47.33 -6.05
N THR B 519 19.19 48.37 -6.61
CA THR B 519 18.47 49.57 -7.00
C THR B 519 18.28 49.56 -8.51
N MSE B 520 17.01 49.58 -8.94
CA MSE B 520 16.69 49.38 -10.35
C MSE B 520 16.00 50.60 -10.95
O MSE B 520 15.07 51.16 -10.36
CB MSE B 520 15.78 48.16 -10.51
CG MSE B 520 16.15 46.99 -9.61
SE MSE B 520 15.39 45.29 -10.23
CE MSE B 520 13.54 45.83 -10.42
H MSE B 520 16.33 49.71 -8.43
HA MSE B 520 17.50 49.21 -10.84
HB2 MSE B 520 14.87 48.41 -10.31
HB3 MSE B 520 15.84 47.85 -11.43
HG2 MSE B 520 17.12 46.89 -9.59
HG3 MSE B 520 15.81 47.16 -8.72
HE1 MSE B 520 13.02 45.07 -10.74
HE2 MSE B 520 13.21 46.12 -9.57
HE3 MSE B 520 13.48 46.55 -11.07
N GLN B 521 16.46 51.00 -12.13
CA GLN B 521 15.89 52.10 -12.89
C GLN B 521 15.15 51.54 -14.10
N PRO B 522 13.89 51.92 -14.33
CA PRO B 522 13.19 51.43 -15.54
C PRO B 522 13.88 51.88 -16.82
N LYS B 523 13.95 50.97 -17.78
CA LYS B 523 14.55 51.27 -19.07
C LYS B 523 13.70 52.27 -19.84
N ARG C 11 -32.01 -47.80 29.00
CA ARG C 11 -31.07 -48.61 28.25
C ARG C 11 -29.75 -48.75 29.02
N PRO C 12 -29.46 -49.95 29.53
CA PRO C 12 -28.21 -50.12 30.29
C PRO C 12 -27.01 -50.15 29.37
N TYR C 13 -25.87 -49.75 29.92
CA TYR C 13 -24.64 -49.76 29.15
C TYR C 13 -24.16 -51.19 28.96
N THR C 14 -23.67 -51.49 27.76
CA THR C 14 -23.17 -52.82 27.44
C THR C 14 -21.65 -52.84 27.56
N VAL C 15 -21.14 -53.93 28.15
CA VAL C 15 -19.72 -54.10 28.43
C VAL C 15 -19.25 -55.40 27.80
N LEU C 16 -18.29 -55.32 26.90
CA LEU C 16 -17.59 -56.49 26.39
C LEU C 16 -16.31 -56.68 27.21
N TRP C 17 -16.15 -57.88 27.77
CA TRP C 17 -14.99 -58.18 28.62
C TRP C 17 -14.33 -59.43 28.10
N ALA C 18 -13.10 -59.28 27.61
CA ALA C 18 -12.31 -60.40 27.09
C ALA C 18 -11.20 -60.69 28.09
N ASP C 19 -11.13 -61.94 28.53
CA ASP C 19 -10.09 -62.36 29.46
C ASP C 19 -10.04 -63.89 29.47
N ASP C 20 -8.85 -64.43 29.22
CA ASP C 20 -8.68 -65.89 29.26
C ASP C 20 -9.04 -66.45 30.63
N GLU C 21 -8.89 -65.67 31.69
CA GLU C 21 -9.22 -66.09 33.05
C GLU C 21 -10.49 -65.39 33.54
N ILE C 22 -11.50 -65.29 32.67
CA ILE C 22 -12.71 -64.54 33.01
C ILE C 22 -13.43 -65.16 34.20
N ASP C 23 -13.17 -66.43 34.50
CA ASP C 23 -13.83 -67.06 35.63
C ASP C 23 -13.38 -66.46 36.96
N LEU C 24 -12.14 -65.99 37.03
CA LEU C 24 -11.64 -65.35 38.24
C LEU C 24 -12.25 -63.97 38.45
N LEU C 25 -12.89 -63.41 37.43
CA LEU C 25 -13.51 -62.09 37.51
C LEU C 25 -15.02 -62.18 37.74
N LYS C 26 -15.53 -63.37 38.04
CA LYS C 26 -16.95 -63.54 38.31
C LYS C 26 -17.47 -62.61 39.40
N PRO C 27 -16.76 -62.39 40.51
CA PRO C 27 -17.26 -61.42 41.50
C PRO C 27 -17.37 -60.01 40.94
N HIS C 28 -16.37 -59.59 40.16
CA HIS C 28 -16.42 -58.26 39.54
C HIS C 28 -17.61 -58.16 38.60
N ILE C 29 -17.86 -59.20 37.80
CA ILE C 29 -18.92 -59.15 36.80
C ILE C 29 -20.28 -59.10 37.47
N LEU C 30 -20.43 -59.79 38.60
CA LEU C 30 -21.70 -59.73 39.33
C LEU C 30 -21.87 -58.36 39.98
N PHE C 31 -20.78 -57.75 40.43
CA PHE C 31 -20.86 -56.42 41.00
C PHE C 31 -21.38 -55.42 39.98
N LEU C 32 -20.79 -55.43 38.78
CA LEU C 32 -21.23 -54.51 37.73
C LEU C 32 -22.65 -54.78 37.30
N GLU C 33 -23.10 -56.03 37.36
CA GLU C 33 -24.44 -56.37 36.88
C GLU C 33 -25.52 -55.91 37.85
N GLN C 34 -25.19 -55.77 39.14
CA GLN C 34 -26.13 -55.13 40.06
C GLN C 34 -26.16 -53.62 39.84
N LYS C 35 -25.05 -53.05 39.40
CA LYS C 35 -24.98 -51.63 39.08
C LYS C 35 -25.64 -51.29 37.74
N GLY C 36 -26.18 -52.27 37.03
CA GLY C 36 -26.96 -52.02 35.83
C GLY C 36 -26.23 -52.24 34.53
N TYR C 37 -25.04 -52.82 34.54
CA TYR C 37 -24.25 -53.04 33.34
C TYR C 37 -24.48 -54.45 32.82
N GLN C 38 -24.77 -54.56 31.52
CA GLN C 38 -24.77 -55.86 30.84
C GLN C 38 -23.36 -56.20 30.40
N VAL C 39 -22.82 -57.30 30.90
CA VAL C 39 -21.46 -57.73 30.60
C VAL C 39 -21.53 -58.94 29.69
N THR C 40 -20.72 -58.93 28.63
CA THR C 40 -20.62 -60.05 27.70
C THR C 40 -19.20 -60.61 27.80
N PRO C 41 -18.99 -61.74 28.47
CA PRO C 41 -17.63 -62.27 28.61
C PRO C 41 -17.20 -63.07 27.39
N VAL C 42 -15.94 -62.88 27.00
CA VAL C 42 -15.26 -63.75 26.05
C VAL C 42 -13.88 -64.06 26.60
N LEU C 43 -13.21 -65.02 25.96
CA LEU C 43 -11.97 -65.56 26.48
C LEU C 43 -10.75 -65.28 25.61
N SER C 44 -10.94 -64.73 24.42
CA SER C 44 -9.83 -64.51 23.49
C SER C 44 -10.03 -63.19 22.78
N GLY C 45 -8.91 -62.66 22.26
CA GLY C 45 -8.99 -61.45 21.45
C GLY C 45 -9.68 -61.68 20.13
N ASN C 46 -9.48 -62.87 19.53
CA ASN C 46 -10.19 -63.21 18.31
C ASN C 46 -11.69 -63.13 18.53
N ASP C 47 -12.18 -63.67 19.65
CA ASP C 47 -13.60 -63.63 19.95
C ASP C 47 -14.06 -62.21 20.24
N ALA C 48 -13.22 -61.42 20.91
CA ALA C 48 -13.59 -60.04 21.20
C ALA C 48 -13.74 -59.23 19.92
N ILE C 49 -12.86 -59.45 18.96
CA ILE C 49 -12.95 -58.76 17.68
C ILE C 49 -14.26 -59.11 16.98
N GLU C 50 -14.67 -60.37 17.05
CA GLU C 50 -15.92 -60.78 16.41
C GLU C 50 -17.12 -60.10 17.07
N ALA C 51 -17.10 -59.99 18.39
CA ALA C 51 -18.20 -59.34 19.09
C ALA C 51 -18.34 -57.88 18.68
N VAL C 52 -17.22 -57.20 18.45
CA VAL C 52 -17.25 -55.78 18.11
C VAL C 52 -17.83 -55.58 16.72
N GLN C 53 -17.55 -56.51 15.79
CA GLN C 53 -18.00 -56.34 14.41
C GLN C 53 -19.51 -56.44 14.31
N ASN C 54 -20.13 -57.34 15.07
CA ASN C 54 -21.55 -57.61 14.94
C ASN C 54 -22.42 -56.78 15.88
N ASN C 55 -21.83 -56.11 16.87
CA ASN C 55 -22.59 -55.44 17.91
C ASN C 55 -22.11 -54.00 18.05
N ASP C 56 -22.75 -53.27 18.96
CA ASP C 56 -22.43 -51.88 19.23
C ASP C 56 -22.21 -51.69 20.74
N PHE C 57 -21.18 -52.35 21.26
CA PHE C 57 -20.88 -52.25 22.69
C PHE C 57 -20.52 -50.82 23.08
N ASP C 58 -20.88 -50.45 24.30
CA ASP C 58 -20.59 -49.11 24.80
C ASP C 58 -19.15 -48.98 25.28
N ILE C 59 -18.52 -50.09 25.67
CA ILE C 59 -17.17 -50.07 26.22
C ILE C 59 -16.62 -51.48 26.22
N VAL C 60 -15.30 -51.62 26.12
CA VAL C 60 -14.65 -52.92 26.02
C VAL C 60 -13.55 -53.01 27.07
N PHE C 61 -13.56 -54.09 27.84
CA PHE C 61 -12.47 -54.43 28.74
C PHE C 61 -11.59 -55.47 28.07
N LEU C 62 -10.29 -55.28 28.14
CA LEU C 62 -9.33 -56.15 27.46
C LEU C 62 -8.25 -56.60 28.41
N ASP C 63 -8.09 -57.91 28.55
CA ASP C 63 -6.89 -58.48 29.12
C ASP C 63 -5.75 -58.36 28.10
N GLU C 64 -4.52 -58.47 28.59
CA GLU C 64 -3.36 -58.42 27.70
C GLU C 64 -2.85 -59.81 27.36
N ASN C 65 -2.59 -60.64 28.37
CA ASN C 65 -2.01 -61.96 28.13
C ASN C 65 -3.13 -62.96 27.93
N MSE C 66 -3.44 -63.25 26.67
CA MSE C 66 -4.43 -64.26 26.32
C MSE C 66 -3.87 -65.16 25.22
O MSE C 66 -3.23 -64.67 24.29
CB MSE C 66 -5.73 -63.62 25.83
CG MSE C 66 -6.39 -62.69 26.82
SE MSE C 66 -8.07 -62.00 26.10
CE MSE C 66 -7.37 -61.00 24.58
H MSE C 66 -3.08 -62.87 25.99
HA MSE C 66 -4.62 -64.80 27.09
HB2 MSE C 66 -5.54 -63.11 25.02
HB3 MSE C 66 -6.36 -64.32 25.62
HG2 MSE C 66 -6.58 -63.17 27.63
HG3 MSE C 66 -5.80 -61.93 26.99
HE1 MSE C 66 -8.12 -60.59 24.10
HE2 MSE C 66 -6.76 -60.32 24.90
HE3 MSE C 66 -6.90 -61.61 23.99
N PRO C 67 -4.11 -66.47 25.30
CA PRO C 67 -3.75 -67.35 24.18
C PRO C 67 -4.46 -66.90 22.90
N GLY C 68 -3.76 -67.07 21.79
CA GLY C 68 -4.22 -66.51 20.53
C GLY C 68 -3.58 -65.16 20.30
N ILE C 69 -4.35 -64.19 19.79
CA ILE C 69 -3.80 -62.85 19.60
C ILE C 69 -3.73 -62.16 20.97
N GLY C 70 -2.74 -61.28 21.11
CA GLY C 70 -2.60 -60.55 22.34
C GLY C 70 -3.60 -59.42 22.47
N GLY C 71 -3.79 -58.97 23.71
CA GLY C 71 -4.72 -57.88 23.97
C GLY C 71 -4.35 -56.60 23.23
N LEU C 72 -3.05 -56.36 23.02
CA LEU C 72 -2.65 -55.17 22.28
C LEU C 72 -2.97 -55.30 20.79
N ASP C 73 -2.82 -56.50 20.24
CA ASP C 73 -3.20 -56.73 18.85
C ASP C 73 -4.71 -56.63 18.67
N ALA C 74 -5.47 -57.13 19.65
CA ALA C 74 -6.93 -56.98 19.60
C ALA C 74 -7.32 -55.51 19.72
N LEU C 75 -6.72 -54.80 20.68
CA LEU C 75 -6.98 -53.37 20.83
C LEU C 75 -6.81 -52.63 19.50
N GLN C 76 -5.69 -52.89 18.83
CA GLN C 76 -5.42 -52.23 17.55
C GLN C 76 -6.57 -52.46 16.58
N LYS C 77 -7.05 -53.70 16.47
CA LYS C 77 -8.13 -54.01 15.54
C LYS C 77 -9.43 -53.38 15.98
N ILE C 78 -9.73 -53.42 17.28
CA ILE C 78 -10.99 -52.89 17.78
C ILE C 78 -11.06 -51.39 17.52
N LYS C 79 -9.92 -50.70 17.60
CA LYS C 79 -9.92 -49.27 17.35
C LYS C 79 -10.05 -48.97 15.86
N GLU C 80 -9.60 -49.89 15.00
CA GLU C 80 -9.85 -49.75 13.57
C GLU C 80 -11.35 -49.84 13.27
N LEU C 81 -12.06 -50.72 13.97
CA LEU C 81 -13.48 -50.91 13.70
C LEU C 81 -14.31 -49.80 14.32
N LYS C 82 -14.02 -49.44 15.58
CA LYS C 82 -14.85 -48.50 16.34
C LYS C 82 -13.92 -47.53 17.05
N PRO C 83 -13.31 -46.59 16.33
CA PRO C 83 -12.40 -45.64 16.98
C PRO C 83 -13.04 -44.83 18.09
N TYR C 84 -14.37 -44.72 18.10
CA TYR C 84 -15.08 -43.92 19.08
C TYR C 84 -15.51 -44.71 20.31
N THR C 85 -15.35 -46.03 20.31
CA THR C 85 -15.69 -46.85 21.46
C THR C 85 -14.51 -46.90 22.41
N PRO C 86 -14.66 -46.52 23.68
CA PRO C 86 -13.52 -46.59 24.60
C PRO C 86 -13.17 -48.02 24.95
N VAL C 87 -11.88 -48.24 25.16
CA VAL C 87 -11.35 -49.56 25.50
C VAL C 87 -10.52 -49.40 26.77
N VAL C 88 -10.80 -50.25 27.77
CA VAL C 88 -10.04 -50.29 29.00
C VAL C 88 -9.26 -51.59 29.04
N MSE C 89 -7.99 -51.50 29.42
CA MSE C 89 -7.16 -52.68 29.58
C MSE C 89 -7.02 -53.02 31.05
O MSE C 89 -6.46 -52.24 31.83
CB MSE C 89 -5.79 -52.48 28.93
CG MSE C 89 -4.84 -53.64 29.15
SE MSE C 89 -3.51 -53.81 27.73
CE MSE C 89 -4.64 -54.64 26.37
H MSE C 89 -7.59 -50.75 29.58
HA MSE C 89 -7.60 -53.42 29.12
HB2 MSE C 89 -5.91 -52.37 27.97
HB3 MSE C 89 -5.39 -51.68 29.30
HG2 MSE C 89 -4.37 -53.50 29.99
HG3 MSE C 89 -5.35 -54.47 29.19
HE1 MSE C 89 -4.11 -54.79 25.57
HE2 MSE C 89 -4.99 -55.48 26.71
HE3 MSE C 89 -5.38 -54.04 26.17
N ILE C 90 -7.53 -54.19 31.43
CA ILE C 90 -7.40 -54.71 32.77
C ILE C 90 -6.45 -55.90 32.69
N THR C 91 -5.28 -55.78 33.31
CA THR C 91 -4.24 -56.77 33.12
C THR C 91 -3.42 -56.86 34.40
N LYS C 92 -2.76 -58.00 34.58
CA LYS C 92 -1.83 -58.19 35.68
C LYS C 92 -0.43 -57.67 35.37
N SER C 93 -0.20 -57.18 34.16
CA SER C 93 1.13 -56.75 33.75
C SER C 93 1.49 -55.42 34.38
N GLU C 94 2.71 -55.35 34.93
CA GLU C 94 3.28 -54.11 35.43
C GLU C 94 4.46 -53.64 34.57
N GLU C 95 4.63 -54.20 33.38
CA GLU C 95 5.73 -53.81 32.51
C GLU C 95 5.49 -52.42 31.96
N GLU C 96 6.50 -51.56 32.08
CA GLU C 96 6.35 -50.19 31.59
C GLU C 96 6.09 -50.16 30.08
N HIS C 97 6.68 -51.09 29.34
CA HIS C 97 6.48 -51.07 27.89
C HIS C 97 5.09 -51.57 27.49
N ILE C 98 4.44 -52.38 28.33
CA ILE C 98 3.06 -52.75 28.07
C ILE C 98 2.16 -51.53 28.25
N MSE C 99 2.33 -50.80 29.35
CA MSE C 99 1.62 -49.55 29.56
C MSE C 99 1.78 -48.64 28.35
O MSE C 99 0.81 -48.18 27.75
CB MSE C 99 2.14 -48.82 30.80
CG MSE C 99 2.17 -49.63 32.08
SE MSE C 99 2.89 -48.54 33.54
CE MSE C 99 3.00 -49.90 34.93
H MSE C 99 2.86 -51.01 29.99
HA MSE C 99 0.67 -49.73 29.69
HB2 MSE C 99 3.04 -48.53 30.62
HB3 MSE C 99 1.57 -48.05 30.96
HG2 MSE C 99 1.26 -49.90 32.31
HG3 MSE C 99 2.74 -50.40 31.97
HE1 MSE C 99 3.35 -49.51 35.74
HE2 MSE C 99 2.11 -50.26 35.09
HE3 MSE C 99 3.59 -50.62 34.63
N THR C 100 3.05 -48.37 28.00
CA THR C 100 3.35 -47.51 26.88
C THR C 100 2.63 -47.97 25.62
N GLN C 101 2.73 -49.27 25.30
CA GLN C 101 2.08 -49.79 24.12
C GLN C 101 0.56 -49.67 24.22
N ALA C 102 0.00 -49.81 25.42
CA ALA C 102 -1.43 -49.66 25.59
C ALA C 102 -1.84 -48.20 25.39
N ILE C 103 -1.15 -47.27 26.05
CA ILE C 103 -1.41 -45.85 25.83
C ILE C 103 -1.28 -45.52 24.35
N GLY C 104 -0.21 -46.00 23.71
CA GLY C 104 -0.03 -45.75 22.29
C GLY C 104 -1.16 -46.30 21.44
N GLY C 105 -1.77 -47.40 21.88
CA GLY C 105 -2.91 -47.97 21.21
C GLY C 105 -4.21 -47.25 21.45
N LYS C 106 -4.17 -46.05 22.05
CA LYS C 106 -5.36 -45.24 22.27
C LYS C 106 -6.25 -45.84 23.37
N ILE C 107 -5.63 -46.45 24.37
CA ILE C 107 -6.40 -47.01 25.47
C ILE C 107 -7.11 -45.89 26.22
N ALA C 108 -8.29 -46.20 26.74
CA ALA C 108 -9.01 -45.21 27.54
C ALA C 108 -8.53 -45.21 28.98
N ASP C 109 -8.23 -46.38 29.53
CA ASP C 109 -7.66 -46.50 30.86
C ASP C 109 -6.93 -47.83 30.96
N TYR C 110 -6.14 -47.97 32.01
CA TYR C 110 -5.27 -49.13 32.19
C TYR C 110 -5.26 -49.45 33.68
N LEU C 111 -5.86 -50.58 34.05
CA LEU C 111 -6.04 -50.98 35.44
C LEU C 111 -5.26 -52.26 35.69
N ILE C 112 -4.47 -52.26 36.75
CA ILE C 112 -3.57 -53.37 37.06
C ILE C 112 -4.24 -54.29 38.05
N LYS C 113 -4.28 -55.59 37.72
CA LYS C 113 -4.81 -56.57 38.65
C LYS C 113 -3.93 -56.63 39.89
N PRO C 114 -4.50 -56.84 41.09
CA PRO C 114 -5.93 -57.00 41.38
C PRO C 114 -6.69 -55.67 41.34
N VAL C 115 -7.88 -55.69 40.76
CA VAL C 115 -8.64 -54.48 40.51
C VAL C 115 -9.77 -54.38 41.52
N ASN C 116 -9.89 -53.23 42.17
CA ASN C 116 -11.02 -52.92 43.02
C ASN C 116 -12.26 -52.79 42.15
N PRO C 117 -13.34 -53.54 42.40
CA PRO C 117 -14.53 -53.42 41.55
C PRO C 117 -15.06 -52.00 41.45
N ASN C 118 -14.89 -51.20 42.51
CA ASN C 118 -15.33 -49.81 42.43
C ASN C 118 -14.47 -48.99 41.49
N GLN C 119 -13.19 -49.34 41.36
CA GLN C 119 -12.34 -48.71 40.35
C GLN C 119 -12.91 -48.96 38.96
N LEU C 120 -13.45 -50.15 38.72
CA LEU C 120 -14.13 -50.42 37.46
C LEU C 120 -15.35 -49.51 37.30
N LEU C 121 -16.11 -49.32 38.38
CA LEU C 121 -17.27 -48.45 38.31
C LEU C 121 -16.86 -47.04 37.95
N LEU C 122 -15.79 -46.54 38.56
CA LEU C 122 -15.24 -45.24 38.21
C LEU C 122 -14.92 -45.16 36.73
N SER C 123 -14.23 -46.18 36.20
CA SER C 123 -13.83 -46.15 34.79
C SER C 123 -15.04 -46.21 33.88
N LEU C 124 -16.13 -46.81 34.34
CA LEU C 124 -17.34 -46.87 33.52
C LEU C 124 -18.06 -45.53 33.50
N LYS C 125 -18.10 -44.84 34.65
CA LYS C 125 -18.75 -43.54 34.69
C LYS C 125 -17.95 -42.50 33.91
N LYS C 126 -16.63 -42.52 34.06
CA LYS C 126 -15.80 -41.50 33.43
C LYS C 126 -15.74 -41.67 31.91
N ASN C 127 -15.77 -42.90 31.42
CA ASN C 127 -15.62 -43.16 29.99
C ASN C 127 -16.95 -43.35 29.28
N LEU C 128 -18.07 -43.17 29.98
CA LEU C 128 -19.39 -43.26 29.36
C LEU C 128 -20.33 -42.12 29.75
N GLN C 129 -20.03 -41.36 30.79
CA GLN C 129 -20.92 -40.30 31.25
C GLN C 129 -20.21 -38.98 31.50
N GLN C 130 -18.97 -38.82 31.02
CA GLN C 130 -18.20 -37.64 31.39
C GLN C 130 -18.80 -36.37 30.82
N HIS C 131 -19.19 -36.38 29.54
CA HIS C 131 -19.73 -35.17 28.93
C HIS C 131 -21.06 -34.77 29.57
N SER C 132 -21.87 -35.75 29.94
CA SER C 132 -23.12 -35.46 30.63
C SER C 132 -22.87 -34.96 32.04
N ILE C 133 -21.96 -35.60 32.77
CA ILE C 133 -21.65 -35.16 34.13
C ILE C 133 -21.03 -33.76 34.10
N ILE C 134 -20.08 -33.54 33.19
CA ILE C 134 -19.43 -32.23 33.10
C ILE C 134 -20.45 -31.16 32.74
N SER C 135 -21.36 -31.47 31.83
CA SER C 135 -22.36 -30.49 31.42
C SER C 135 -23.23 -30.05 32.59
N GLU C 136 -23.62 -30.99 33.45
CA GLU C 136 -24.51 -30.65 34.57
C GLU C 136 -23.75 -29.99 35.72
N THR C 137 -22.47 -30.34 35.90
CA THR C 137 -21.66 -29.64 36.90
C THR C 137 -21.40 -28.20 36.48
N THR C 138 -21.07 -27.99 35.20
CA THR C 138 -20.85 -26.64 34.70
C THR C 138 -22.10 -25.78 34.91
N ASN C 139 -23.27 -26.30 34.55
CA ASN C 139 -24.50 -25.56 34.75
C ASN C 139 -24.71 -25.20 36.21
N THR C 140 -24.57 -26.19 37.10
CA THR C 140 -24.73 -25.93 38.53
C THR C 140 -23.79 -24.82 38.98
N ASN C 141 -22.52 -24.88 38.54
CA ASN C 141 -21.52 -23.95 39.06
C ASN C 141 -21.74 -22.53 38.54
N TYR C 142 -22.25 -22.37 37.31
CA TYR C 142 -22.47 -21.02 36.81
C TYR C 142 -23.69 -20.38 37.45
N ARG C 143 -24.77 -21.16 37.65
CA ARG C 143 -25.93 -20.62 38.35
C ARG C 143 -25.55 -20.06 39.70
N GLN C 144 -24.71 -20.77 40.46
CA GLN C 144 -24.14 -20.22 41.68
C GLN C 144 -23.30 -18.99 41.36
N GLU C 145 -22.32 -19.15 40.48
CA GLU C 145 -21.37 -18.07 40.18
C GLU C 145 -22.09 -16.82 39.70
N PHE C 146 -23.14 -16.99 38.88
CA PHE C 146 -23.86 -15.85 38.35
C PHE C 146 -24.17 -14.83 39.44
N VAL C 147 -24.71 -15.31 40.56
CA VAL C 147 -25.04 -14.42 41.67
C VAL C 147 -23.78 -13.73 42.19
N GLN C 148 -22.71 -14.50 42.37
CA GLN C 148 -21.46 -13.92 42.86
C GLN C 148 -20.98 -12.82 41.94
N LEU C 149 -20.78 -13.14 40.66
CA LEU C 149 -20.36 -12.12 39.71
C LEU C 149 -21.36 -10.98 39.65
N GLY C 150 -22.65 -11.30 39.71
CA GLY C 150 -23.67 -10.25 39.72
C GLY C 150 -23.47 -9.29 40.88
N THR C 151 -23.28 -9.82 42.08
CA THR C 151 -23.01 -8.97 43.24
C THR C 151 -21.69 -8.23 43.07
N GLN C 152 -20.67 -8.92 42.55
CA GLN C 152 -19.36 -8.30 42.39
C GLN C 152 -19.44 -7.02 41.57
N MSE C 153 -20.19 -7.05 40.47
CA MSE C 153 -20.31 -5.91 39.57
C MSE C 153 -21.01 -4.73 40.22
O MSE C 153 -20.71 -3.57 39.91
CB MSE C 153 -21.07 -6.29 38.32
CG MSE C 153 -20.47 -7.41 37.50
SE MSE C 153 -21.34 -7.47 35.77
CE MSE C 153 -21.02 -9.33 35.31
H MSE C 153 -20.67 -7.74 40.22
HA MSE C 153 -19.42 -5.64 39.32
HB2 MSE C 153 -21.96 -6.57 38.56
HB3 MSE C 153 -21.12 -5.51 37.74
HG2 MSE C 153 -19.52 -7.23 37.36
HG3 MSE C 153 -20.60 -8.25 37.94
HE1 MSE C 153 -21.42 -9.51 34.43
HE2 MSE C 153 -20.06 -9.48 35.28
HE3 MSE C 153 -21.42 -9.90 35.98
N SER C 154 -21.95 -5.02 41.13
CA SER C 154 -22.82 -3.97 41.66
C SER C 154 -22.04 -2.82 42.25
N GLY C 155 -20.84 -3.09 42.77
CA GLY C 155 -19.98 -2.05 43.31
C GLY C 155 -19.08 -1.45 42.26
N LYS C 156 -18.35 -0.41 42.67
CA LYS C 156 -17.37 0.22 41.80
C LYS C 156 -16.06 -0.56 41.86
N LEU C 157 -15.63 -1.07 40.72
CA LEU C 157 -14.47 -1.95 40.65
C LEU C 157 -13.25 -1.21 40.12
N SER C 158 -12.08 -1.62 40.61
CA SER C 158 -10.82 -1.07 40.15
C SER C 158 -10.42 -1.71 38.82
N PHE C 159 -9.31 -1.24 38.25
CA PHE C 159 -8.81 -1.83 37.02
C PHE C 159 -8.45 -3.29 37.23
N GLU C 160 -7.70 -3.57 38.30
CA GLU C 160 -7.36 -4.96 38.60
C GLU C 160 -8.60 -5.81 38.77
N GLU C 161 -9.60 -5.30 39.50
CA GLU C 161 -10.84 -6.03 39.65
C GLU C 161 -11.55 -6.20 38.30
N TRP C 162 -11.44 -5.21 37.42
CA TRP C 162 -12.00 -5.35 36.08
C TRP C 162 -11.29 -6.42 35.28
N LYS C 163 -9.96 -6.48 35.40
CA LYS C 163 -9.22 -7.55 34.74
C LYS C 163 -9.72 -8.92 35.17
N GLU C 164 -9.91 -9.11 36.47
CA GLU C 164 -10.29 -10.43 36.97
C GLU C 164 -11.75 -10.72 36.68
N LEU C 165 -12.62 -9.71 36.77
CA LEU C 165 -14.02 -9.89 36.43
C LEU C 165 -14.17 -10.35 34.99
N TYR C 166 -13.46 -9.69 34.08
CA TYR C 166 -13.52 -10.05 32.67
C TYR C 166 -12.94 -11.42 32.42
N ARG C 167 -11.80 -11.73 33.06
CA ARG C 167 -11.22 -13.08 32.95
C ARG C 167 -12.25 -14.13 33.33
N ARG C 168 -12.97 -13.92 34.42
CA ARG C 168 -13.93 -14.91 34.89
C ARG C 168 -15.07 -15.08 33.89
N ILE C 169 -15.53 -14.00 33.28
CA ILE C 169 -16.63 -14.08 32.32
C ILE C 169 -16.20 -14.88 31.09
N VAL C 170 -15.02 -14.58 30.57
CA VAL C 170 -14.52 -15.33 29.41
C VAL C 170 -14.43 -16.80 29.76
N PHE C 171 -13.83 -17.12 30.91
CA PHE C 171 -13.75 -18.51 31.35
C PHE C 171 -15.11 -19.19 31.24
N TRP C 172 -16.14 -18.56 31.81
CA TRP C 172 -17.47 -19.16 31.76
C TRP C 172 -18.02 -19.18 30.35
N GLU C 173 -17.69 -18.20 29.52
CA GLU C 173 -18.20 -18.18 28.16
C GLU C 173 -17.74 -19.42 27.39
N ILE C 174 -16.47 -19.82 27.59
CA ILE C 174 -15.96 -21.01 26.93
C ILE C 174 -16.45 -22.28 27.62
N GLU C 175 -16.42 -22.30 28.96
CA GLU C 175 -16.94 -23.45 29.69
C GLU C 175 -18.38 -23.77 29.30
N LEU C 176 -19.15 -22.75 28.93
CA LEU C 176 -20.58 -22.91 28.67
C LEU C 176 -20.90 -23.24 27.23
N GLU C 177 -19.90 -23.25 26.33
CA GLU C 177 -20.13 -23.72 24.97
C GLU C 177 -20.83 -25.07 24.96
N GLN C 178 -20.59 -25.89 25.98
CA GLN C 178 -21.13 -27.24 26.04
C GLN C 178 -22.55 -27.28 26.60
N ALA C 179 -22.93 -26.26 27.37
CA ALA C 179 -24.12 -26.33 28.21
C ALA C 179 -25.39 -26.02 27.39
N ASP C 180 -26.52 -25.94 28.09
CA ASP C 180 -27.78 -25.56 27.47
C ASP C 180 -27.76 -24.09 27.11
N ARG C 181 -28.69 -23.70 26.24
CA ARG C 181 -28.74 -22.31 25.79
C ARG C 181 -29.20 -21.37 26.89
N GLN C 182 -30.27 -21.73 27.61
CA GLN C 182 -30.72 -20.91 28.73
C GLN C 182 -29.58 -20.57 29.69
N MSE C 183 -28.54 -21.39 29.72
CA MSE C 183 -27.33 -21.07 30.47
C MSE C 183 -26.46 -20.12 29.67
O MSE C 183 -25.75 -19.29 30.23
CB MSE C 183 -26.57 -22.35 30.83
CG MSE C 183 -27.26 -23.22 31.86
SE MSE C 183 -27.04 -22.53 33.67
CE MSE C 183 -28.62 -21.40 33.83
H MSE C 183 -28.49 -22.15 29.31
HA MSE C 183 -27.59 -20.64 31.31
HB2 MSE C 183 -26.46 -22.87 30.02
HB3 MSE C 183 -25.70 -22.10 31.19
HG2 MSE C 183 -28.22 -23.24 31.67
HG3 MSE C 183 -26.89 -24.11 31.83
HE1 MSE C 183 -28.64 -21.00 34.71
HE2 MSE C 183 -28.59 -20.72 33.14
HE3 MSE C 183 -29.42 -21.95 33.71
N GLY C 184 -26.51 -20.27 28.35
CA GLY C 184 -25.81 -19.32 27.49
C GLY C 184 -26.45 -17.94 27.52
N GLU C 185 -27.78 -17.89 27.42
CA GLU C 185 -28.47 -16.61 27.49
C GLU C 185 -28.17 -15.90 28.81
N LEU C 186 -28.07 -16.67 29.89
CA LEU C 186 -27.74 -16.09 31.18
C LEU C 186 -26.33 -15.51 31.17
N LEU C 187 -25.41 -16.12 30.43
CA LEU C 187 -24.07 -15.56 30.28
C LEU C 187 -24.10 -14.32 29.39
N GLU C 188 -24.95 -14.34 28.35
CA GLU C 188 -25.10 -13.16 27.50
C GLU C 188 -25.49 -11.95 28.33
N MSE C 189 -26.57 -12.06 29.09
CA MSE C 189 -27.06 -10.96 29.92
C MSE C 189 -25.98 -10.50 30.90
O MSE C 189 -25.76 -9.30 31.08
CB MSE C 189 -28.32 -11.39 30.68
CG MSE C 189 -29.49 -11.77 29.79
SE MSE C 189 -30.29 -10.26 28.86
CE MSE C 189 -31.35 -9.51 30.32
H MSE C 189 -27.06 -12.77 29.14
HA MSE C 189 -27.30 -10.22 29.35
HB2 MSE C 189 -28.10 -12.17 31.23
HB3 MSE C 189 -28.60 -10.66 31.25
HG2 MSE C 189 -29.19 -12.40 29.13
HG3 MSE C 189 -30.18 -12.18 30.35
HE1 MSE C 189 -31.82 -8.72 30.01
HE2 MSE C 189 -31.99 -10.17 30.62
HE3 MSE C 189 -30.75 -9.26 31.05
N GLN C 190 -25.31 -11.46 31.54
CA GLN C 190 -24.25 -11.12 32.48
C GLN C 190 -23.15 -10.32 31.79
N LYS C 191 -22.65 -10.83 30.66
CA LYS C 191 -21.64 -10.10 29.89
C LYS C 191 -22.22 -8.79 29.36
N GLN C 192 -23.52 -8.76 29.07
CA GLN C 192 -24.15 -7.52 28.63
C GLN C 192 -24.09 -6.45 29.72
N GLU C 193 -24.34 -6.86 30.98
CA GLU C 193 -24.21 -5.94 32.09
C GLU C 193 -22.77 -5.51 32.30
N ALA C 194 -21.84 -6.45 32.21
CA ALA C 194 -20.43 -6.14 32.43
C ALA C 194 -19.96 -5.05 31.46
N ASN C 195 -20.41 -5.12 30.20
CA ASN C 195 -19.94 -4.16 29.21
C ASN C 195 -20.58 -2.79 29.42
N ARG C 196 -21.84 -2.76 29.85
CA ARG C 196 -22.45 -1.48 30.20
C ARG C 196 -21.69 -0.80 31.33
N LEU C 197 -21.42 -1.54 32.40
CA LEU C 197 -20.70 -0.97 33.53
C LEU C 197 -19.25 -0.67 33.18
N PHE C 198 -18.67 -1.45 32.26
CA PHE C 198 -17.29 -1.16 31.85
C PHE C 198 -17.21 0.10 31.01
N ALA C 199 -18.15 0.27 30.07
CA ALA C 199 -18.18 1.50 29.27
C ALA C 199 -18.34 2.71 30.18
N ARG C 200 -19.17 2.60 31.22
CA ARG C 200 -19.29 3.69 32.18
C ARG C 200 -17.98 3.90 32.93
N PHE C 201 -17.27 2.81 33.23
CA PHE C 201 -15.99 2.92 33.91
C PHE C 201 -14.94 3.59 33.02
N VAL C 202 -15.05 3.42 31.70
CA VAL C 202 -14.08 4.02 30.79
C VAL C 202 -14.42 5.49 30.53
N THR C 203 -15.69 5.77 30.24
CA THR C 203 -16.10 7.14 29.94
C THR C 203 -15.75 8.09 31.09
N GLN C 204 -15.82 7.59 32.33
CA GLN C 204 -15.50 8.42 33.48
C GLN C 204 -14.02 8.75 33.55
N ASN C 205 -13.15 7.76 33.30
CA ASN C 205 -11.74 7.88 33.63
C ASN C 205 -10.83 8.12 32.43
N TYR C 206 -11.31 7.89 31.21
CA TYR C 206 -10.40 7.84 30.07
C TYR C 206 -9.62 9.15 29.92
N ARG C 207 -10.31 10.29 30.00
CA ARG C 207 -9.64 11.57 29.79
C ARG C 207 -8.51 11.76 30.79
N GLU C 208 -8.72 11.38 32.05
CA GLU C 208 -7.69 11.56 33.06
C GLU C 208 -6.57 10.52 32.97
N TRP C 209 -6.86 9.35 32.39
CA TRP C 209 -5.80 8.39 32.12
C TRP C 209 -4.76 8.98 31.17
N ILE C 210 -5.22 9.65 30.12
CA ILE C 210 -4.30 10.33 29.21
C ILE C 210 -3.64 11.50 29.91
N ALA C 211 -4.40 12.21 30.75
CA ALA C 211 -3.89 13.42 31.37
C ALA C 211 -2.77 13.11 32.36
N LYS C 212 -2.89 12.01 33.12
CA LYS C 212 -1.97 11.69 34.19
C LYS C 212 -1.37 10.30 33.91
N PRO C 213 -0.28 10.23 33.16
CA PRO C 213 0.27 8.92 32.80
C PRO C 213 0.78 8.11 33.98
N ASP C 214 1.22 8.76 35.05
CA ASP C 214 1.91 8.07 36.14
C ASP C 214 0.97 7.31 37.06
N THR C 215 -0.35 7.50 36.94
CA THR C 215 -1.31 6.76 37.75
C THR C 215 -2.27 5.93 36.91
N ARG C 216 -2.15 5.96 35.59
CA ARG C 216 -3.09 5.25 34.75
C ARG C 216 -2.72 3.77 34.65
N PRO C 217 -3.63 2.93 34.19
CA PRO C 217 -3.27 1.54 33.90
C PRO C 217 -2.33 1.47 32.71
N THR C 218 -1.71 0.30 32.54
CA THR C 218 -0.89 0.06 31.37
C THR C 218 -1.74 0.19 30.11
N MSE C 219 -1.32 1.08 29.21
CA MSE C 219 -2.03 1.24 27.95
C MSE C 219 -1.07 1.09 26.79
O MSE C 219 0.13 0.92 26.98
CB MSE C 219 -2.72 2.61 27.90
CG MSE C 219 -3.72 2.81 29.04
SE MSE C 219 -4.91 4.34 28.77
CE MSE C 219 -5.99 3.63 27.32
H MSE C 219 -0.64 1.59 29.30
HA MSE C 219 -2.72 0.56 27.88
HB2 MSE C 219 -2.05 3.30 27.98
HB3 MSE C 219 -3.19 2.69 27.06
HG2 MSE C 219 -4.28 2.01 29.10
HG3 MSE C 219 -3.24 2.94 29.86
HE1 MSE C 219 -6.65 4.28 27.06
HE2 MSE C 219 -5.41 3.42 26.56
HE3 MSE C 219 -6.43 2.82 27.62
N SER C 220 -1.60 1.17 25.57
CA SER C 220 -0.80 0.94 24.36
C SER C 220 0.58 1.59 24.40
N PRO C 221 0.71 2.90 24.64
CA PRO C 221 2.05 3.51 24.62
C PRO C 221 2.96 3.03 25.74
N ASP C 222 2.41 2.43 26.80
CA ASP C 222 3.22 1.93 27.90
C ASP C 222 3.65 0.49 27.72
N LEU C 223 3.18 -0.18 26.67
CA LEU C 223 3.31 -1.63 26.61
C LEU C 223 4.77 -2.07 26.57
N PHE C 224 5.54 -1.49 25.65
CA PHE C 224 6.95 -1.86 25.54
C PHE C 224 7.71 -1.50 26.82
N LYS C 225 7.53 -0.28 27.31
CA LYS C 225 8.19 0.13 28.54
C LYS C 225 7.88 -0.82 29.69
N GLN C 226 6.66 -1.35 29.74
CA GLN C 226 6.23 -2.14 30.89
C GLN C 226 6.56 -3.63 30.72
N LYS C 227 6.30 -4.18 29.54
CA LYS C 227 6.32 -5.63 29.37
C LYS C 227 7.48 -6.14 28.53
N VAL C 228 8.30 -5.28 27.94
CA VAL C 228 9.36 -5.75 27.06
C VAL C 228 10.72 -5.29 27.57
N PHE C 229 10.87 -3.98 27.76
CA PHE C 229 12.17 -3.47 28.18
C PHE C 229 12.69 -4.11 29.45
N PRO C 230 11.89 -4.34 30.50
CA PRO C 230 12.44 -4.99 31.69
C PRO C 230 13.07 -6.34 31.40
N LEU C 231 12.45 -7.11 30.49
CA LEU C 231 13.04 -8.39 30.09
C LEU C 231 14.36 -8.16 29.36
N LEU C 232 14.38 -7.20 28.43
CA LEU C 232 15.61 -6.90 27.71
C LEU C 232 16.67 -6.34 28.65
N ASP C 233 16.27 -5.52 29.61
CA ASP C 233 17.21 -4.99 30.59
C ASP C 233 17.75 -6.08 31.51
N ASN C 234 17.17 -7.27 31.51
CA ASN C 234 17.65 -8.39 32.30
C ASN C 234 18.49 -9.36 31.49
N GLY C 235 18.81 -9.01 30.24
CA GLY C 235 19.64 -9.85 29.40
C GLY C 235 18.91 -10.98 28.72
N GLU C 236 17.59 -10.91 28.61
CA GLU C 236 16.79 -11.98 28.01
C GLU C 236 16.46 -11.61 26.57
N LYS C 237 16.48 -12.61 25.70
CA LYS C 237 16.04 -12.43 24.32
C LYS C 237 14.52 -12.59 24.26
N VAL C 238 13.88 -11.79 23.43
CA VAL C 238 12.42 -11.67 23.43
C VAL C 238 11.89 -11.68 22.00
N PHE C 239 10.82 -12.46 21.78
CA PHE C 239 10.02 -12.41 20.56
C PHE C 239 8.72 -11.71 20.90
N PHE C 240 8.54 -10.50 20.38
CA PHE C 240 7.28 -9.77 20.53
C PHE C 240 6.39 -10.10 19.35
N ILE C 241 5.31 -10.85 19.60
CA ILE C 241 4.41 -11.30 18.56
C ILE C 241 3.09 -10.58 18.75
N LEU C 242 2.74 -9.72 17.80
CA LEU C 242 1.51 -8.96 17.82
C LEU C 242 0.54 -9.62 16.84
N ILE C 243 -0.50 -10.24 17.37
CA ILE C 243 -1.58 -10.78 16.54
C ILE C 243 -2.70 -9.75 16.53
N ASP C 244 -2.94 -9.16 15.37
CA ASP C 244 -3.92 -8.09 15.28
C ASP C 244 -5.31 -8.64 15.53
N ASN C 245 -6.06 -7.97 16.41
CA ASN C 245 -7.45 -8.33 16.65
C ASN C 245 -7.53 -9.69 17.34
N PHE C 246 -6.94 -9.80 18.53
CA PHE C 246 -6.87 -11.06 19.28
C PHE C 246 -7.55 -10.83 20.62
N ARG C 247 -8.79 -11.29 20.74
CA ARG C 247 -9.57 -11.10 21.94
C ARG C 247 -9.02 -11.94 23.09
N GLN C 248 -9.46 -11.59 24.30
CA GLN C 248 -9.15 -12.40 25.47
C GLN C 248 -9.66 -13.83 25.31
N ASP C 249 -10.86 -14.00 24.76
CA ASP C 249 -11.40 -15.34 24.57
C ASP C 249 -10.71 -16.08 23.43
N GLN C 250 -9.94 -15.38 22.59
CA GLN C 250 -9.14 -16.06 21.58
C GLN C 250 -7.82 -16.57 22.15
N TRP C 251 -7.24 -15.86 23.12
CA TRP C 251 -6.08 -16.39 23.83
C TRP C 251 -6.45 -17.63 24.64
N GLU C 252 -7.64 -17.62 25.25
CA GLU C 252 -8.10 -18.81 25.98
C GLU C 252 -8.29 -19.99 25.06
N SER C 253 -8.69 -19.74 23.81
CA SER C 253 -8.94 -20.83 22.88
C SER C 253 -7.65 -21.51 22.44
N VAL C 254 -6.54 -20.78 22.40
CA VAL C 254 -5.29 -21.29 21.86
C VAL C 254 -4.27 -21.63 22.93
N LYS C 255 -4.44 -21.18 24.17
CA LYS C 255 -3.35 -21.28 25.13
C LYS C 255 -3.03 -22.74 25.46
N SER C 256 -4.01 -23.63 25.42
CA SER C 256 -3.73 -25.03 25.73
C SER C 256 -2.73 -25.63 24.75
N MSE C 257 -2.88 -25.30 23.47
CA MSE C 257 -1.90 -25.70 22.46
C MSE C 257 -0.51 -25.21 22.85
O MSE C 257 0.49 -25.91 22.65
CB MSE C 257 -2.26 -25.15 21.09
CG MSE C 257 -3.45 -25.80 20.43
SE MSE C 257 -3.66 -25.09 18.62
CE MSE C 257 -5.40 -25.87 18.19
H MSE C 257 -3.54 -24.85 23.15
HA MSE C 257 -1.88 -26.67 22.41
HB2 MSE C 257 -2.45 -24.21 21.17
HB3 MSE C 257 -1.49 -25.28 20.50
HG2 MSE C 257 -3.30 -26.76 20.36
HG3 MSE C 257 -4.25 -25.61 20.93
HE1 MSE C 257 -5.65 -25.59 17.29
HE2 MSE C 257 -5.33 -26.83 18.23
HE3 MSE C 257 -6.06 -25.55 18.83
N LEU C 258 -0.44 -23.99 23.38
CA LEU C 258 0.84 -23.37 23.68
C LEU C 258 1.43 -23.86 24.98
N SER C 259 0.61 -24.32 25.93
CA SER C 259 1.14 -24.85 27.17
C SER C 259 2.06 -26.04 26.93
N GLU C 260 1.99 -26.66 25.74
CA GLU C 260 2.93 -27.72 25.41
C GLU C 260 4.37 -27.24 25.49
N PHE C 261 4.63 -26.00 25.07
CA PHE C 261 5.98 -25.50 24.92
C PHE C 261 6.32 -24.33 25.84
N TYR C 262 5.33 -23.69 26.45
CA TYR C 262 5.57 -22.51 27.28
C TYR C 262 4.82 -22.62 28.60
N THR C 263 5.34 -21.93 29.60
CA THR C 263 4.60 -21.52 30.78
C THR C 263 4.22 -20.06 30.63
N PHE C 264 3.09 -19.68 31.22
CA PHE C 264 2.50 -18.36 30.99
C PHE C 264 2.57 -17.49 32.24
N GLU C 265 2.76 -16.19 32.01
CA GLU C 265 2.43 -15.15 32.96
C GLU C 265 1.35 -14.31 32.28
N GLU C 266 0.10 -14.56 32.63
CA GLU C 266 -1.03 -13.96 31.93
C GLU C 266 -1.39 -12.61 32.55
N ASP C 267 -1.69 -11.65 31.68
CA ASP C 267 -2.02 -10.31 32.11
C ASP C 267 -2.88 -9.66 31.03
N MSE C 268 -3.44 -8.50 31.36
CA MSE C 268 -4.19 -7.71 30.40
C MSE C 268 -3.79 -6.24 30.51
O MSE C 268 -3.28 -5.80 31.54
CB MSE C 268 -5.70 -7.84 30.63
CG MSE C 268 -6.24 -9.27 30.55
SE MSE C 268 -8.17 -9.31 30.81
CE MSE C 268 -8.37 -11.14 31.45
H MSE C 268 -3.40 -8.16 32.15
HA MSE C 268 -4.00 -8.03 29.51
HB2 MSE C 268 -5.90 -7.50 31.51
HB3 MSE C 268 -6.16 -7.32 29.95
HG2 MSE C 268 -6.03 -9.64 29.68
HG3 MSE C 268 -5.83 -9.80 31.25
HE1 MSE C 268 -9.31 -11.32 31.63
HE2 MSE C 268 -8.05 -11.75 30.76
HE3 MSE C 268 -7.85 -11.25 32.26
N TYR C 269 -4.03 -5.50 29.43
CA TYR C 269 -3.82 -4.06 29.43
C TYR C 269 -4.90 -3.41 28.58
N LEU C 270 -4.97 -2.09 28.65
CA LEU C 270 -6.01 -1.32 27.97
C LEU C 270 -5.49 -0.76 26.65
N SER C 271 -6.26 -0.96 25.59
CA SER C 271 -5.99 -0.27 24.34
C SER C 271 -6.51 1.17 24.42
N ILE C 272 -5.83 2.07 23.72
CA ILE C 272 -6.27 3.46 23.64
C ILE C 272 -7.45 3.53 22.70
N LEU C 273 -8.15 4.66 22.69
CA LEU C 273 -9.22 4.88 21.74
C LEU C 273 -8.73 5.76 20.59
N PRO C 274 -9.12 5.48 19.34
CA PRO C 274 -9.96 4.35 18.92
C PRO C 274 -9.22 3.02 18.99
N THR C 275 -9.96 1.93 19.16
CA THR C 275 -9.36 0.60 19.21
C THR C 275 -9.14 0.08 17.79
N ALA C 276 -8.17 0.69 17.13
CA ALA C 276 -7.79 0.33 15.76
C ALA C 276 -6.29 0.46 15.62
N ALA C 277 -5.75 -0.24 14.61
CA ALA C 277 -4.30 -0.32 14.45
C ALA C 277 -3.67 1.05 14.26
N GLN C 278 -4.30 1.92 13.48
CA GLN C 278 -3.71 3.21 13.17
C GLN C 278 -3.30 3.97 14.43
N TYR C 279 -4.02 3.77 15.53
CA TYR C 279 -3.75 4.48 16.78
C TYR C 279 -3.12 3.58 17.82
N ALA C 280 -3.80 2.50 18.21
CA ALA C 280 -3.28 1.66 19.29
C ALA C 280 -1.98 0.98 18.91
N ARG C 281 -1.88 0.44 17.69
CA ARG C 281 -0.71 -0.33 17.33
C ARG C 281 0.49 0.58 17.08
N ASN C 282 0.26 1.73 16.46
CA ASN C 282 1.33 2.72 16.33
C ASN C 282 1.75 3.25 17.70
N ALA C 283 0.79 3.40 18.60
CA ALA C 283 1.13 3.78 19.98
C ALA C 283 1.99 2.72 20.64
N ILE C 284 1.69 1.45 20.38
CA ILE C 284 2.49 0.36 20.93
C ILE C 284 3.93 0.49 20.47
N PHE C 285 4.15 0.47 19.16
CA PHE C 285 5.50 0.42 18.63
C PHE C 285 6.24 1.75 18.74
N SER C 286 5.53 2.85 19.00
CA SER C 286 6.18 4.13 19.18
C SER C 286 6.29 4.55 20.65
N GLY C 287 5.50 3.96 21.53
CA GLY C 287 5.50 4.37 22.92
C GLY C 287 4.96 5.76 23.14
N LEU C 288 4.06 6.22 22.27
CA LEU C 288 3.53 7.57 22.34
C LEU C 288 2.06 7.55 21.94
N MSE C 289 1.33 8.55 22.41
CA MSE C 289 -0.03 8.77 21.93
C MSE C 289 0.06 9.24 20.48
O MSE C 289 1.02 9.90 20.11
CB MSE C 289 -0.76 9.80 22.78
CG MSE C 289 -0.99 9.37 24.23
SE MSE C 289 -2.09 7.77 24.40
CE MSE C 289 -3.70 8.38 23.47
H MSE C 289 1.59 9.11 23.01
HA MSE C 289 -0.52 7.94 21.96
HB2 MSE C 289 -0.25 10.61 22.81
HB3 MSE C 289 -1.63 9.97 22.39
HG2 MSE C 289 -0.13 9.18 24.64
HG3 MSE C 289 -1.43 10.08 24.70
HE1 MSE C 289 -4.35 7.67 23.47
HE2 MSE C 289 -4.05 9.17 23.93
HE3 MSE C 289 -3.47 8.62 22.57
N PRO C 290 -0.93 8.89 19.67
CA PRO C 290 -0.89 9.30 18.25
C PRO C 290 -0.57 10.77 18.06
N LEU C 291 -1.17 11.65 18.87
CA LEU C 291 -0.88 13.07 18.78
C LEU C 291 0.63 13.33 18.91
N GLN C 292 1.26 12.73 19.91
CA GLN C 292 2.69 12.90 20.10
C GLN C 292 3.48 12.34 18.92
N ILE C 293 2.95 11.35 18.23
CA ILE C 293 3.63 10.82 17.05
C ILE C 293 3.63 11.85 15.94
N GLU C 294 2.47 12.46 15.69
CA GLU C 294 2.37 13.46 14.63
C GLU C 294 3.31 14.63 14.91
N LYS C 295 3.33 15.12 16.15
CA LYS C 295 4.20 16.23 16.51
C LYS C 295 5.67 15.85 16.32
N MSE C 296 6.13 14.86 17.06
CA MSE C 296 7.56 14.57 17.16
C MSE C 296 8.14 13.93 15.90
O MSE C 296 9.33 14.10 15.61
CB MSE C 296 7.82 13.66 18.36
CG MSE C 296 7.40 14.26 19.69
SE MSE C 296 7.64 13.02 21.18
CE MSE C 296 9.55 12.72 21.03
H MSE C 296 5.65 14.34 17.54
HA MSE C 296 8.04 15.40 17.32
HB2 MSE C 296 7.32 12.83 18.24
HB3 MSE C 296 8.77 13.46 18.41
HG2 MSE C 296 7.93 15.04 19.87
HG3 MSE C 296 6.46 14.49 19.66
HE1 MSE C 296 9.84 12.11 21.73
HE2 MSE C 296 9.75 12.34 20.16
HE3 MSE C 296 10.01 13.58 21.13
N PHE C 297 7.32 13.20 15.16
CA PHE C 297 7.76 12.48 13.96
C PHE C 297 6.70 12.61 12.88
N PRO C 298 6.57 13.79 12.28
CA PRO C 298 5.50 13.99 11.29
C PRO C 298 5.61 13.09 10.07
N ASP C 299 6.81 12.73 9.65
CA ASP C 299 6.96 11.86 8.49
C ASP C 299 6.34 10.49 8.74
N LEU C 300 6.46 9.99 9.98
CA LEU C 300 5.99 8.64 10.27
C LEU C 300 4.47 8.57 10.36
N TRP C 301 3.83 9.65 10.81
CA TRP C 301 2.39 9.62 10.99
C TRP C 301 1.68 9.79 9.65
N VAL C 302 0.63 9.00 9.46
CA VAL C 302 -0.22 9.07 8.28
C VAL C 302 -1.61 9.47 8.76
N ASP C 303 -2.14 10.56 8.21
CA ASP C 303 -3.37 11.12 8.73
C ASP C 303 -4.58 10.31 8.26
N GLU C 304 -5.71 10.54 8.91
CA GLU C 304 -6.91 9.74 8.67
C GLU C 304 -7.40 9.88 7.24
N GLU C 305 -7.40 11.10 6.71
CA GLU C 305 -8.05 11.36 5.43
C GLU C 305 -7.36 10.65 4.27
N SER C 306 -6.12 10.21 4.46
CA SER C 306 -5.35 9.62 3.37
C SER C 306 -5.76 8.18 3.10
N GLU C 307 -5.42 7.72 1.89
CA GLU C 307 -5.69 6.36 1.45
C GLU C 307 -4.49 5.44 1.63
N GLU C 308 -3.33 5.98 1.95
CA GLU C 308 -2.14 5.18 2.21
C GLU C 308 -2.34 4.33 3.46
N GLY C 309 -1.67 3.18 3.49
CA GLY C 309 -1.73 2.33 4.67
C GLY C 309 -1.29 3.09 5.91
N LYS C 310 -1.99 2.84 7.02
CA LYS C 310 -1.80 3.60 8.25
C LYS C 310 -0.81 2.96 9.21
N ASN C 311 -0.19 1.85 8.86
CA ASN C 311 0.77 1.17 9.73
C ASN C 311 1.95 0.63 8.91
N LEU C 312 2.56 1.51 8.12
CA LEU C 312 3.67 1.16 7.25
C LEU C 312 5.02 1.60 7.79
N ASN C 313 5.07 2.23 8.95
CA ASN C 313 6.31 2.80 9.49
C ASN C 313 6.54 2.32 10.91
N GLU C 314 6.17 1.08 11.21
CA GLU C 314 6.29 0.60 12.58
C GLU C 314 7.75 0.30 12.94
N GLU C 315 8.50 -0.27 11.99
CA GLU C 315 9.92 -0.50 12.26
C GLU C 315 10.65 0.79 12.60
N PRO C 316 10.55 1.87 11.81
CA PRO C 316 11.18 3.14 12.24
C PRO C 316 10.69 3.64 13.59
N MSE C 317 9.41 3.48 13.90
CA MSE C 317 8.88 3.92 15.20
C MSE C 317 9.57 3.15 16.33
O MSE C 317 9.92 3.73 17.36
CB MSE C 317 7.37 3.70 15.29
CG MSE C 317 6.54 4.62 14.41
SE MSE C 317 4.65 4.18 14.51
CE MSE C 317 3.95 5.50 13.26
H MSE C 317 8.82 3.13 13.39
HA MSE C 317 9.06 4.86 15.31
HB2 MSE C 317 7.17 2.79 15.02
HB3 MSE C 317 7.09 3.84 16.20
HG2 MSE C 317 6.66 5.54 14.71
HG3 MSE C 317 6.83 4.53 13.49
HE1 MSE C 317 2.99 5.40 13.19
HE2 MSE C 317 4.17 6.39 13.58
HE3 MSE C 317 4.35 5.36 12.39
N ILE C 318 9.75 1.85 16.13
CA ILE C 318 10.49 1.04 17.10
C ILE C 318 11.89 1.61 17.30
N ARG C 319 12.54 1.97 16.20
CA ARG C 319 13.86 2.61 16.28
C ARG C 319 13.82 3.82 17.19
N THR C 320 12.92 4.76 16.91
CA THR C 320 12.84 5.98 17.72
C THR C 320 12.56 5.64 19.18
N LEU C 321 11.66 4.69 19.42
CA LEU C 321 11.34 4.29 20.78
C LEU C 321 12.59 3.80 21.50
N ILE C 322 13.37 2.92 20.86
CA ILE C 322 14.58 2.40 21.47
C ILE C 322 15.54 3.53 21.81
N GLU C 323 15.80 4.41 20.84
CA GLU C 323 16.74 5.50 21.06
C GLU C 323 16.19 6.53 22.03
N ARG C 324 14.87 6.76 22.02
CA ARG C 324 14.28 7.71 22.95
C ARG C 324 14.47 7.29 24.40
N TYR C 325 14.61 5.98 24.65
CA TYR C 325 14.87 5.47 25.98
C TYR C 325 16.34 5.12 26.21
N ARG C 326 17.20 5.44 25.24
CA ARG C 326 18.65 5.30 25.40
C ARG C 326 19.05 3.83 25.57
N LYS C 327 18.67 3.03 24.57
CA LYS C 327 19.04 1.62 24.49
C LYS C 327 19.64 1.36 23.11
N HIS C 328 20.28 0.20 22.96
CA HIS C 328 20.95 -0.16 21.72
C HIS C 328 20.58 -1.58 21.30
N TYR C 329 19.36 -2.01 21.60
CA TYR C 329 18.95 -3.37 21.30
C TYR C 329 19.07 -3.65 19.81
N SER C 330 19.60 -4.83 19.47
CA SER C 330 19.45 -5.37 18.14
C SER C 330 18.04 -5.91 17.98
N PHE C 331 17.36 -5.51 16.90
CA PHE C 331 15.97 -5.90 16.74
C PHE C 331 15.62 -6.05 15.28
N SER C 332 14.61 -6.88 15.02
CA SER C 332 14.08 -7.10 13.68
C SER C 332 12.57 -6.87 13.71
N TYR C 333 11.97 -6.77 12.52
CA TYR C 333 10.55 -6.51 12.38
C TYR C 333 10.05 -7.19 11.14
N ASN C 334 9.01 -8.02 11.28
CA ASN C 334 8.45 -8.76 10.16
C ASN C 334 6.93 -8.76 10.26
N LYS C 335 6.27 -8.44 9.15
CA LYS C 335 4.82 -8.51 9.03
C LYS C 335 4.43 -9.73 8.21
N VAL C 336 3.38 -10.43 8.64
CA VAL C 336 2.86 -11.58 7.92
C VAL C 336 1.40 -11.30 7.60
N TYR C 337 1.14 -10.90 6.36
CA TYR C 337 -0.20 -10.74 5.82
C TYR C 337 -0.52 -11.80 4.78
N GLU C 338 0.45 -12.15 3.94
CA GLU C 338 0.31 -13.20 2.94
C GLU C 338 1.04 -14.44 3.42
N THR C 339 0.45 -15.61 3.15
CA THR C 339 0.89 -16.83 3.82
C THR C 339 2.27 -17.28 3.35
N LYS C 340 2.58 -17.15 2.05
CA LYS C 340 3.93 -17.47 1.59
C LYS C 340 4.97 -16.73 2.43
N PHE C 341 4.79 -15.42 2.60
CA PHE C 341 5.68 -14.64 3.46
C PHE C 341 5.78 -15.28 4.84
N GLY C 342 4.67 -15.81 5.36
CA GLY C 342 4.71 -16.44 6.67
C GLY C 342 5.57 -17.69 6.70
N GLU C 343 5.51 -18.49 5.62
CA GLU C 343 6.33 -19.68 5.55
C GLU C 343 7.81 -19.32 5.44
N ARG C 344 8.14 -18.35 4.58
CA ARG C 344 9.52 -17.91 4.47
C ARG C 344 10.08 -17.51 5.82
N LEU C 345 9.29 -16.77 6.61
CA LEU C 345 9.73 -16.38 7.94
C LEU C 345 9.99 -17.60 8.80
N LEU C 346 9.15 -18.63 8.69
CA LEU C 346 9.32 -19.83 9.50
C LEU C 346 10.64 -20.53 9.19
N GLY C 347 11.02 -20.59 7.91
CA GLY C 347 12.26 -21.24 7.55
C GLY C 347 13.48 -20.51 8.06
N GLN C 348 13.44 -19.17 8.08
CA GLN C 348 14.57 -18.35 8.47
C GLN C 348 14.50 -17.90 9.91
N ILE C 349 13.58 -18.45 10.71
CA ILE C 349 13.45 -18.03 12.10
C ILE C 349 14.79 -18.21 12.82
N ARG C 350 15.59 -19.18 12.39
CA ARG C 350 16.88 -19.41 13.03
C ARG C 350 17.79 -18.18 12.88
N SER C 351 17.74 -17.54 11.71
CA SER C 351 18.59 -16.38 11.45
C SER C 351 18.27 -15.17 12.32
N LEU C 352 17.24 -15.23 13.16
CA LEU C 352 16.89 -14.13 14.07
C LEU C 352 17.51 -14.29 15.46
N SER C 353 18.29 -15.36 15.68
CA SER C 353 18.90 -15.58 16.98
C SER C 353 19.87 -14.48 17.36
N GLN C 354 20.39 -13.74 16.36
CA GLN C 354 21.32 -12.66 16.65
C GLN C 354 20.64 -11.49 17.33
N ASN C 355 19.36 -11.26 17.06
CA ASN C 355 18.68 -10.08 17.56
C ASN C 355 18.19 -10.27 19.00
N GLN C 356 18.33 -9.20 19.79
CA GLN C 356 17.82 -9.19 21.15
C GLN C 356 16.30 -9.14 21.20
N LEU C 357 15.66 -8.64 20.16
CA LEU C 357 14.21 -8.45 20.11
C LEU C 357 13.74 -8.74 18.70
N ASN C 358 12.78 -9.64 18.57
CA ASN C 358 12.23 -10.01 17.26
C ASN C 358 10.74 -9.72 17.26
N VAL C 359 10.35 -8.69 16.52
CA VAL C 359 8.96 -8.27 16.42
C VAL C 359 8.32 -8.95 15.23
N ILE C 360 7.21 -9.64 15.47
CA ILE C 360 6.43 -10.27 14.40
C ILE C 360 4.98 -9.82 14.55
N VAL C 361 4.41 -9.32 13.47
CA VAL C 361 3.01 -8.89 13.43
C VAL C 361 2.26 -9.87 12.53
N LEU C 362 1.16 -10.42 13.06
CA LEU C 362 0.30 -11.32 12.30
C LEU C 362 -1.05 -10.64 12.08
N ASN C 363 -1.48 -10.56 10.83
CA ASN C 363 -2.67 -9.80 10.46
C ASN C 363 -3.86 -10.65 10.06
N PHE C 364 -3.70 -11.97 9.92
CA PHE C 364 -4.77 -12.76 9.32
C PHE C 364 -6.03 -12.75 10.18
N VAL C 365 -5.88 -12.65 11.50
CA VAL C 365 -7.06 -12.70 12.37
C VAL C 365 -7.91 -11.45 12.15
N ASP C 366 -7.27 -10.28 12.00
CA ASP C 366 -8.02 -9.07 11.73
C ASP C 366 -8.69 -9.14 10.35
N MSE C 367 -7.98 -9.68 9.36
N MSE C 367 -7.99 -9.68 9.36
CA MSE C 367 -8.53 -9.83 8.02
CA MSE C 367 -8.56 -9.81 8.03
C MSE C 367 -9.76 -10.73 8.06
C MSE C 367 -9.78 -10.74 8.05
O MSE C 367 -10.78 -10.44 7.44
O MSE C 367 -10.79 -10.46 7.41
CB MSE C 367 -7.47 -10.43 7.08
CB MSE C 367 -7.53 -10.33 7.03
CG MSE C 367 -6.30 -9.48 6.80
CG MSE C 367 -6.36 -9.38 6.79
SE MSE C 367 -4.71 -10.39 6.12
SE MSE C 367 -6.89 -7.64 6.09
CE MSE C 367 -5.38 -10.93 4.38
CE MSE C 367 -7.51 -8.17 4.32
H MSE C 367 -7.17 -9.95 9.44
H MSE C 367 -7.18 -9.97 9.43
HA MSE C 367 -8.79 -8.97 7.67
HA MSE C 367 -8.85 -8.93 7.72
HB2 MSE C 367 -7.12 -11.23 7.47
HB2 MSE C 367 -7.16 -11.16 7.36
HB3 MSE C 367 -7.89 -10.64 6.23
HB3 MSE C 367 -7.96 -10.48 6.18
HG2 MSE C 367 -6.58 -8.84 6.14
HG2 MSE C 367 -5.89 -9.24 7.62
HG3 MSE C 367 -6.06 -9.04 7.62
HG3 MSE C 367 -5.75 -9.79 6.14
HE1 MSE C 367 -4.67 -11.41 3.91
HE1 MSE C 367 -7.82 -7.37 3.84
HE2 MSE C 367 -6.14 -11.51 4.50
HE2 MSE C 367 -6.78 -8.58 3.83
HE3 MSE C 367 -5.63 -10.15 3.88
HE3 MSE C 367 -8.24 -8.80 4.42
N MSE C 368 -9.67 -11.83 8.80
CA MSE C 368 -10.78 -12.76 8.96
C MSE C 368 -11.96 -12.08 9.66
O MSE C 368 -13.10 -12.19 9.22
CB MSE C 368 -10.36 -13.99 9.76
CG MSE C 368 -11.51 -14.87 10.25
SE MSE C 368 -10.96 -16.08 11.66
CE MSE C 368 -9.47 -16.89 10.74
H MSE C 368 -8.96 -12.06 9.22
H MSE C 368 -8.96 -12.06 9.22
HA MSE C 368 -11.07 -13.06 8.09
HB2 MSE C 368 -9.79 -14.54 9.20
HB3 MSE C 368 -9.85 -13.69 10.53
HG2 MSE C 368 -12.22 -14.30 10.60
HG3 MSE C 368 -11.85 -15.39 9.51
HE1 MSE C 368 -9.06 -17.55 11.32
HE2 MSE C 368 -9.78 -17.32 9.93
HE3 MSE C 368 -8.82 -16.21 10.51
N SER C 369 -11.65 -11.42 10.77
CA SER C 369 -12.68 -10.73 11.54
C SER C 369 -13.48 -9.78 10.64
N HIS C 370 -12.78 -9.01 9.80
CA HIS C 370 -13.47 -8.14 8.87
C HIS C 370 -14.23 -8.94 7.82
N ALA C 371 -13.70 -10.08 7.41
CA ALA C 371 -14.38 -10.92 6.43
C ALA C 371 -15.72 -11.44 6.95
N ARG C 372 -15.93 -11.41 8.28
CA ARG C 372 -17.23 -11.76 8.82
C ARG C 372 -18.34 -10.86 8.26
N THR C 373 -17.98 -9.73 7.67
CA THR C 373 -18.95 -8.80 7.09
C THR C 373 -19.18 -9.09 5.61
N ASP C 374 -18.11 -9.05 4.81
CA ASP C 374 -18.22 -9.02 3.36
C ASP C 374 -17.90 -10.36 2.70
N SER C 375 -18.02 -11.47 3.44
CA SER C 375 -17.74 -12.80 2.89
C SER C 375 -18.79 -13.77 3.37
N LYS C 376 -19.47 -14.44 2.45
CA LYS C 376 -20.48 -15.44 2.82
C LYS C 376 -19.85 -16.69 3.42
N MSE C 377 -18.58 -16.97 3.10
CA MSE C 377 -17.87 -18.07 3.72
C MSE C 377 -17.68 -17.85 5.21
O MSE C 377 -18.04 -18.69 6.04
CB MSE C 377 -16.51 -18.27 3.07
CG MSE C 377 -16.55 -18.75 1.63
SE MSE C 377 -17.28 -20.54 1.47
CE MSE C 377 -19.08 -20.07 0.86
H MSE C 377 -18.11 -16.51 2.54
HA MSE C 377 -18.39 -18.89 3.59
HB2 MSE C 377 -16.03 -17.43 3.08
HB3 MSE C 377 -16.01 -18.93 3.57
HG2 MSE C 377 -17.11 -18.15 1.11
HG3 MSE C 377 -15.65 -18.75 1.26
HE1 MSE C 377 -19.59 -20.89 0.74
HE2 MSE C 377 -19.51 -19.53 1.55
HE3 MSE C 377 -19.02 -19.59 0.03
N ILE C 378 -17.10 -16.70 5.55
CA ILE C 378 -16.80 -16.41 6.95
C ILE C 378 -18.08 -16.10 7.71
N ARG C 379 -19.09 -15.54 7.04
CA ARG C 379 -20.41 -15.42 7.64
C ARG C 379 -20.87 -16.76 8.21
N GLU C 380 -20.67 -17.83 7.44
CA GLU C 380 -21.06 -19.16 7.88
C GLU C 380 -20.09 -19.70 8.92
N LEU C 381 -18.80 -19.73 8.59
CA LEU C 381 -17.81 -20.40 9.43
C LEU C 381 -17.58 -19.67 10.74
N ALA C 382 -17.91 -18.38 10.82
CA ALA C 382 -17.81 -17.61 12.05
C ALA C 382 -19.15 -16.97 12.39
N SER C 383 -20.23 -17.75 12.27
CA SER C 383 -21.56 -17.22 12.48
C SER C 383 -21.72 -16.66 13.88
N ASN C 384 -21.28 -17.40 14.89
CA ASN C 384 -21.36 -16.99 16.28
C ASN C 384 -19.96 -16.97 16.89
N GLU C 385 -19.88 -16.49 18.13
CA GLU C 385 -18.60 -16.32 18.78
C GLU C 385 -17.94 -17.67 19.07
N ALA C 386 -18.73 -18.72 19.34
CA ALA C 386 -18.14 -20.04 19.51
C ALA C 386 -17.52 -20.55 18.22
N ALA C 387 -18.16 -20.27 17.09
CA ALA C 387 -17.58 -20.63 15.79
C ALA C 387 -16.35 -19.80 15.50
N TYR C 388 -16.40 -18.51 15.82
CA TYR C 388 -15.25 -17.63 15.64
C TYR C 388 -14.04 -18.18 16.38
N ARG C 389 -14.23 -18.58 17.64
CA ARG C 389 -13.11 -19.13 18.42
C ARG C 389 -12.60 -20.42 17.79
N SER C 390 -13.50 -21.28 17.31
CA SER C 390 -13.06 -22.52 16.67
C SER C 390 -12.28 -22.22 15.41
N LEU C 391 -12.76 -21.27 14.61
CA LEU C 391 -12.04 -20.88 13.41
C LEU C 391 -10.67 -20.29 13.76
N THR C 392 -10.58 -19.63 14.92
CA THR C 392 -9.29 -19.10 15.37
C THR C 392 -8.34 -20.24 15.75
N LYS C 393 -8.84 -21.26 16.45
CA LYS C 393 -8.01 -22.41 16.78
C LYS C 393 -7.54 -23.11 15.51
N SER C 394 -8.43 -23.30 14.54
CA SER C 394 -8.05 -23.98 13.30
C SER C 394 -6.94 -23.23 12.58
N TRP C 395 -7.07 -21.91 12.46
CA TRP C 395 -6.03 -21.11 11.80
C TRP C 395 -4.71 -21.21 12.55
N PHE C 396 -4.75 -20.99 13.86
CA PHE C 396 -3.54 -21.06 14.66
C PHE C 396 -2.82 -22.39 14.44
N LYS C 397 -3.56 -23.49 14.38
CA LYS C 397 -2.94 -24.81 14.25
C LYS C 397 -2.38 -25.02 12.85
N HIS C 398 -3.21 -24.83 11.83
CA HIS C 398 -2.88 -25.30 10.48
C HIS C 398 -2.17 -24.25 9.64
N SER C 399 -2.11 -23.00 10.10
CA SER C 399 -1.27 -22.00 9.45
C SER C 399 0.15 -22.18 9.96
N THR C 400 1.06 -21.28 9.55
CA THR C 400 2.44 -21.36 10.02
C THR C 400 2.60 -20.88 11.46
N THR C 401 1.53 -20.34 12.06
CA THR C 401 1.64 -19.77 13.40
C THR C 401 2.05 -20.82 14.42
N TYR C 402 1.43 -22.00 14.36
CA TYR C 402 1.73 -23.03 15.35
C TYR C 402 3.21 -23.40 15.34
N ASN C 403 3.74 -23.73 14.15
CA ASN C 403 5.15 -24.07 14.04
C ASN C 403 6.04 -22.92 14.47
N LEU C 404 5.63 -21.69 14.13
CA LEU C 404 6.42 -20.52 14.50
C LEU C 404 6.65 -20.47 16.01
N PHE C 405 5.59 -20.64 16.80
CA PHE C 405 5.73 -20.60 18.24
C PHE C 405 6.62 -21.72 18.75
N ARG C 406 6.50 -22.91 18.15
CA ARG C 406 7.33 -24.03 18.60
C ARG C 406 8.80 -23.79 18.30
N SER C 407 9.11 -23.24 17.13
CA SER C 407 10.50 -22.96 16.78
C SER C 407 11.11 -21.93 17.73
N ILE C 408 10.38 -20.83 17.97
CA ILE C 408 10.86 -19.81 18.90
C ILE C 408 11.17 -20.43 20.25
N ALA C 409 10.34 -21.39 20.69
CA ALA C 409 10.60 -22.06 21.95
C ALA C 409 11.90 -22.87 21.88
N GLU C 410 12.18 -23.47 20.72
CA GLU C 410 13.44 -24.20 20.55
C GLU C 410 14.64 -23.26 20.50
N MSE C 411 14.42 -21.97 20.28
CA MSE C 411 15.50 -20.99 20.28
C MSE C 411 15.70 -20.37 21.65
O MSE C 411 16.46 -19.42 21.82
CB MSE C 411 15.22 -19.90 19.24
CG MSE C 411 15.21 -20.39 17.80
SE MSE C 411 14.24 -19.21 16.58
CE MSE C 411 15.33 -17.60 16.79
H MSE C 411 13.65 -21.63 20.13
HA MSE C 411 16.33 -21.44 20.02
HB2 MSE C 411 14.36 -19.50 19.43
HB3 MSE C 411 15.91 -19.22 19.31
HG2 MSE C 411 16.12 -20.47 17.48
HG3 MSE C 411 14.78 -21.26 17.78
HE1 MSE C 411 14.96 -16.90 16.23
HE2 MSE C 411 15.30 -17.33 17.72
HE3 MSE C 411 16.23 -17.79 16.52
N GLY C 412 15.01 -20.92 22.66
CA GLY C 412 15.11 -20.41 24.01
C GLY C 412 14.67 -18.98 24.19
N TYR C 413 13.84 -18.47 23.27
CA TYR C 413 13.41 -17.09 23.30
C TYR C 413 12.17 -16.93 24.19
N LYS C 414 12.24 -15.96 25.10
CA LYS C 414 11.03 -15.53 25.79
C LYS C 414 10.11 -14.84 24.80
N VAL C 415 8.80 -15.03 24.97
CA VAL C 415 7.81 -14.53 24.02
C VAL C 415 6.80 -13.67 24.76
N VAL C 416 6.54 -12.48 24.22
CA VAL C 416 5.46 -11.61 24.68
C VAL C 416 4.38 -11.63 23.61
N LEU C 417 3.28 -12.32 23.89
CA LEU C 417 2.16 -12.45 22.97
C LEU C 417 1.10 -11.43 23.33
N THR C 418 0.69 -10.62 22.36
CA THR C 418 -0.25 -9.54 22.65
C THR C 418 -0.94 -9.12 21.35
N THR C 419 -1.76 -8.09 21.46
CA THR C 419 -2.55 -7.59 20.33
C THR C 419 -2.68 -6.08 20.49
N ASP C 420 -3.23 -5.45 19.46
CA ASP C 420 -3.49 -4.02 19.49
C ASP C 420 -4.90 -3.68 19.96
N HIS C 421 -5.84 -4.61 19.82
CA HIS C 421 -7.24 -4.37 20.15
C HIS C 421 -7.98 -5.68 19.95
N GLY C 422 -9.21 -5.72 20.44
CA GLY C 422 -10.11 -6.81 20.21
C GLY C 422 -11.15 -6.44 19.18
N THR C 423 -12.30 -7.12 19.26
CA THR C 423 -13.44 -6.80 18.42
C THR C 423 -14.69 -7.33 19.12
N ILE C 424 -15.84 -6.83 18.71
CA ILE C 424 -17.10 -7.14 19.38
C ILE C 424 -18.18 -7.39 18.34
N GLN C 425 -19.03 -8.36 18.62
CA GLN C 425 -20.20 -8.61 17.78
C GLN C 425 -21.24 -7.53 18.05
N VAL C 426 -21.54 -6.73 17.04
CA VAL C 426 -22.47 -5.62 17.18
C VAL C 426 -23.88 -6.14 16.98
N LYS C 427 -24.83 -5.57 17.72
CA LYS C 427 -26.21 -6.01 17.69
C LYS C 427 -27.18 -4.91 17.26
N ASN C 428 -27.13 -3.74 17.88
CA ASN C 428 -28.15 -2.74 17.64
C ASN C 428 -27.56 -1.42 17.17
N PRO C 429 -28.21 -0.73 16.23
CA PRO C 429 -27.59 0.43 15.61
C PRO C 429 -27.76 1.72 16.42
N VAL C 430 -26.99 2.73 16.00
CA VAL C 430 -27.05 4.07 16.57
C VAL C 430 -27.01 5.05 15.41
N LYS C 431 -28.02 5.91 15.32
CA LYS C 431 -28.16 6.78 14.15
C LYS C 431 -27.12 7.90 14.19
N VAL C 432 -26.52 8.17 13.04
CA VAL C 432 -25.50 9.21 12.90
C VAL C 432 -25.61 9.78 11.49
N ILE C 433 -25.28 11.07 11.37
CA ILE C 433 -25.31 11.75 10.09
C ILE C 433 -24.05 12.59 9.97
N GLY C 434 -23.26 12.36 8.91
CA GLY C 434 -22.04 13.11 8.69
C GLY C 434 -21.82 13.35 7.22
N ASP C 435 -20.81 14.16 6.92
CA ASP C 435 -20.52 14.51 5.54
C ASP C 435 -19.72 13.41 4.87
N ARG C 436 -19.58 13.53 3.55
CA ARG C 436 -19.00 12.45 2.75
C ARG C 436 -17.62 12.04 3.24
N SER C 437 -16.82 12.98 3.74
CA SER C 437 -15.46 12.67 4.16
C SER C 437 -15.42 11.89 5.48
N THR C 438 -16.55 11.65 6.12
CA THR C 438 -16.56 10.89 7.36
C THR C 438 -15.96 9.51 7.14
N ASN C 439 -15.21 9.04 8.14
CA ASN C 439 -14.57 7.74 8.04
C ASN C 439 -15.61 6.64 7.84
N THR C 440 -15.11 5.44 7.53
CA THR C 440 -15.95 4.31 7.18
C THR C 440 -16.19 3.35 8.36
N ASN C 441 -15.42 3.47 9.44
CA ASN C 441 -15.57 2.54 10.55
C ASN C 441 -16.95 2.66 11.18
N LEU C 442 -17.40 1.57 11.82
CA LEU C 442 -18.72 1.50 12.41
C LEU C 442 -18.74 1.73 13.91
N ARG C 443 -17.58 1.85 14.55
CA ARG C 443 -17.51 2.00 16.00
C ARG C 443 -16.99 3.37 16.44
N TYR C 444 -16.39 4.14 15.54
CA TYR C 444 -15.93 5.49 15.88
C TYR C 444 -16.00 6.35 14.63
N LYS C 445 -16.43 7.59 14.82
CA LYS C 445 -16.50 8.56 13.72
C LYS C 445 -15.69 9.81 14.08
N ILE C 446 -15.12 10.41 13.04
CA ILE C 446 -14.44 11.69 13.13
C ILE C 446 -15.17 12.66 12.21
N GLY C 447 -15.73 13.72 12.77
CA GLY C 447 -16.50 14.64 11.97
C GLY C 447 -16.68 16.02 12.57
N LYS C 448 -16.55 17.04 11.72
CA LYS C 448 -16.77 18.42 12.17
C LYS C 448 -18.24 18.66 12.49
N ASN C 449 -19.13 18.30 11.56
CA ASN C 449 -20.56 18.55 11.73
C ASN C 449 -21.34 17.24 11.83
N LEU C 450 -21.04 16.44 12.84
CA LEU C 450 -21.78 15.20 13.04
C LEU C 450 -23.07 15.48 13.81
N ASP C 451 -24.16 14.90 13.33
CA ASP C 451 -25.45 14.96 14.01
C ASP C 451 -25.71 13.62 14.67
N TYR C 452 -25.90 13.64 16.00
CA TYR C 452 -26.03 12.41 16.76
C TYR C 452 -26.69 12.75 18.10
N ASN C 453 -27.10 11.70 18.80
CA ASN C 453 -27.63 11.84 20.15
C ASN C 453 -26.52 11.58 21.14
N PRO C 454 -26.03 12.57 21.88
CA PRO C 454 -24.89 12.34 22.79
C PRO C 454 -25.19 11.36 23.91
N LYS C 455 -26.44 10.99 24.14
CA LYS C 455 -26.76 10.03 25.19
C LYS C 455 -26.20 8.65 24.89
N GLU C 456 -26.12 8.28 23.61
CA GLU C 456 -25.80 6.91 23.21
C GLU C 456 -24.39 6.78 22.65
N VAL C 457 -23.52 7.78 22.83
CA VAL C 457 -22.14 7.69 22.40
C VAL C 457 -21.25 8.35 23.44
N PHE C 458 -19.94 8.25 23.24
CA PHE C 458 -18.92 8.89 24.07
C PHE C 458 -18.22 9.93 23.21
N GLU C 459 -18.39 11.20 23.55
CA GLU C 459 -18.02 12.31 22.71
C GLU C 459 -16.71 12.94 23.19
N ILE C 460 -15.84 13.26 22.23
CA ILE C 460 -14.56 13.90 22.50
C ILE C 460 -14.53 15.20 21.70
N LYS C 461 -14.84 16.31 22.34
CA LYS C 461 -14.84 17.60 21.68
C LYS C 461 -13.47 18.25 21.66
N ASP C 462 -12.47 17.67 22.33
CA ASP C 462 -11.10 18.16 22.31
C ASP C 462 -10.17 16.97 22.11
N PRO C 463 -10.06 16.50 20.86
CA PRO C 463 -9.18 15.33 20.61
C PRO C 463 -7.81 15.44 21.22
N ALA C 464 -7.25 16.66 21.27
CA ALA C 464 -5.90 16.82 21.81
C ALA C 464 -5.83 16.39 23.27
N SER C 465 -6.96 16.47 23.99
CA SER C 465 -6.93 16.17 25.41
C SER C 465 -6.75 14.68 25.69
N VAL C 466 -7.14 13.83 24.73
CA VAL C 466 -6.91 12.39 24.84
C VAL C 466 -5.87 11.99 23.80
N GLY C 467 -4.98 12.91 23.45
CA GLY C 467 -3.86 12.61 22.58
C GLY C 467 -4.24 12.07 21.22
N LEU C 468 -5.16 12.75 20.54
CA LEU C 468 -5.57 12.34 19.20
C LEU C 468 -5.37 13.50 18.23
N PRO C 469 -4.75 13.27 17.07
CA PRO C 469 -4.68 14.30 16.05
C PRO C 469 -5.93 14.30 15.18
N HIS C 470 -5.98 15.25 14.25
CA HIS C 470 -7.13 15.37 13.36
C HIS C 470 -6.80 16.33 12.23
N ASN C 471 -7.58 16.22 11.14
CA ASN C 471 -7.35 17.03 9.96
C ASN C 471 -7.71 18.49 10.20
N ASN C 472 -8.90 18.74 10.73
CA ASN C 472 -9.33 20.08 11.11
C ASN C 472 -9.34 20.19 12.63
N LEU C 473 -9.04 21.39 13.13
CA LEU C 473 -8.98 21.58 14.58
C LEU C 473 -10.36 21.70 15.21
N SER C 474 -11.41 21.84 14.41
CA SER C 474 -12.78 21.81 14.92
C SER C 474 -13.36 20.39 14.92
N ASP C 475 -12.66 19.41 14.36
CA ASP C 475 -13.14 18.05 14.35
C ASP C 475 -13.23 17.48 15.76
N LYS C 476 -14.16 16.56 15.96
CA LYS C 476 -14.33 15.86 17.22
C LYS C 476 -14.46 14.37 16.95
N PHE C 477 -14.28 13.59 18.02
CA PHE C 477 -14.35 12.13 17.97
C PHE C 477 -15.58 11.65 18.72
N ILE C 478 -16.29 10.69 18.15
CA ILE C 478 -17.37 9.98 18.85
C ILE C 478 -17.11 8.48 18.75
N PHE C 479 -17.43 7.76 19.82
CA PHE C 479 -17.17 6.33 19.93
C PHE C 479 -18.45 5.63 20.36
N THR C 480 -18.78 4.53 19.68
CA THR C 480 -19.85 3.67 20.17
C THR C 480 -19.39 2.97 21.45
N LYS C 481 -20.38 2.53 22.23
CA LYS C 481 -20.14 1.77 23.45
C LYS C 481 -20.88 0.44 23.36
N GLU C 482 -20.46 -0.50 24.19
CA GLU C 482 -21.11 -1.81 24.28
C GLU C 482 -21.11 -2.41 22.87
N ASP C 483 -22.23 -2.91 22.37
CA ASP C 483 -22.30 -3.57 21.07
C ASP C 483 -23.13 -2.77 20.08
N ASP C 484 -23.00 -1.45 20.14
CA ASP C 484 -23.67 -0.57 19.19
C ASP C 484 -22.79 -0.35 17.96
N PHE C 485 -23.43 -0.10 16.83
CA PHE C 485 -22.74 0.26 15.61
C PHE C 485 -23.41 1.46 14.97
N PHE C 486 -22.61 2.38 14.45
CA PHE C 486 -23.14 3.56 13.78
C PHE C 486 -23.85 3.15 12.50
N ALA C 487 -24.91 3.87 12.16
CA ALA C 487 -25.72 3.56 10.99
C ALA C 487 -26.20 4.84 10.34
N TYR C 488 -25.97 4.97 9.04
CA TYR C 488 -26.49 6.09 8.27
C TYR C 488 -27.92 5.80 7.82
N PRO C 489 -28.67 6.83 7.43
CA PRO C 489 -30.12 6.65 7.25
C PRO C 489 -30.55 6.26 5.85
N ASN C 490 -29.70 6.44 4.84
CA ASN C 490 -30.14 6.23 3.46
C ASN C 490 -30.64 4.81 3.24
N ASN C 491 -29.81 3.81 3.53
CA ASN C 491 -30.21 2.42 3.45
C ASN C 491 -30.22 1.80 4.84
N TYR C 492 -30.91 2.47 5.77
CA TYR C 492 -30.93 2.06 7.16
C TYR C 492 -31.25 0.57 7.29
N ASN C 493 -32.40 0.15 6.76
CA ASN C 493 -32.83 -1.23 6.94
C ASN C 493 -31.85 -2.21 6.33
N TYR C 494 -31.34 -1.91 5.14
CA TYR C 494 -30.40 -2.82 4.50
C TYR C 494 -29.08 -2.89 5.27
N TYR C 495 -28.52 -1.72 5.63
CA TYR C 495 -27.21 -1.72 6.28
C TYR C 495 -27.30 -2.18 7.72
N VAL C 496 -28.41 -1.89 8.42
CA VAL C 496 -28.61 -2.44 9.75
C VAL C 496 -28.66 -3.95 9.68
N GLN C 497 -29.53 -4.49 8.82
CA GLN C 497 -29.56 -5.93 8.60
C GLN C 497 -28.20 -6.45 8.15
N TYR C 498 -27.46 -5.65 7.39
CA TYR C 498 -26.18 -6.09 6.86
C TYR C 498 -25.15 -6.24 7.97
N TYR C 499 -25.11 -5.29 8.90
CA TYR C 499 -24.04 -5.24 9.90
C TYR C 499 -24.41 -5.90 11.22
N ARG C 500 -25.67 -6.28 11.43
CA ARG C 500 -26.05 -6.91 12.67
C ARG C 500 -25.34 -8.26 12.79
N ASN C 501 -24.70 -8.47 13.95
CA ASN C 501 -23.98 -9.70 14.30
C ASN C 501 -22.64 -9.83 13.58
N THR C 502 -22.10 -8.73 13.06
CA THR C 502 -20.74 -8.71 12.53
C THR C 502 -19.76 -8.26 13.61
N PHE C 503 -18.48 -8.46 13.35
CA PHE C 503 -17.43 -8.04 14.28
C PHE C 503 -16.89 -6.69 13.83
N GLN C 504 -16.85 -5.75 14.76
CA GLN C 504 -16.32 -4.42 14.50
C GLN C 504 -15.47 -3.99 15.69
N HIS C 505 -14.40 -3.26 15.41
CA HIS C 505 -13.53 -2.73 16.43
C HIS C 505 -13.33 -1.23 16.21
N GLY C 506 -12.98 -0.54 17.29
CA GLY C 506 -12.76 0.89 17.26
C GLY C 506 -13.46 1.63 18.39
N GLY C 507 -14.39 0.96 19.06
CA GLY C 507 -15.18 1.56 20.09
C GLY C 507 -14.76 1.11 21.48
N ILE C 508 -15.67 1.29 22.44
CA ILE C 508 -15.43 0.99 23.84
C ILE C 508 -16.17 -0.30 24.19
N SER C 509 -15.43 -1.28 24.70
CA SER C 509 -16.00 -2.51 25.20
C SER C 509 -14.90 -3.34 25.84
N LEU C 510 -15.30 -4.27 26.70
CA LEU C 510 -14.33 -5.18 27.30
C LEU C 510 -13.56 -5.95 26.22
N GLU C 511 -14.27 -6.43 25.19
CA GLU C 511 -13.60 -7.20 24.14
C GLU C 511 -12.59 -6.33 23.41
N GLU C 512 -13.00 -5.13 23.02
CA GLU C 512 -12.12 -4.27 22.21
C GLU C 512 -10.92 -3.80 23.01
N MSE C 513 -11.16 -3.23 24.19
CA MSE C 513 -10.12 -2.50 24.91
C MSE C 513 -9.25 -3.35 25.81
O MSE C 513 -8.03 -3.24 25.81
CB MSE C 513 -10.74 -1.38 25.74
CG MSE C 513 -11.34 -0.26 24.90
SE MSE C 513 -11.94 1.22 26.01
CE MSE C 513 -10.23 1.85 26.65
H MSE C 513 -11.91 -3.27 24.60
HA MSE C 513 -9.54 -2.07 24.25
HB2 MSE C 513 -11.46 -1.76 26.28
HB3 MSE C 513 -10.07 -1.00 26.31
HG2 MSE C 513 -10.67 0.06 24.29
HG3 MSE C 513 -12.12 -0.61 24.42
HE1 MSE C 513 -10.36 2.61 27.24
HE2 MSE C 513 -9.79 1.13 27.15
HE3 MSE C 513 -9.67 2.10 25.90
N LEU C 514 -9.89 -4.20 26.62
CA LEU C 514 -9.17 -5.02 27.59
C LEU C 514 -8.65 -6.25 26.88
N VAL C 515 -7.34 -6.25 26.57
CA VAL C 515 -6.75 -7.23 25.66
C VAL C 515 -5.59 -7.95 26.33
N PRO C 516 -5.27 -9.17 25.91
CA PRO C 516 -4.26 -9.95 26.62
C PRO C 516 -2.84 -9.54 26.28
N VAL C 517 -1.96 -9.73 27.25
CA VAL C 517 -0.53 -9.60 27.05
C VAL C 517 0.15 -10.72 27.84
N ILE C 518 0.62 -11.74 27.13
CA ILE C 518 1.12 -12.97 27.74
C ILE C 518 2.63 -12.99 27.62
N THR C 519 3.31 -13.11 28.76
CA THR C 519 4.74 -13.33 28.81
C THR C 519 5.00 -14.82 28.96
N MSE C 520 5.67 -15.41 27.98
CA MSE C 520 5.82 -16.85 27.91
C MSE C 520 7.28 -17.29 27.98
O MSE C 520 8.12 -16.81 27.24
CB MSE C 520 5.20 -17.38 26.62
CG MSE C 520 3.78 -16.89 26.35
SE MSE C 520 2.88 -17.92 24.96
CE MSE C 520 4.30 -17.97 23.64
H MSE C 520 6.06 -14.99 27.35
HA MSE C 520 5.33 -17.25 28.65
HB2 MSE C 520 5.75 -17.10 25.87
HB3 MSE C 520 5.17 -18.35 26.65
HG2 MSE C 520 3.27 -16.97 27.17
HG3 MSE C 520 3.82 -15.96 26.07
HE1 MSE C 520 3.99 -18.48 22.86
HE2 MSE C 520 4.53 -17.07 23.38
HE3 MSE C 520 5.07 -18.42 24.03
N GLN C 521 7.57 -18.22 28.91
CA GLN C 521 8.90 -18.80 29.03
C GLN C 521 8.93 -20.17 28.36
N PRO C 522 9.83 -20.42 27.40
CA PRO C 522 9.87 -21.74 26.78
C PRO C 522 10.17 -22.83 27.80
N LYS C 523 9.51 -23.96 27.65
CA LYS C 523 9.72 -25.09 28.55
C LYS C 523 11.06 -25.76 28.27
N ARG D 11 14.38 -31.05 31.88
CA ARG D 11 13.65 -30.74 33.11
C ARG D 11 12.83 -31.94 33.57
N PRO D 12 12.86 -32.24 34.87
CA PRO D 12 12.08 -33.36 35.37
C PRO D 12 10.59 -33.04 35.44
N TYR D 13 9.80 -34.10 35.53
CA TYR D 13 8.36 -33.94 35.73
C TYR D 13 8.08 -33.67 37.20
N THR D 14 7.37 -32.58 37.48
CA THR D 14 7.05 -32.18 38.83
C THR D 14 5.64 -32.61 39.19
N VAL D 15 5.47 -33.12 40.41
CA VAL D 15 4.19 -33.61 40.88
C VAL D 15 3.86 -32.86 42.17
N LEU D 16 2.69 -32.22 42.20
CA LEU D 16 2.15 -31.63 43.41
C LEU D 16 1.14 -32.61 44.01
N TRP D 17 1.36 -32.99 45.27
CA TRP D 17 0.52 -33.97 45.93
C TRP D 17 0.00 -33.38 47.23
N ALA D 18 -1.32 -33.23 47.33
CA ALA D 18 -1.98 -32.73 48.52
C ALA D 18 -2.68 -33.88 49.21
N ASP D 19 -2.36 -34.10 50.48
CA ASP D 19 -3.01 -35.12 51.28
C ASP D 19 -2.71 -34.86 52.74
N ASP D 20 -3.75 -34.76 53.55
CA ASP D 20 -3.56 -34.53 54.98
C ASP D 20 -2.73 -35.63 55.62
N GLU D 21 -2.79 -36.85 55.08
CA GLU D 21 -2.03 -37.99 55.57
C GLU D 21 -0.80 -38.24 54.71
N ILE D 22 -0.17 -37.16 54.22
CA ILE D 22 0.96 -37.32 53.32
C ILE D 22 2.07 -38.13 53.97
N ASP D 23 2.09 -38.22 55.31
CA ASP D 23 3.07 -39.06 55.97
C ASP D 23 2.80 -40.54 55.75
N LEU D 24 1.54 -40.91 55.50
CA LEU D 24 1.21 -42.31 55.21
C LEU D 24 1.66 -42.71 53.81
N LEU D 25 1.57 -41.78 52.86
CA LEU D 25 1.90 -42.05 51.47
C LEU D 25 3.38 -41.86 51.16
N LYS D 26 4.22 -41.72 52.19
CA LYS D 26 5.64 -41.50 51.94
C LYS D 26 6.30 -42.64 51.18
N PRO D 27 5.96 -43.91 51.36
CA PRO D 27 6.58 -44.93 50.50
C PRO D 27 6.24 -44.77 49.04
N HIS D 28 5.03 -44.28 48.71
CA HIS D 28 4.68 -44.01 47.33
C HIS D 28 5.58 -42.93 46.73
N ILE D 29 5.74 -41.83 47.46
CA ILE D 29 6.53 -40.71 46.96
C ILE D 29 7.94 -41.17 46.61
N LEU D 30 8.54 -41.99 47.47
CA LEU D 30 9.87 -42.52 47.17
C LEU D 30 9.86 -43.32 45.88
N PHE D 31 8.89 -44.23 45.72
CA PHE D 31 8.78 -45.00 44.49
C PHE D 31 8.75 -44.10 43.28
N LEU D 32 8.01 -42.98 43.35
CA LEU D 32 7.97 -42.05 42.24
C LEU D 32 9.29 -41.31 42.06
N GLU D 33 9.92 -40.91 43.17
CA GLU D 33 11.21 -40.22 43.07
C GLU D 33 12.29 -41.15 42.51
N GLN D 34 12.24 -42.44 42.85
CA GLN D 34 13.14 -43.40 42.24
C GLN D 34 12.86 -43.60 40.75
N LYS D 35 11.72 -43.11 40.27
CA LYS D 35 11.37 -43.18 38.86
C LYS D 35 11.57 -41.84 38.14
N GLY D 36 12.21 -40.86 38.80
CA GLY D 36 12.60 -39.62 38.17
C GLY D 36 11.71 -38.43 38.46
N TYR D 37 10.56 -38.63 39.13
CA TYR D 37 9.61 -37.55 39.37
C TYR D 37 9.97 -36.79 40.65
N GLN D 38 9.93 -35.47 40.57
CA GLN D 38 10.05 -34.61 41.74
C GLN D 38 8.67 -34.41 42.34
N VAL D 39 8.54 -34.63 43.64
CA VAL D 39 7.26 -34.55 44.34
C VAL D 39 7.34 -33.47 45.39
N THR D 40 6.40 -32.54 45.34
CA THR D 40 6.24 -31.52 46.37
C THR D 40 4.99 -31.83 47.17
N PRO D 41 5.11 -32.26 48.43
CA PRO D 41 3.91 -32.56 49.22
C PRO D 41 3.36 -31.36 49.96
N VAL D 42 2.03 -31.30 50.03
CA VAL D 42 1.32 -30.32 50.85
C VAL D 42 0.25 -31.04 51.65
N LEU D 43 -0.19 -30.41 52.73
CA LEU D 43 -1.07 -31.05 53.71
C LEU D 43 -2.54 -30.67 53.54
N SER D 44 -2.83 -29.52 52.93
CA SER D 44 -4.21 -29.04 52.80
C SER D 44 -4.46 -28.61 51.37
N GLY D 45 -5.74 -28.45 51.04
CA GLY D 45 -6.11 -27.91 49.75
C GLY D 45 -5.65 -26.47 49.55
N ASN D 46 -5.78 -25.66 50.60
CA ASN D 46 -5.35 -24.27 50.50
C ASN D 46 -3.85 -24.18 50.21
N ASP D 47 -3.06 -25.05 50.82
CA ASP D 47 -1.65 -25.13 50.47
C ASP D 47 -1.46 -25.56 49.03
N ALA D 48 -2.36 -26.41 48.52
CA ALA D 48 -2.27 -26.84 47.13
C ALA D 48 -2.54 -25.67 46.19
N ILE D 49 -3.66 -24.96 46.40
CA ILE D 49 -4.01 -23.84 45.53
C ILE D 49 -2.86 -22.84 45.46
N GLU D 50 -2.29 -22.49 46.62
CA GLU D 50 -1.22 -21.50 46.63
C GLU D 50 -0.01 -22.00 45.86
N ALA D 51 0.31 -23.29 45.98
CA ALA D 51 1.44 -23.83 45.24
C ALA D 51 1.21 -23.79 43.75
N VAL D 52 -0.04 -23.96 43.30
CA VAL D 52 -0.33 -23.88 41.87
C VAL D 52 -0.18 -22.45 41.37
N GLN D 53 -0.40 -21.46 42.24
CA GLN D 53 -0.29 -20.06 41.80
C GLN D 53 1.16 -19.62 41.66
N ASN D 54 2.05 -20.14 42.47
CA ASN D 54 3.45 -19.73 42.47
C ASN D 54 4.34 -20.62 41.60
N ASN D 55 3.83 -21.74 41.11
CA ASN D 55 4.65 -22.70 40.38
C ASN D 55 3.91 -23.15 39.12
N ASP D 56 4.59 -23.97 38.32
CA ASP D 56 4.04 -24.53 37.08
C ASP D 56 4.23 -26.05 37.12
N PHE D 57 3.52 -26.70 38.04
CA PHE D 57 3.58 -28.15 38.12
C PHE D 57 3.00 -28.78 36.87
N ASP D 58 3.48 -29.99 36.55
CA ASP D 58 2.99 -30.70 35.39
C ASP D 58 1.75 -31.53 35.70
N ILE D 59 1.52 -31.86 36.97
CA ILE D 59 0.37 -32.66 37.36
C ILE D 59 0.17 -32.48 38.85
N VAL D 60 -1.08 -32.65 39.30
CA VAL D 60 -1.45 -32.49 40.70
C VAL D 60 -2.18 -33.74 41.14
N PHE D 61 -1.74 -34.30 42.27
CA PHE D 61 -2.46 -35.38 42.94
C PHE D 61 -3.22 -34.80 44.13
N LEU D 62 -4.54 -34.94 44.10
CA LEU D 62 -5.41 -34.34 45.11
C LEU D 62 -6.11 -35.41 45.93
N ASP D 63 -5.96 -35.33 47.24
CA ASP D 63 -6.80 -36.09 48.16
C ASP D 63 -8.14 -35.39 48.30
N GLU D 64 -9.19 -36.18 48.58
CA GLU D 64 -10.53 -35.61 48.64
C GLU D 64 -10.86 -35.05 50.01
N ASN D 65 -10.67 -35.84 51.07
CA ASN D 65 -11.01 -35.40 52.42
C ASN D 65 -9.79 -34.81 53.09
N MSE D 66 -9.77 -33.49 53.25
CA MSE D 66 -8.77 -32.82 54.05
C MSE D 66 -9.44 -31.74 54.88
O MSE D 66 -10.50 -31.24 54.50
CB MSE D 66 -7.69 -32.20 53.16
CG MSE D 66 -6.91 -33.19 52.32
SE MSE D 66 -5.81 -32.27 51.02
CE MSE D 66 -7.22 -31.51 49.90
H MSE D 66 -10.35 -32.96 52.90
HA MSE D 66 -8.34 -33.46 54.64
HB2 MSE D 66 -8.11 -31.56 52.56
HB3 MSE D 66 -7.06 -31.73 53.72
HG2 MSE D 66 -6.34 -33.71 52.90
HG3 MSE D 66 -7.54 -33.76 51.85
HE1 MSE D 66 -6.81 -31.01 49.18
HE2 MSE D 66 -7.76 -32.23 49.53
HE3 MSE D 66 -7.77 -30.93 50.44
N PRO D 67 -8.85 -31.37 56.02
CA PRO D 67 -9.41 -30.26 56.79
C PRO D 67 -9.40 -28.98 55.96
N GLY D 68 -10.36 -28.11 56.26
CA GLY D 68 -10.54 -26.90 55.49
C GLY D 68 -11.17 -27.20 54.14
N ILE D 69 -10.70 -26.55 53.08
CA ILE D 69 -11.28 -26.80 51.76
C ILE D 69 -10.95 -28.22 51.33
N GLY D 70 -11.93 -28.89 50.74
CA GLY D 70 -11.74 -30.26 50.27
C GLY D 70 -11.09 -30.33 48.90
N GLY D 71 -10.65 -31.53 48.55
CA GLY D 71 -10.04 -31.74 47.24
C GLY D 71 -10.95 -31.32 46.11
N LEU D 72 -12.24 -31.62 46.21
CA LEU D 72 -13.18 -31.23 45.17
C LEU D 72 -13.24 -29.71 45.04
N ASP D 73 -13.19 -29.00 46.17
CA ASP D 73 -13.14 -27.54 46.12
C ASP D 73 -11.78 -27.05 45.65
N ALA D 74 -10.70 -27.69 46.12
CA ALA D 74 -9.36 -27.37 45.63
C ALA D 74 -9.22 -27.69 44.15
N LEU D 75 -9.91 -28.73 43.68
CA LEU D 75 -9.87 -29.07 42.26
C LEU D 75 -10.44 -27.95 41.41
N GLN D 76 -11.59 -27.41 41.81
CA GLN D 76 -12.24 -26.37 41.03
C GLN D 76 -11.33 -25.15 40.88
N LYS D 77 -10.65 -24.76 41.96
CA LYS D 77 -9.78 -23.61 41.91
C LYS D 77 -8.54 -23.89 41.07
N ILE D 78 -7.90 -25.04 41.31
CA ILE D 78 -6.70 -25.40 40.55
C ILE D 78 -7.02 -25.42 39.06
N LYS D 79 -8.14 -26.03 38.68
CA LYS D 79 -8.52 -26.10 37.28
C LYS D 79 -8.89 -24.73 36.72
N GLU D 80 -9.32 -23.80 37.57
CA GLU D 80 -9.53 -22.42 37.12
C GLU D 80 -8.19 -21.74 36.87
N LEU D 81 -7.18 -22.01 37.70
CA LEU D 81 -5.87 -21.41 37.52
C LEU D 81 -5.16 -22.01 36.31
N LYS D 82 -5.16 -23.33 36.19
CA LYS D 82 -4.36 -24.04 35.18
C LYS D 82 -5.26 -25.07 34.51
N PRO D 83 -6.16 -24.64 33.61
CA PRO D 83 -7.05 -25.60 32.96
C PRO D 83 -6.32 -26.64 32.13
N TYR D 84 -5.08 -26.37 31.72
CA TYR D 84 -4.30 -27.29 30.92
C TYR D 84 -3.50 -28.28 31.77
N THR D 85 -3.42 -28.08 33.07
CA THR D 85 -2.72 -29.02 33.94
C THR D 85 -3.65 -30.18 34.30
N PRO D 86 -3.20 -31.43 34.16
CA PRO D 86 -4.04 -32.55 34.61
C PRO D 86 -4.02 -32.70 36.12
N VAL D 87 -5.16 -33.10 36.67
CA VAL D 87 -5.30 -33.33 38.11
C VAL D 87 -5.83 -34.73 38.32
N VAL D 88 -5.14 -35.50 39.16
CA VAL D 88 -5.51 -36.88 39.49
C VAL D 88 -5.97 -36.91 40.93
N MSE D 89 -7.16 -37.45 41.16
CA MSE D 89 -7.66 -37.61 42.52
C MSE D 89 -7.28 -38.97 43.06
O MSE D 89 -7.53 -40.01 42.45
CB MSE D 89 -9.18 -37.44 42.55
CG MSE D 89 -9.79 -37.70 43.92
SE MSE D 89 -11.32 -36.55 44.34
CE MSE D 89 -10.37 -34.87 44.60
H MSE D 89 -7.69 -37.74 40.55
HA MSE D 89 -7.27 -36.92 43.07
HB2 MSE D 89 -9.40 -36.52 42.30
HB3 MSE D 89 -9.59 -38.05 41.92
HG2 MSE D 89 -10.09 -38.61 43.96
HG3 MSE D 89 -9.11 -37.54 44.60
HE1 MSE D 89 -11.02 -34.17 44.82
HE2 MSE D 89 -9.73 -34.96 45.32
HE3 MSE D 89 -9.90 -34.63 43.78
N ILE D 90 -6.63 -38.96 44.22
CA ILE D 90 -6.20 -40.17 44.92
C ILE D 90 -6.81 -40.12 46.31
N THR D 91 -7.82 -40.95 46.56
CA THR D 91 -8.57 -40.91 47.80
C THR D 91 -9.00 -42.30 48.21
N LYS D 92 -9.28 -42.46 49.50
CA LYS D 92 -9.85 -43.68 50.04
C LYS D 92 -11.34 -43.79 49.82
N SER D 93 -11.99 -42.72 49.38
CA SER D 93 -13.43 -42.72 49.22
C SER D 93 -13.85 -43.56 48.02
N GLU D 94 -14.91 -44.35 48.21
CA GLU D 94 -15.52 -45.13 47.14
C GLU D 94 -16.97 -44.72 46.92
N GLU D 95 -17.33 -43.50 47.29
CA GLU D 95 -18.68 -43.00 47.12
C GLU D 95 -18.93 -42.62 45.67
N GLU D 96 -20.13 -42.93 45.18
CA GLU D 96 -20.46 -42.62 43.79
C GLU D 96 -20.53 -41.10 43.57
N HIS D 97 -21.16 -40.37 44.50
CA HIS D 97 -21.28 -38.93 44.29
C HIS D 97 -19.96 -38.21 44.42
N ILE D 98 -18.98 -38.80 45.11
CA ILE D 98 -17.62 -38.26 45.08
C ILE D 98 -17.00 -38.48 43.71
N MSE D 99 -17.17 -39.67 43.14
CA MSE D 99 -16.70 -39.96 41.79
C MSE D 99 -17.32 -38.99 40.81
O MSE D 99 -16.62 -38.32 40.05
CB MSE D 99 -17.05 -41.40 41.39
CG MSE D 99 -16.43 -42.48 42.27
SE MSE D 99 -17.09 -44.25 41.79
CE MSE D 99 -16.07 -45.33 43.05
H MSE D 99 -17.55 -40.34 43.54
HA MSE D 99 -15.74 -39.87 41.77
HB2 MSE D 99 -18.02 -41.50 41.44
HB3 MSE D 99 -16.75 -41.54 40.49
HG2 MSE D 99 -15.47 -42.47 42.15
HG3 MSE D 99 -16.65 -42.31 43.19
HE1 MSE D 99 -16.30 -46.26 42.93
HE2 MSE D 99 -15.13 -45.19 42.88
HE3 MSE D 99 -16.29 -45.05 43.96
N THR D 100 -18.66 -38.91 40.85
CA THR D 100 -19.39 -38.02 39.94
C THR D 100 -18.86 -36.59 40.01
N GLN D 101 -18.65 -36.09 41.23
CA GLN D 101 -18.18 -34.71 41.38
C GLN D 101 -16.74 -34.56 40.89
N ALA D 102 -15.87 -35.52 41.23
CA ALA D 102 -14.51 -35.48 40.71
C ALA D 102 -14.50 -35.50 39.20
N ILE D 103 -15.31 -36.37 38.60
CA ILE D 103 -15.41 -36.43 37.14
C ILE D 103 -15.88 -35.10 36.60
N GLY D 104 -16.91 -34.52 37.21
CA GLY D 104 -17.44 -33.25 36.77
C GLY D 104 -16.47 -32.09 36.92
N GLY D 105 -15.43 -32.25 37.73
CA GLY D 105 -14.43 -31.21 37.90
C GLY D 105 -13.28 -31.33 36.93
N LYS D 106 -13.47 -32.12 35.88
CA LYS D 106 -12.47 -32.30 34.83
C LYS D 106 -11.22 -33.03 35.35
N ILE D 107 -11.44 -33.99 36.25
CA ILE D 107 -10.31 -34.73 36.80
C ILE D 107 -9.68 -35.56 35.68
N ALA D 108 -8.37 -35.81 35.82
CA ALA D 108 -7.67 -36.64 34.85
C ALA D 108 -7.84 -38.13 35.16
N ASP D 109 -7.79 -38.50 36.44
CA ASP D 109 -7.98 -39.88 36.86
C ASP D 109 -8.42 -39.88 38.31
N TYR D 110 -8.99 -41.00 38.73
CA TYR D 110 -9.49 -41.18 40.08
C TYR D 110 -8.99 -42.53 40.57
N LEU D 111 -8.13 -42.50 41.60
CA LEU D 111 -7.45 -43.70 42.09
C LEU D 111 -7.88 -43.96 43.52
N ILE D 112 -8.40 -45.16 43.78
CA ILE D 112 -8.93 -45.52 45.09
C ILE D 112 -7.82 -46.14 45.92
N LYS D 113 -7.66 -45.64 47.15
CA LYS D 113 -6.67 -46.20 48.05
C LYS D 113 -7.17 -47.53 48.63
N PRO D 114 -6.27 -48.49 48.87
CA PRO D 114 -4.82 -48.44 48.65
C PRO D 114 -4.48 -48.54 47.17
N VAL D 115 -3.47 -47.79 46.73
CA VAL D 115 -3.13 -47.66 45.32
C VAL D 115 -1.87 -48.47 45.03
N ASN D 116 -1.91 -49.23 43.95
CA ASN D 116 -0.73 -49.91 43.46
C ASN D 116 0.25 -48.87 42.93
N PRO D 117 1.50 -48.82 43.43
CA PRO D 117 2.42 -47.77 42.96
C PRO D 117 2.57 -47.70 41.45
N ASN D 118 2.63 -48.84 40.77
CA ASN D 118 2.71 -48.84 39.31
C ASN D 118 1.48 -48.20 38.68
N GLN D 119 0.34 -48.20 39.40
CA GLN D 119 -0.84 -47.51 38.90
C GLN D 119 -0.63 -45.99 38.88
N LEU D 120 0.11 -45.47 39.86
CA LEU D 120 0.54 -44.08 39.79
C LEU D 120 1.43 -43.84 38.58
N LEU D 121 2.33 -44.78 38.31
CA LEU D 121 3.23 -44.64 37.17
C LEU D 121 2.47 -44.67 35.85
N LEU D 122 1.43 -45.51 35.78
CA LEU D 122 0.54 -45.48 34.61
C LEU D 122 -0.10 -44.11 34.45
N SER D 123 -0.58 -43.54 35.56
CA SER D 123 -1.32 -42.29 35.49
C SER D 123 -0.43 -41.14 35.03
N LEU D 124 0.83 -41.12 35.50
CA LEU D 124 1.76 -40.10 35.07
C LEU D 124 2.06 -40.21 33.58
N LYS D 125 2.37 -41.42 33.12
CA LYS D 125 2.62 -41.64 31.70
C LYS D 125 1.45 -41.15 30.85
N LYS D 126 0.23 -41.57 31.20
CA LYS D 126 -0.91 -41.36 30.31
C LYS D 126 -1.37 -39.91 30.31
N ASN D 127 -1.10 -39.16 31.36
CA ASN D 127 -1.55 -37.78 31.45
C ASN D 127 -0.45 -36.77 31.13
N LEU D 128 0.79 -37.23 30.89
CA LEU D 128 1.90 -36.34 30.61
C LEU D 128 2.69 -36.70 29.37
N GLN D 129 2.50 -37.90 28.80
CA GLN D 129 3.24 -38.32 27.63
C GLN D 129 2.37 -38.97 26.58
N GLN D 130 1.04 -38.83 26.70
CA GLN D 130 0.11 -39.54 25.82
C GLN D 130 0.32 -39.16 24.35
N HIS D 131 0.37 -37.85 24.05
CA HIS D 131 0.43 -37.42 22.67
C HIS D 131 1.73 -37.87 22.00
N SER D 132 2.85 -37.75 22.71
CA SER D 132 4.11 -38.23 22.16
C SER D 132 4.10 -39.74 21.99
N ILE D 133 3.62 -40.46 23.01
CA ILE D 133 3.54 -41.90 22.93
C ILE D 133 2.70 -42.33 21.73
N ILE D 134 1.56 -41.67 21.52
CA ILE D 134 0.65 -42.09 20.47
C ILE D 134 1.23 -41.80 19.09
N SER D 135 1.93 -40.68 18.95
CA SER D 135 2.53 -40.37 17.65
C SER D 135 3.67 -41.32 17.34
N GLU D 136 4.51 -41.62 18.33
CA GLU D 136 5.54 -42.65 18.15
C GLU D 136 4.91 -43.98 17.76
N THR D 137 3.84 -44.37 18.46
CA THR D 137 3.20 -45.65 18.18
C THR D 137 2.63 -45.69 16.76
N THR D 138 1.91 -44.62 16.38
CA THR D 138 1.31 -44.58 15.05
C THR D 138 2.36 -44.70 13.96
N ASN D 139 3.48 -43.97 14.10
CA ASN D 139 4.55 -44.04 13.12
C ASN D 139 5.08 -45.46 12.98
N THR D 140 5.46 -46.08 14.10
CA THR D 140 5.90 -47.46 14.06
C THR D 140 4.88 -48.34 13.35
N ASN D 141 3.61 -48.24 13.73
CA ASN D 141 2.60 -49.12 13.18
C ASN D 141 2.40 -48.88 11.69
N TYR D 142 2.54 -47.63 11.23
CA TYR D 142 2.39 -47.37 9.80
C TYR D 142 3.55 -47.97 9.02
N ARG D 143 4.79 -47.77 9.50
CA ARG D 143 5.94 -48.36 8.83
C ARG D 143 5.78 -49.86 8.67
N GLN D 144 5.24 -50.54 9.68
CA GLN D 144 5.14 -51.99 9.67
C GLN D 144 3.96 -52.50 8.86
N GLU D 145 3.00 -51.64 8.53
CA GLU D 145 1.91 -52.00 7.63
C GLU D 145 2.14 -51.50 6.21
N PHE D 146 3.23 -50.77 5.98
CA PHE D 146 3.48 -50.16 4.68
C PHE D 146 3.48 -51.19 3.56
N VAL D 147 4.23 -52.29 3.74
CA VAL D 147 4.30 -53.31 2.71
C VAL D 147 2.95 -53.99 2.53
N GLN D 148 2.24 -54.24 3.62
CA GLN D 148 0.93 -54.89 3.52
C GLN D 148 0.00 -54.08 2.62
N LEU D 149 -0.02 -52.76 2.80
CA LEU D 149 -0.88 -51.91 1.97
C LEU D 149 -0.46 -51.97 0.51
N GLY D 150 0.84 -51.97 0.24
CA GLY D 150 1.31 -52.10 -1.12
C GLY D 150 0.84 -53.38 -1.78
N THR D 151 0.88 -54.49 -1.04
CA THR D 151 0.38 -55.76 -1.56
C THR D 151 -1.14 -55.75 -1.64
N GLN D 152 -1.80 -55.11 -0.67
CA GLN D 152 -3.26 -55.07 -0.63
C GLN D 152 -3.86 -54.32 -1.82
N MSE D 153 -3.07 -53.60 -2.60
CA MSE D 153 -3.60 -52.84 -3.72
C MSE D 153 -3.09 -53.36 -5.08
O MSE D 153 -3.40 -52.79 -6.11
CB MSE D 153 -3.25 -51.35 -3.58
CG MSE D 153 -1.76 -51.01 -3.67
SE MSE D 153 -1.44 -49.08 -3.44
CE MSE D 153 -1.53 -48.96 -1.50
H MSE D 153 -2.22 -53.52 -2.49
HA MSE D 153 -4.57 -52.91 -3.71
HB2 MSE D 153 -3.71 -50.85 -4.27
HB3 MSE D 153 -3.55 -51.05 -2.71
HG2 MSE D 153 -1.28 -51.48 -2.98
HG3 MSE D 153 -1.44 -51.27 -4.55
HE1 MSE D 153 -1.38 -48.04 -1.24
HE2 MSE D 153 -2.42 -49.25 -1.22
HE3 MSE D 153 -0.85 -49.53 -1.12
N SER D 154 -2.34 -54.46 -5.05
CA SER D 154 -1.80 -55.03 -6.27
C SER D 154 -2.78 -56.06 -6.86
N GLY D 155 -2.65 -56.27 -8.16
CA GLY D 155 -3.51 -57.21 -8.86
C GLY D 155 -4.90 -56.65 -9.09
N LYS D 156 -5.81 -57.55 -9.43
CA LYS D 156 -7.20 -57.19 -9.67
C LYS D 156 -7.94 -57.19 -8.33
N LEU D 157 -8.55 -56.04 -8.01
CA LEU D 157 -9.27 -55.86 -6.76
C LEU D 157 -10.77 -55.91 -7.03
N SER D 158 -11.50 -56.58 -6.14
CA SER D 158 -12.95 -56.51 -6.18
C SER D 158 -13.41 -55.18 -5.60
N PHE D 159 -14.67 -54.82 -5.90
CA PHE D 159 -15.19 -53.56 -5.40
C PHE D 159 -15.17 -53.53 -3.88
N GLU D 160 -15.54 -54.64 -3.24
CA GLU D 160 -15.45 -54.71 -1.79
C GLU D 160 -14.01 -54.51 -1.34
N GLU D 161 -13.05 -55.09 -2.07
CA GLU D 161 -11.65 -54.91 -1.73
C GLU D 161 -11.20 -53.46 -1.95
N TRP D 162 -11.74 -52.82 -2.99
CA TRP D 162 -11.45 -51.39 -3.18
C TRP D 162 -12.00 -50.56 -2.04
N LYS D 163 -13.24 -50.84 -1.63
CA LYS D 163 -13.81 -50.17 -0.46
C LYS D 163 -12.89 -50.31 0.74
N GLU D 164 -12.52 -51.55 1.08
CA GLU D 164 -11.79 -51.78 2.31
C GLU D 164 -10.39 -51.19 2.26
N LEU D 165 -9.79 -51.12 1.06
CA LEU D 165 -8.48 -50.48 0.93
C LEU D 165 -8.57 -48.97 1.10
N TYR D 166 -9.47 -48.34 0.34
CA TYR D 166 -9.66 -46.90 0.46
C TYR D 166 -10.01 -46.52 1.89
N ARG D 167 -10.85 -47.32 2.55
CA ARG D 167 -11.12 -47.08 3.97
C ARG D 167 -9.84 -47.12 4.78
N ARG D 168 -8.91 -47.99 4.40
CA ARG D 168 -7.67 -48.14 5.17
C ARG D 168 -6.69 -47.01 4.89
N ILE D 169 -6.66 -46.51 3.64
CA ILE D 169 -5.84 -45.35 3.31
C ILE D 169 -6.31 -44.13 4.07
N VAL D 170 -7.60 -43.80 3.93
CA VAL D 170 -8.18 -42.66 4.64
C VAL D 170 -7.85 -42.76 6.13
N PHE D 171 -8.07 -43.94 6.70
CA PHE D 171 -7.77 -44.14 8.12
C PHE D 171 -6.35 -43.68 8.44
N TRP D 172 -5.39 -43.97 7.57
CA TRP D 172 -4.01 -43.60 7.84
C TRP D 172 -3.77 -42.12 7.60
N GLU D 173 -4.42 -41.53 6.59
CA GLU D 173 -4.32 -40.08 6.39
C GLU D 173 -4.57 -39.34 7.69
N ILE D 174 -5.73 -39.59 8.30
CA ILE D 174 -6.11 -38.89 9.52
C ILE D 174 -5.15 -39.24 10.66
N GLU D 175 -4.84 -40.53 10.82
CA GLU D 175 -3.97 -40.94 11.91
C GLU D 175 -2.62 -40.24 11.83
N LEU D 176 -2.11 -40.02 10.63
CA LEU D 176 -0.76 -39.49 10.46
C LEU D 176 -0.71 -37.97 10.36
N GLU D 177 -1.82 -37.29 10.66
CA GLU D 177 -1.75 -35.84 10.86
C GLU D 177 -0.89 -35.47 12.05
N GLN D 178 -0.55 -36.43 12.91
CA GLN D 178 0.08 -36.19 14.19
C GLN D 178 1.58 -36.46 14.21
N ALA D 179 2.16 -36.85 13.07
CA ALA D 179 3.58 -37.17 12.98
C ALA D 179 4.25 -36.26 11.95
N ASP D 180 5.56 -36.46 11.79
CA ASP D 180 6.32 -35.68 10.83
C ASP D 180 5.74 -35.84 9.43
N ARG D 181 6.07 -34.89 8.55
CA ARG D 181 5.47 -34.89 7.22
C ARG D 181 6.07 -35.94 6.30
N GLN D 182 7.24 -36.49 6.62
CA GLN D 182 7.81 -37.54 5.79
C GLN D 182 6.93 -38.79 5.83
N MSE D 183 6.29 -39.05 6.96
CA MSE D 183 5.38 -40.19 7.06
C MSE D 183 4.16 -39.92 6.19
O MSE D 183 3.66 -40.81 5.50
CB MSE D 183 4.96 -40.43 8.51
CG MSE D 183 5.00 -41.89 8.93
SE MSE D 183 6.79 -42.68 8.83
CE MSE D 183 7.76 -41.37 9.91
H MSE D 183 6.36 -38.60 7.68
HA MSE D 183 5.83 -40.98 6.74
HB2 MSE D 183 5.57 -39.93 9.09
HB3 MSE D 183 4.06 -40.11 8.64
HG2 MSE D 183 4.70 -41.96 9.85
HG3 MSE D 183 4.42 -42.40 8.35
HE1 MSE D 183 8.69 -41.62 9.96
HE2 MSE D 183 7.67 -40.49 9.50
HE3 MSE D 183 7.37 -41.35 10.80
N GLY D 184 3.67 -38.68 6.24
CA GLY D 184 2.61 -38.27 5.32
C GLY D 184 3.05 -38.33 3.88
N GLU D 185 4.33 -38.06 3.60
CA GLU D 185 4.85 -38.18 2.25
C GLU D 185 4.75 -39.61 1.75
N LEU D 186 5.03 -40.59 2.62
CA LEU D 186 4.87 -41.99 2.25
C LEU D 186 3.41 -42.30 1.93
N LEU D 187 2.50 -41.93 2.84
CA LEU D 187 1.09 -42.18 2.60
C LEU D 187 0.61 -41.53 1.31
N GLU D 188 1.05 -40.29 1.06
CA GLU D 188 0.68 -39.60 -0.17
C GLU D 188 1.04 -40.45 -1.40
N MSE D 189 2.25 -41.01 -1.41
CA MSE D 189 2.69 -41.82 -2.52
C MSE D 189 1.83 -43.07 -2.67
O MSE D 189 1.45 -43.45 -3.77
CB MSE D 189 4.16 -42.22 -2.36
CG MSE D 189 5.14 -41.13 -2.77
SE MSE D 189 6.96 -41.82 -2.95
CE MSE D 189 7.80 -40.28 -3.79
H MSE D 189 2.83 -40.92 -0.78
HA MSE D 189 2.62 -41.30 -3.34
HB2 MSE D 189 4.32 -42.43 -1.43
HB3 MSE D 189 4.34 -43.00 -2.91
HG2 MSE D 189 4.88 -40.75 -3.62
HG3 MSE D 189 5.15 -40.44 -2.09
HE1 MSE D 189 8.74 -40.48 -3.95
HE2 MSE D 189 7.37 -40.09 -4.63
HE3 MSE D 189 7.73 -39.52 -3.19
N GLN D 190 1.52 -43.72 -1.53
CA GLN D 190 0.64 -44.88 -1.57
C GLN D 190 -0.74 -44.49 -2.09
N LYS D 191 -1.28 -43.38 -1.59
CA LYS D 191 -2.57 -42.92 -2.08
C LYS D 191 -2.51 -42.62 -3.58
N GLN D 192 -1.42 -41.98 -4.02
CA GLN D 192 -1.25 -41.69 -5.44
C GLN D 192 -1.26 -42.96 -6.27
N GLU D 193 -0.56 -44.00 -5.81
CA GLU D 193 -0.58 -45.28 -6.52
C GLU D 193 -1.96 -45.92 -6.45
N ALA D 194 -2.58 -45.91 -5.27
CA ALA D 194 -3.93 -46.44 -5.14
C ALA D 194 -4.88 -45.72 -6.09
N ASN D 195 -4.65 -44.42 -6.32
CA ASN D 195 -5.53 -43.66 -7.20
C ASN D 195 -5.30 -44.02 -8.66
N ARG D 196 -4.06 -44.36 -9.03
CA ARG D 196 -3.80 -44.76 -10.41
C ARG D 196 -4.40 -46.12 -10.71
N LEU D 197 -4.20 -47.08 -9.81
CA LEU D 197 -4.80 -48.40 -10.00
C LEU D 197 -6.32 -48.32 -9.99
N PHE D 198 -6.88 -47.42 -9.18
CA PHE D 198 -8.33 -47.29 -9.14
C PHE D 198 -8.88 -46.66 -10.41
N ALA D 199 -8.15 -45.71 -11.01
CA ALA D 199 -8.54 -45.21 -12.32
C ALA D 199 -8.47 -46.33 -13.36
N ARG D 200 -7.40 -47.12 -13.32
CA ARG D 200 -7.36 -48.36 -14.08
C ARG D 200 -8.64 -49.16 -13.91
N PHE D 201 -9.04 -49.38 -12.66
CA PHE D 201 -10.19 -50.25 -12.37
C PHE D 201 -11.49 -49.64 -12.88
N VAL D 202 -11.66 -48.32 -12.75
CA VAL D 202 -12.89 -47.67 -13.21
C VAL D 202 -12.97 -47.72 -14.74
N THR D 203 -11.92 -47.28 -15.42
CA THR D 203 -11.97 -47.15 -16.88
C THR D 203 -12.18 -48.50 -17.55
N GLN D 204 -11.68 -49.58 -16.94
CA GLN D 204 -11.83 -50.91 -17.51
C GLN D 204 -13.22 -51.50 -17.31
N ASN D 205 -13.99 -50.97 -16.35
CA ASN D 205 -15.26 -51.56 -15.98
C ASN D 205 -16.45 -50.62 -16.12
N TYR D 206 -16.23 -49.33 -16.37
CA TYR D 206 -17.32 -48.36 -16.25
C TYR D 206 -18.43 -48.64 -17.26
N ARG D 207 -18.06 -48.93 -18.51
CA ARG D 207 -19.08 -49.12 -19.54
C ARG D 207 -19.94 -50.33 -19.23
N GLU D 208 -19.33 -51.40 -18.70
CA GLU D 208 -20.09 -52.58 -18.34
C GLU D 208 -21.06 -52.30 -17.20
N TRP D 209 -20.67 -51.45 -16.26
CA TRP D 209 -21.53 -51.12 -15.14
C TRP D 209 -22.84 -50.51 -15.61
N ILE D 210 -22.76 -49.46 -16.44
CA ILE D 210 -23.96 -48.80 -16.93
C ILE D 210 -24.75 -49.76 -17.82
N ALA D 211 -24.04 -50.59 -18.60
CA ALA D 211 -24.73 -51.49 -19.52
C ALA D 211 -25.45 -52.60 -18.78
N LYS D 212 -24.87 -53.07 -17.66
CA LYS D 212 -25.40 -54.23 -16.92
C LYS D 212 -25.76 -53.77 -15.51
N PRO D 213 -26.95 -53.22 -15.30
CA PRO D 213 -27.33 -52.76 -13.96
C PRO D 213 -27.40 -53.88 -12.94
N ASP D 214 -27.80 -55.07 -13.33
CA ASP D 214 -28.00 -56.16 -12.38
C ASP D 214 -26.69 -56.70 -11.80
N THR D 215 -25.55 -56.31 -12.37
CA THR D 215 -24.27 -56.76 -11.86
C THR D 215 -23.36 -55.62 -11.41
N ARG D 216 -23.71 -54.37 -11.67
CA ARG D 216 -22.82 -53.27 -11.30
C ARG D 216 -22.88 -53.04 -9.79
N PRO D 217 -21.88 -52.36 -9.23
CA PRO D 217 -21.97 -51.95 -7.83
C PRO D 217 -23.04 -50.90 -7.64
N THR D 218 -23.35 -50.61 -6.38
CA THR D 218 -24.31 -49.55 -6.07
C THR D 218 -23.80 -48.23 -6.63
N MSE D 219 -24.64 -47.56 -7.41
CA MSE D 219 -24.28 -46.27 -7.97
C MSE D 219 -25.40 -45.24 -7.76
O MSE D 219 -26.45 -45.57 -7.21
CB MSE D 219 -23.94 -46.42 -9.46
CG MSE D 219 -22.72 -47.30 -9.69
SE MSE D 219 -22.15 -47.38 -11.55
CE MSE D 219 -21.25 -45.66 -11.67
H MSE D 219 -25.43 -47.83 -7.63
HA MSE D 219 -23.49 -45.94 -7.51
HB2 MSE D 219 -24.70 -46.81 -9.91
HB3 MSE D 219 -23.75 -45.54 -9.82
HG2 MSE D 219 -21.98 -46.96 -9.17
HG3 MSE D 219 -22.94 -48.21 -9.41
HE1 MSE D 219 -20.90 -45.54 -12.56
HE2 MSE D 219 -21.89 -44.95 -11.47
HE3 MSE D 219 -20.53 -45.63 -11.01
N SER D 220 -25.15 -44.02 -8.22
CA SER D 220 -26.08 -42.91 -7.96
C SER D 220 -27.53 -43.27 -8.24
N PRO D 221 -27.92 -43.81 -9.40
CA PRO D 221 -29.33 -44.09 -9.64
C PRO D 221 -29.88 -45.26 -8.83
N ASP D 222 -29.04 -46.03 -8.16
CA ASP D 222 -29.48 -47.16 -7.36
C ASP D 222 -29.58 -46.83 -5.87
N LEU D 223 -29.15 -45.65 -5.45
CA LEU D 223 -28.95 -45.39 -4.03
C LEU D 223 -30.24 -45.53 -3.24
N PHE D 224 -31.30 -44.83 -3.67
CA PHE D 224 -32.55 -44.87 -2.92
C PHE D 224 -33.12 -46.27 -2.90
N LYS D 225 -33.15 -46.95 -4.05
CA LYS D 225 -33.71 -48.29 -4.12
C LYS D 225 -32.97 -49.26 -3.20
N GLN D 226 -31.66 -49.08 -3.07
CA GLN D 226 -30.84 -50.01 -2.29
C GLN D 226 -30.78 -49.64 -0.81
N LYS D 227 -30.73 -48.34 -0.49
CA LYS D 227 -30.39 -47.89 0.85
C LYS D 227 -31.52 -47.20 1.59
N VAL D 228 -32.55 -46.73 0.89
CA VAL D 228 -33.65 -46.00 1.50
C VAL D 228 -34.94 -46.82 1.51
N PHE D 229 -35.37 -47.27 0.33
CA PHE D 229 -36.66 -47.96 0.24
C PHE D 229 -36.78 -49.16 1.17
N PRO D 230 -35.76 -50.00 1.36
CA PRO D 230 -35.92 -51.11 2.30
C PRO D 230 -36.24 -50.65 3.71
N LEU D 231 -35.73 -49.50 4.13
CA LEU D 231 -36.07 -48.96 5.45
C LEU D 231 -37.53 -48.54 5.49
N LEU D 232 -37.97 -47.75 4.50
CA LEU D 232 -39.36 -47.31 4.47
C LEU D 232 -40.31 -48.51 4.36
N ASP D 233 -39.96 -49.48 3.52
CA ASP D 233 -40.81 -50.66 3.38
C ASP D 233 -40.88 -51.44 4.69
N ASN D 234 -39.84 -51.37 5.51
CA ASN D 234 -39.84 -51.99 6.83
C ASN D 234 -40.58 -51.15 7.87
N GLY D 235 -41.33 -50.14 7.45
CA GLY D 235 -42.04 -49.29 8.38
C GLY D 235 -41.15 -48.30 9.12
N GLU D 236 -39.93 -48.09 8.67
CA GLU D 236 -39.01 -47.19 9.33
C GLU D 236 -39.12 -45.77 8.77
N LYS D 237 -38.84 -44.80 9.62
CA LYS D 237 -38.84 -43.39 9.27
C LYS D 237 -37.41 -42.95 8.97
N VAL D 238 -37.22 -42.28 7.84
CA VAL D 238 -35.88 -41.99 7.33
C VAL D 238 -35.72 -40.49 7.10
N PHE D 239 -34.61 -39.94 7.59
CA PHE D 239 -34.10 -38.64 7.15
C PHE D 239 -32.95 -38.90 6.17
N PHE D 240 -33.13 -38.50 4.93
CA PHE D 240 -32.08 -38.64 3.92
C PHE D 240 -31.34 -37.31 3.82
N ILE D 241 -30.13 -37.27 4.37
CA ILE D 241 -29.33 -36.06 4.43
C ILE D 241 -28.20 -36.20 3.42
N LEU D 242 -28.23 -35.39 2.38
CA LEU D 242 -27.20 -35.39 1.36
C LEU D 242 -26.35 -34.14 1.56
N ILE D 243 -25.12 -34.33 2.04
CA ILE D 243 -24.15 -33.24 2.16
C ILE D 243 -23.33 -33.24 0.87
N ASP D 244 -23.59 -32.28 0.00
CA ASP D 244 -22.87 -32.20 -1.26
C ASP D 244 -21.37 -32.13 -1.01
N ASN D 245 -20.61 -32.87 -1.82
CA ASN D 245 -19.15 -32.81 -1.80
C ASN D 245 -18.60 -33.15 -0.42
N PHE D 246 -18.81 -34.41 -0.03
CA PHE D 246 -18.45 -34.90 1.30
C PHE D 246 -17.60 -36.16 1.15
N ARG D 247 -16.28 -35.99 1.24
CA ARG D 247 -15.35 -37.09 1.06
C ARG D 247 -15.46 -38.11 2.18
N GLN D 248 -14.95 -39.32 1.91
CA GLN D 248 -14.82 -40.33 2.94
C GLN D 248 -14.08 -39.79 4.16
N ASP D 249 -12.96 -39.10 3.93
CA ASP D 249 -12.14 -38.64 5.05
C ASP D 249 -12.80 -37.50 5.81
N GLN D 250 -13.79 -36.83 5.21
CA GLN D 250 -14.58 -35.87 5.96
C GLN D 250 -15.59 -36.58 6.85
N TRP D 251 -16.16 -37.69 6.37
CA TRP D 251 -17.00 -38.52 7.21
C TRP D 251 -16.23 -39.06 8.40
N GLU D 252 -15.01 -39.54 8.18
CA GLU D 252 -14.17 -39.98 9.30
C GLU D 252 -13.94 -38.84 10.29
N SER D 253 -13.90 -37.60 9.80
CA SER D 253 -13.57 -36.48 10.66
C SER D 253 -14.70 -36.15 11.63
N VAL D 254 -15.95 -36.40 11.24
CA VAL D 254 -17.10 -35.97 12.02
C VAL D 254 -17.83 -37.13 12.72
N LYS D 255 -17.50 -38.37 12.40
CA LYS D 255 -18.33 -39.48 12.85
C LYS D 255 -18.27 -39.68 14.36
N SER D 256 -17.20 -39.25 15.02
CA SER D 256 -17.16 -39.37 16.48
C SER D 256 -18.14 -38.41 17.14
N MSE D 257 -18.34 -37.22 16.58
CA MSE D 257 -19.36 -36.30 17.05
C MSE D 257 -20.73 -36.96 16.97
O MSE D 257 -21.55 -36.82 17.89
CB MSE D 257 -19.37 -35.01 16.24
CG MSE D 257 -18.37 -33.96 16.70
SE MSE D 257 -18.60 -32.28 15.74
CE MSE D 257 -18.07 -32.86 13.97
H MSE D 257 -17.88 -36.92 15.91
HA MSE D 257 -19.18 -36.07 17.98
HB2 MSE D 257 -19.15 -35.23 15.31
HB3 MSE D 257 -20.26 -34.62 16.28
HG2 MSE D 257 -18.50 -33.80 17.65
HG3 MSE D 257 -17.48 -34.29 16.54
HE1 MSE D 257 -18.13 -32.11 13.36
HE2 MSE D 257 -17.15 -33.18 14.00
HE3 MSE D 257 -18.66 -33.57 13.68
N LEU D 258 -20.97 -37.67 15.87
CA LEU D 258 -22.26 -38.30 15.65
C LEU D 258 -22.42 -39.57 16.48
N SER D 259 -21.32 -40.24 16.82
CA SER D 259 -21.41 -41.48 17.58
C SER D 259 -22.09 -41.27 18.92
N GLU D 260 -22.10 -40.04 19.44
CA GLU D 260 -22.76 -39.78 20.71
C GLU D 260 -24.26 -39.99 20.63
N PHE D 261 -24.84 -39.92 19.42
CA PHE D 261 -26.29 -40.01 19.26
C PHE D 261 -26.73 -41.13 18.33
N TYR D 262 -25.83 -41.74 17.57
CA TYR D 262 -26.19 -42.78 16.62
C TYR D 262 -25.21 -43.94 16.69
N THR D 263 -25.66 -45.08 16.17
CA THR D 263 -24.81 -46.17 15.76
C THR D 263 -24.88 -46.29 14.24
N PHE D 264 -23.78 -46.68 13.62
CA PHE D 264 -23.65 -46.58 12.18
C PHE D 264 -23.52 -47.96 11.54
N GLU D 265 -24.05 -48.06 10.32
CA GLU D 265 -23.70 -49.11 9.38
C GLU D 265 -22.96 -48.41 8.25
N GLU D 266 -21.63 -48.41 8.32
CA GLU D 266 -20.82 -47.65 7.37
C GLU D 266 -20.71 -48.41 6.06
N ASP D 267 -20.87 -47.69 4.95
CA ASP D 267 -20.73 -48.28 3.62
C ASP D 267 -20.34 -47.18 2.64
N MSE D 268 -19.98 -47.60 1.44
CA MSE D 268 -19.65 -46.67 0.36
C MSE D 268 -20.30 -47.13 -0.93
O MSE D 268 -20.59 -48.31 -1.11
CB MSE D 268 -18.14 -46.57 0.16
CG MSE D 268 -17.33 -46.39 1.43
SE MSE D 268 -15.44 -46.30 0.97
CE MSE D 268 -14.67 -46.42 2.76
H MSE D 268 -19.92 -48.43 1.22
HA MSE D 268 -19.99 -45.79 0.60
HB2 MSE D 268 -17.83 -47.37 -0.27
HB3 MSE D 268 -17.96 -45.80 -0.40
HG2 MSE D 268 -17.58 -45.57 1.88
HG3 MSE D 268 -17.47 -47.16 2.01
HE1 MSE D 268 -13.71 -46.38 2.68
HE2 MSE D 268 -14.99 -45.67 3.28
HE3 MSE D 268 -14.94 -47.26 3.16
N TYR D 269 -20.52 -46.19 -1.85
CA TYR D 269 -21.03 -46.49 -3.17
C TYR D 269 -20.24 -45.65 -4.18
N LEU D 270 -20.54 -45.84 -5.47
CA LEU D 270 -19.81 -45.20 -6.56
C LEU D 270 -20.69 -44.15 -7.21
N SER D 271 -20.21 -42.91 -7.25
CA SER D 271 -20.86 -41.88 -8.03
C SER D 271 -20.68 -42.15 -9.52
N ILE D 272 -21.73 -41.89 -10.29
CA ILE D 272 -21.62 -41.94 -11.74
C ILE D 272 -20.69 -40.83 -12.20
N LEU D 273 -20.34 -40.83 -13.47
CA LEU D 273 -19.54 -39.76 -14.05
C LEU D 273 -20.41 -38.88 -14.95
N PRO D 274 -20.18 -37.55 -14.98
CA PRO D 274 -19.18 -36.84 -14.18
C PRO D 274 -19.57 -36.75 -12.71
N THR D 275 -18.57 -36.75 -11.84
CA THR D 275 -18.83 -36.65 -10.41
C THR D 275 -19.25 -35.21 -10.06
N ALA D 276 -20.43 -34.82 -10.53
CA ALA D 276 -20.94 -33.47 -10.32
C ALA D 276 -22.43 -33.57 -10.01
N ALA D 277 -22.92 -32.58 -9.27
CA ALA D 277 -24.32 -32.60 -8.84
C ALA D 277 -25.27 -32.72 -10.03
N GLN D 278 -25.01 -31.98 -11.11
CA GLN D 278 -25.93 -31.97 -12.24
C GLN D 278 -26.26 -33.37 -12.72
N TYR D 279 -25.32 -34.30 -12.59
CA TYR D 279 -25.50 -35.66 -13.08
C TYR D 279 -25.66 -36.67 -11.93
N ALA D 280 -24.67 -36.74 -11.03
CA ALA D 280 -24.74 -37.71 -9.95
C ALA D 280 -25.92 -37.43 -9.02
N ARG D 281 -26.06 -36.18 -8.59
CA ARG D 281 -27.09 -35.87 -7.59
C ARG D 281 -28.49 -35.98 -8.19
N ASN D 282 -28.65 -35.62 -9.46
CA ASN D 282 -29.95 -35.82 -10.10
C ASN D 282 -30.22 -37.31 -10.31
N ALA D 283 -29.18 -38.09 -10.63
CA ALA D 283 -29.34 -39.53 -10.73
C ALA D 283 -29.80 -40.13 -9.41
N ILE D 284 -29.33 -39.57 -8.28
CA ILE D 284 -29.72 -40.07 -6.97
C ILE D 284 -31.23 -39.89 -6.76
N PHE D 285 -31.70 -38.66 -6.90
CA PHE D 285 -33.08 -38.33 -6.56
C PHE D 285 -34.08 -38.79 -7.61
N SER D 286 -33.61 -39.12 -8.82
CA SER D 286 -34.50 -39.63 -9.86
C SER D 286 -34.44 -41.15 -10.00
N GLY D 287 -33.39 -41.79 -9.48
CA GLY D 287 -33.21 -43.21 -9.72
C GLY D 287 -32.96 -43.57 -11.17
N LEU D 288 -32.49 -42.61 -11.96
CA LEU D 288 -32.25 -42.80 -13.39
C LEU D 288 -30.87 -42.28 -13.74
N MSE D 289 -30.37 -42.70 -14.89
CA MSE D 289 -29.17 -42.09 -15.46
C MSE D 289 -29.56 -40.76 -16.09
O MSE D 289 -30.68 -40.63 -16.58
CB MSE D 289 -28.51 -43.01 -16.50
CG MSE D 289 -27.88 -44.25 -15.92
SE MSE D 289 -26.46 -43.87 -14.63
CE MSE D 289 -25.00 -43.45 -15.86
H MSE D 289 -30.70 -43.34 -15.37
HA MSE D 289 -28.53 -41.93 -14.75
HB2 MSE D 289 -29.18 -43.29 -17.13
HB3 MSE D 289 -27.82 -42.50 -16.95
HG2 MSE D 289 -28.55 -44.77 -15.46
HG3 MSE D 289 -27.48 -44.77 -16.64
HE1 MSE D 289 -24.21 -43.23 -15.35
HE2 MSE D 289 -24.83 -44.22 -16.42
HE3 MSE D 289 -25.26 -42.69 -16.41
N PRO D 290 -28.66 -39.77 -16.06
CA PRO D 290 -29.01 -38.46 -16.62
C PRO D 290 -29.72 -38.53 -17.97
N LEU D 291 -29.25 -39.40 -18.87
CA LEU D 291 -29.88 -39.51 -20.18
C LEU D 291 -31.34 -39.94 -20.05
N GLN D 292 -31.59 -40.97 -19.24
CA GLN D 292 -32.96 -41.43 -19.05
C GLN D 292 -33.83 -40.32 -18.46
N ILE D 293 -33.25 -39.48 -17.61
CA ILE D 293 -33.99 -38.32 -17.10
C ILE D 293 -34.42 -37.43 -18.26
N GLU D 294 -33.50 -37.19 -19.20
CA GLU D 294 -33.83 -36.35 -20.35
C GLU D 294 -34.92 -37.00 -21.19
N LYS D 295 -34.80 -38.30 -21.47
CA LYS D 295 -35.76 -38.99 -22.31
C LYS D 295 -37.13 -39.04 -21.64
N MSE D 296 -37.18 -39.52 -20.41
CA MSE D 296 -38.45 -39.80 -19.75
C MSE D 296 -39.12 -38.55 -19.17
O MSE D 296 -40.33 -38.39 -19.25
CB MSE D 296 -38.25 -40.82 -18.63
CG MSE D 296 -37.71 -42.16 -19.11
SE MSE D 296 -37.63 -43.50 -17.70
CE MSE D 296 -39.47 -43.42 -17.08
H MSE D 296 -36.49 -39.70 -19.92
HA MSE D 296 -39.05 -40.19 -20.39
HB2 MSE D 296 -37.61 -40.46 -17.99
HB3 MSE D 296 -39.10 -40.98 -18.20
HG2 MSE D 296 -38.30 -42.50 -19.81
HG3 MSE D 296 -36.81 -42.03 -19.46
HE1 MSE D 296 -39.59 -44.04 -16.35
HE2 MSE D 296 -39.65 -42.51 -16.76
HE3 MSE D 296 -40.06 -43.63 -17.81
N PHE D 297 -38.32 -37.65 -18.59
CA PHE D 297 -38.82 -36.44 -17.95
C PHE D 297 -38.03 -35.24 -18.47
N PRO D 298 -38.26 -34.85 -19.73
CA PRO D 298 -37.50 -33.72 -20.28
C PRO D 298 -37.82 -32.39 -19.61
N ASP D 299 -39.01 -32.22 -19.04
CA ASP D 299 -39.32 -30.99 -18.33
C ASP D 299 -38.32 -30.75 -17.20
N LEU D 300 -37.85 -31.81 -16.56
CA LEU D 300 -37.05 -31.69 -15.36
C LEU D 300 -35.55 -31.60 -15.63
N TRP D 301 -35.09 -32.10 -16.77
CA TRP D 301 -33.67 -32.02 -17.09
C TRP D 301 -33.34 -30.64 -17.64
N VAL D 302 -32.34 -29.99 -17.04
CA VAL D 302 -31.83 -28.71 -17.50
C VAL D 302 -30.57 -28.97 -18.32
N ASP D 303 -30.59 -28.57 -19.58
CA ASP D 303 -29.46 -28.82 -20.45
C ASP D 303 -28.24 -28.01 -20.00
N GLU D 304 -27.07 -28.61 -20.18
CA GLU D 304 -25.84 -28.04 -19.63
C GLU D 304 -25.55 -26.65 -20.17
N GLU D 305 -26.00 -26.35 -21.39
CA GLU D 305 -25.62 -25.09 -22.03
C GLU D 305 -26.01 -23.89 -21.19
N SER D 306 -27.19 -23.92 -20.56
CA SER D 306 -27.68 -22.78 -19.83
C SER D 306 -26.76 -22.42 -18.67
N GLU D 307 -26.97 -21.23 -18.10
CA GLU D 307 -26.18 -20.73 -16.99
C GLU D 307 -26.94 -20.75 -15.67
N GLU D 308 -28.13 -21.34 -15.63
CA GLU D 308 -28.89 -21.44 -14.40
C GLU D 308 -28.51 -22.70 -13.63
N GLY D 309 -29.23 -22.97 -12.55
CA GLY D 309 -28.95 -24.15 -11.74
C GLY D 309 -29.42 -25.43 -12.40
N LYS D 310 -28.68 -26.50 -12.16
CA LYS D 310 -28.98 -27.80 -12.73
C LYS D 310 -29.73 -28.72 -11.79
N ASN D 311 -29.88 -28.33 -10.52
CA ASN D 311 -30.47 -29.19 -9.50
C ASN D 311 -31.58 -28.44 -8.77
N LEU D 312 -32.55 -27.95 -9.55
CA LEU D 312 -33.71 -27.24 -9.01
C LEU D 312 -35.00 -28.05 -9.07
N ASN D 313 -34.96 -29.23 -9.67
CA ASN D 313 -36.15 -30.07 -9.85
C ASN D 313 -35.97 -31.41 -9.16
N GLU D 314 -35.32 -31.40 -8.00
CA GLU D 314 -35.01 -32.66 -7.32
C GLU D 314 -36.21 -33.20 -6.55
N GLU D 315 -37.07 -32.34 -6.02
CA GLU D 315 -38.28 -32.84 -5.35
C GLU D 315 -39.21 -33.52 -6.34
N PRO D 316 -39.57 -32.92 -7.48
CA PRO D 316 -40.38 -33.66 -8.45
C PRO D 316 -39.75 -34.99 -8.87
N MSE D 317 -38.43 -35.02 -9.04
CA MSE D 317 -37.74 -36.26 -9.41
C MSE D 317 -38.00 -37.34 -8.35
O MSE D 317 -38.28 -38.49 -8.68
CB MSE D 317 -36.24 -36.02 -9.58
CG MSE D 317 -35.87 -35.25 -10.84
SE MSE D 317 -33.96 -34.84 -10.90
CE MSE D 317 -33.94 -33.64 -12.44
H MSE D 317 -37.91 -34.35 -8.95
HA MSE D 317 -38.10 -36.58 -10.26
HB2 MSE D 317 -35.92 -35.53 -8.81
HB3 MSE D 317 -35.80 -36.89 -9.61
HG2 MSE D 317 -36.09 -35.79 -11.62
HG3 MSE D 317 -36.36 -34.42 -10.85
HE1 MSE D 317 -33.03 -33.34 -12.59
HE2 MSE D 317 -34.27 -34.11 -13.22
HE3 MSE D 317 -34.51 -32.88 -12.24
N ILE D 318 -37.90 -36.94 -7.08
CA ILE D 318 -38.21 -37.86 -5.99
C ILE D 318 -39.63 -38.39 -6.13
N ARG D 319 -40.57 -37.51 -6.47
CA ARG D 319 -41.96 -37.93 -6.61
C ARG D 319 -42.12 -38.95 -7.73
N THR D 320 -41.42 -38.74 -8.85
CA THR D 320 -41.50 -39.70 -9.95
C THR D 320 -40.83 -41.01 -9.57
N LEU D 321 -39.72 -40.96 -8.83
CA LEU D 321 -39.07 -42.16 -8.36
C LEU D 321 -40.02 -42.98 -7.49
N ILE D 322 -40.67 -42.33 -6.54
CA ILE D 322 -41.63 -43.01 -5.66
C ILE D 322 -42.75 -43.62 -6.50
N GLU D 323 -43.34 -42.83 -7.38
CA GLU D 323 -44.40 -43.34 -8.24
C GLU D 323 -43.88 -44.47 -9.12
N ARG D 324 -42.67 -44.33 -9.65
CA ARG D 324 -42.13 -45.32 -10.58
C ARG D 324 -42.08 -46.70 -9.95
N TYR D 325 -41.74 -46.77 -8.66
CA TYR D 325 -41.69 -48.04 -7.94
C TYR D 325 -42.99 -48.36 -7.22
N ARG D 326 -44.08 -47.69 -7.55
CA ARG D 326 -45.39 -47.99 -6.99
C ARG D 326 -45.38 -47.89 -5.47
N LYS D 327 -44.63 -46.92 -4.95
CA LYS D 327 -44.61 -46.65 -3.52
C LYS D 327 -45.57 -45.50 -3.20
N HIS D 328 -45.85 -45.34 -1.91
CA HIS D 328 -46.81 -44.34 -1.45
C HIS D 328 -46.25 -43.61 -0.24
N TYR D 329 -44.95 -43.31 -0.27
CA TYR D 329 -44.32 -42.62 0.84
C TYR D 329 -44.77 -41.17 0.88
N SER D 330 -45.05 -40.69 2.08
CA SER D 330 -45.12 -39.25 2.33
C SER D 330 -43.70 -38.73 2.53
N PHE D 331 -43.39 -37.58 1.93
CA PHE D 331 -42.01 -37.10 2.02
C PHE D 331 -41.96 -35.59 1.92
N SER D 332 -40.82 -35.05 2.38
CA SER D 332 -40.51 -33.63 2.29
C SER D 332 -39.16 -33.46 1.63
N TYR D 333 -38.85 -32.22 1.26
CA TYR D 333 -37.59 -31.89 0.62
C TYR D 333 -37.21 -30.47 1.01
N ASN D 334 -35.99 -30.32 1.52
CA ASN D 334 -35.51 -29.02 1.96
C ASN D 334 -34.05 -28.85 1.58
N LYS D 335 -33.74 -27.75 0.93
CA LYS D 335 -32.38 -27.43 0.49
C LYS D 335 -31.85 -26.27 1.33
N VAL D 336 -30.70 -26.48 1.96
CA VAL D 336 -30.08 -25.51 2.86
C VAL D 336 -28.79 -24.98 2.24
N TYR D 337 -28.70 -23.65 2.10
CA TYR D 337 -27.50 -23.00 1.61
C TYR D 337 -26.75 -22.33 2.76
N GLU D 338 -27.30 -21.26 3.34
CA GLU D 338 -26.67 -20.57 4.46
C GLU D 338 -27.38 -20.94 5.76
N THR D 339 -26.69 -20.72 6.87
CA THR D 339 -27.18 -21.25 8.15
C THR D 339 -28.49 -20.62 8.58
N LYS D 340 -28.81 -19.41 8.09
CA LYS D 340 -30.06 -18.76 8.49
C LYS D 340 -31.25 -19.62 8.09
N PHE D 341 -31.26 -20.14 6.87
CA PHE D 341 -32.34 -21.03 6.44
C PHE D 341 -32.25 -22.37 7.16
N GLY D 342 -31.03 -22.82 7.49
CA GLY D 342 -30.90 -24.00 8.34
C GLY D 342 -31.42 -23.76 9.74
N GLU D 343 -31.11 -22.59 10.31
CA GLU D 343 -31.70 -22.21 11.59
C GLU D 343 -33.21 -22.31 11.55
N ARG D 344 -33.83 -21.84 10.45
CA ARG D 344 -35.27 -21.93 10.32
C ARG D 344 -35.72 -23.39 10.23
N LEU D 345 -35.06 -24.17 9.39
CA LEU D 345 -35.39 -25.59 9.27
C LEU D 345 -35.27 -26.29 10.62
N LEU D 346 -34.24 -25.94 11.39
CA LEU D 346 -34.06 -26.56 12.70
C LEU D 346 -35.23 -26.25 13.62
N GLY D 347 -35.72 -25.01 13.59
CA GLY D 347 -36.87 -24.66 14.41
C GLY D 347 -38.13 -25.40 14.01
N GLN D 348 -38.25 -25.74 12.73
CA GLN D 348 -39.42 -26.42 12.21
C GLN D 348 -39.21 -27.93 12.08
N ILE D 349 -38.13 -28.46 12.67
CA ILE D 349 -37.74 -29.85 12.39
C ILE D 349 -38.84 -30.80 12.85
N ARG D 350 -39.37 -30.60 14.07
CA ARG D 350 -40.37 -31.52 14.58
C ARG D 350 -41.67 -31.48 13.78
N SER D 351 -41.89 -30.43 12.99
CA SER D 351 -43.08 -30.37 12.15
C SER D 351 -43.02 -31.37 11.00
N LEU D 352 -41.84 -31.94 10.73
CA LEU D 352 -41.67 -32.91 9.67
C LEU D 352 -41.92 -34.34 10.12
N SER D 353 -42.25 -34.55 11.39
CA SER D 353 -42.45 -35.91 11.91
C SER D 353 -43.61 -36.63 11.24
N GLN D 354 -44.45 -35.93 10.47
CA GLN D 354 -45.58 -36.56 9.81
C GLN D 354 -45.17 -37.40 8.62
N ASN D 355 -44.02 -37.12 8.01
CA ASN D 355 -43.60 -37.80 6.80
C ASN D 355 -42.79 -39.05 7.13
N GLN D 356 -42.80 -40.00 6.20
CA GLN D 356 -41.96 -41.18 6.32
C GLN D 356 -40.54 -40.90 5.85
N LEU D 357 -40.37 -39.95 4.93
CA LEU D 357 -39.09 -39.64 4.31
C LEU D 357 -38.89 -38.14 4.30
N ASN D 358 -37.86 -37.66 4.98
CA ASN D 358 -37.49 -36.26 4.94
C ASN D 358 -36.12 -36.15 4.29
N VAL D 359 -36.06 -35.46 3.16
CA VAL D 359 -34.82 -35.23 2.43
C VAL D 359 -34.32 -33.83 2.77
N ILE D 360 -33.03 -33.72 3.08
CA ILE D 360 -32.39 -32.44 3.37
C ILE D 360 -31.08 -32.39 2.61
N VAL D 361 -30.92 -31.35 1.79
CA VAL D 361 -29.71 -31.15 1.00
C VAL D 361 -28.95 -29.96 1.60
N LEU D 362 -27.69 -30.20 1.98
CA LEU D 362 -26.82 -29.18 2.50
C LEU D 362 -25.70 -28.91 1.50
N ASN D 363 -25.51 -27.62 1.15
CA ASN D 363 -24.63 -27.25 0.06
C ASN D 363 -23.35 -26.53 0.50
N PHE D 364 -23.18 -26.23 1.78
CA PHE D 364 -22.08 -25.35 2.16
C PHE D 364 -20.72 -25.99 1.90
N VAL D 365 -20.59 -27.29 2.18
CA VAL D 365 -19.28 -27.93 2.01
C VAL D 365 -18.83 -27.84 0.57
N ASP D 366 -19.76 -27.94 -0.37
CA ASP D 366 -19.39 -27.78 -1.78
C ASP D 366 -18.98 -26.35 -2.08
N MSE D 367 -19.79 -25.38 -1.67
N MSE D 367 -19.81 -25.38 -1.67
CA MSE D 367 -19.45 -23.98 -1.89
CA MSE D 367 -19.50 -23.97 -1.84
C MSE D 367 -18.13 -23.65 -1.22
C MSE D 367 -18.14 -23.66 -1.22
O MSE D 367 -17.33 -22.87 -1.74
O MSE D 367 -17.35 -22.90 -1.77
CB MSE D 367 -20.55 -23.05 -1.35
CB MSE D 367 -20.58 -23.10 -1.20
CG MSE D 367 -21.89 -23.19 -2.05
CG MSE D 367 -21.92 -23.19 -1.90
SE MSE D 367 -21.80 -22.85 -3.98
SE MSE D 367 -23.27 -21.94 -1.20
CE MSE D 367 -21.55 -20.92 -3.95
CE MSE D 367 -23.44 -22.59 0.62
H MSE D 367 -20.55 -25.50 -1.27
H MSE D 367 -20.56 -25.53 -1.29
HA MSE D 367 -19.37 -23.82 -2.84
HA MSE D 367 -19.46 -23.77 -2.79
HB2 MSE D 367 -20.68 -23.25 -0.41
HB2 MSE D 367 -20.71 -23.38 -0.28
HB3 MSE D 367 -20.25 -22.14 -1.45
HB3 MSE D 367 -20.29 -22.18 -1.22
HG2 MSE D 367 -22.22 -24.09 -1.93
HG2 MSE D 367 -21.80 -22.98 -2.84
HG3 MSE D 367 -22.51 -22.56 -1.67
HG3 MSE D 367 -22.27 -24.09 -1.81
HE1 MSE D 367 -21.49 -20.60 -4.87
HE1 MSE D 367 -24.10 -22.05 1.08
HE2 MSE D 367 -22.30 -20.51 -3.51
HE2 MSE D 367 -23.74 -23.52 0.61
HE3 MSE D 367 -20.73 -20.72 -3.47
HE3 MSE D 367 -22.59 -22.52 1.06
N MSE D 368 -17.89 -24.27 -0.07
CA MSE D 368 -16.64 -24.08 0.66
C MSE D 368 -15.48 -24.71 -0.11
O MSE D 368 -14.39 -24.16 -0.17
CB MSE D 368 -16.75 -24.67 2.05
CG MSE D 368 -15.74 -24.14 3.04
SE MSE D 368 -14.41 -25.48 3.49
CE MSE D 368 -15.48 -26.56 4.72
H MSE D 368 -18.43 -24.81 0.32
H MSE D 368 -18.43 -24.81 0.32
HA MSE D 368 -16.48 -23.12 0.75
HB2 MSE D 368 -17.64 -24.47 2.41
HB3 MSE D 368 -16.64 -25.63 1.99
HG2 MSE D 368 -15.28 -23.39 2.65
HG3 MSE D 368 -16.18 -23.88 3.86
HE1 MSE D 368 -14.94 -27.29 5.05
HE2 MSE D 368 -15.76 -26.00 5.46
HE3 MSE D 368 -16.25 -26.90 4.25
N SER D 369 -15.74 -25.88 -0.71
CA SER D 369 -14.71 -26.55 -1.49
C SER D 369 -14.33 -25.73 -2.72
N HIS D 370 -15.32 -25.17 -3.43
CA HIS D 370 -15.02 -24.30 -4.55
C HIS D 370 -14.26 -23.06 -4.10
N ALA D 371 -14.60 -22.53 -2.91
CA ALA D 371 -13.95 -21.32 -2.42
C ALA D 371 -12.45 -21.50 -2.22
N ARG D 372 -11.97 -22.74 -2.13
CA ARG D 372 -10.53 -22.96 -2.03
C ARG D 372 -9.78 -22.40 -3.23
N THR D 373 -10.47 -22.12 -4.34
CA THR D 373 -9.84 -21.58 -5.53
C THR D 373 -9.77 -20.06 -5.49
N ASP D 374 -10.89 -19.39 -5.25
CA ASP D 374 -11.03 -17.96 -5.50
C ASP D 374 -11.18 -17.12 -4.25
N SER D 375 -11.17 -17.72 -3.07
CA SER D 375 -11.35 -16.98 -1.81
C SER D 375 -10.04 -16.95 -1.05
N LYS D 376 -9.49 -15.74 -0.87
CA LYS D 376 -8.26 -15.59 -0.11
C LYS D 376 -8.38 -16.23 1.26
N MSE D 377 -9.50 -16.04 1.93
CA MSE D 377 -9.73 -16.62 3.25
C MSE D 377 -9.58 -18.14 3.24
O MSE D 377 -8.82 -18.70 4.03
CB MSE D 377 -11.11 -16.26 3.77
CG MSE D 377 -11.25 -14.81 4.23
SE MSE D 377 -10.24 -14.51 5.84
CE MSE D 377 -8.69 -13.58 5.09
H MSE D 377 -10.17 -15.58 1.64
HA MSE D 377 -9.08 -16.25 3.87
HB2 MSE D 377 -11.77 -16.40 3.06
HB3 MSE D 377 -11.33 -16.82 4.53
HG2 MSE D 377 -10.91 -14.22 3.53
HG3 MSE D 377 -12.18 -14.61 4.41
HE1 MSE D 377 -8.07 -13.36 5.80
HE2 MSE D 377 -8.26 -14.16 4.45
HE3 MSE D 377 -8.99 -12.77 4.65
N ILE D 378 -10.28 -18.79 2.32
CA ILE D 378 -10.29 -20.24 2.29
C ILE D 378 -8.94 -20.79 1.81
N ARG D 379 -8.25 -20.06 0.94
CA ARG D 379 -6.92 -20.49 0.52
C ARG D 379 -5.97 -20.63 1.71
N GLU D 380 -6.24 -19.92 2.80
CA GLU D 380 -5.45 -20.05 4.02
C GLU D 380 -6.08 -21.06 4.98
N LEU D 381 -7.37 -20.90 5.27
CA LEU D 381 -8.02 -21.75 6.27
C LEU D 381 -8.12 -23.20 5.82
N ALA D 382 -8.00 -23.46 4.52
CA ALA D 382 -8.05 -24.82 3.98
C ALA D 382 -6.88 -25.05 3.04
N SER D 383 -5.70 -24.59 3.44
CA SER D 383 -4.54 -24.67 2.56
C SER D 383 -4.24 -26.11 2.17
N ASN D 384 -4.19 -27.01 3.14
CA ASN D 384 -3.92 -28.42 2.89
C ASN D 384 -5.13 -29.26 3.30
N GLU D 385 -5.03 -30.57 3.06
CA GLU D 385 -6.17 -31.44 3.30
C GLU D 385 -6.49 -31.56 4.78
N ALA D 386 -5.46 -31.55 5.63
CA ALA D 386 -5.71 -31.64 7.07
C ALA D 386 -6.46 -30.41 7.57
N ALA D 387 -6.18 -29.23 7.01
CA ALA D 387 -6.93 -28.04 7.37
C ALA D 387 -8.33 -28.06 6.79
N TYR D 388 -8.48 -28.64 5.60
CA TYR D 388 -9.81 -28.79 4.99
C TYR D 388 -10.72 -29.63 5.88
N ARG D 389 -10.18 -30.72 6.44
CA ARG D 389 -10.96 -31.55 7.35
C ARG D 389 -11.26 -30.81 8.65
N SER D 390 -10.27 -30.10 9.20
CA SER D 390 -10.50 -29.32 10.41
C SER D 390 -11.63 -28.32 10.19
N LEU D 391 -11.66 -27.70 9.01
CA LEU D 391 -12.71 -26.72 8.70
C LEU D 391 -14.07 -27.39 8.59
N THR D 392 -14.11 -28.59 8.02
CA THR D 392 -15.35 -29.34 7.94
C THR D 392 -15.88 -29.66 9.34
N LYS D 393 -15.00 -30.11 10.23
CA LYS D 393 -15.40 -30.40 11.60
C LYS D 393 -15.93 -29.15 12.28
N SER D 394 -15.30 -28.00 12.05
CA SER D 394 -15.74 -26.77 12.69
C SER D 394 -17.13 -26.37 12.18
N TRP D 395 -17.34 -26.41 10.87
CA TRP D 395 -18.65 -26.09 10.31
C TRP D 395 -19.71 -27.05 10.85
N PHE D 396 -19.42 -28.34 10.82
CA PHE D 396 -20.38 -29.33 11.32
C PHE D 396 -20.78 -29.03 12.75
N LYS D 397 -19.80 -28.81 13.62
CA LYS D 397 -20.09 -28.59 15.04
C LYS D 397 -20.86 -27.30 15.26
N HIS D 398 -20.42 -26.22 14.63
CA HIS D 398 -20.89 -24.88 15.00
C HIS D 398 -21.95 -24.31 14.07
N SER D 399 -22.23 -24.96 12.95
CA SER D 399 -23.40 -24.62 12.17
C SER D 399 -24.60 -25.36 12.74
N THR D 400 -25.78 -25.11 12.16
CA THR D 400 -26.98 -25.80 12.61
C THR D 400 -26.91 -27.30 12.35
N THR D 401 -25.99 -27.73 11.51
CA THR D 401 -25.90 -29.15 11.14
C THR D 401 -25.86 -30.04 12.39
N TYR D 402 -25.02 -29.67 13.36
CA TYR D 402 -24.90 -30.48 14.57
C TYR D 402 -26.25 -30.65 15.26
N ASN D 403 -26.89 -29.54 15.62
CA ASN D 403 -28.18 -29.63 16.30
C ASN D 403 -29.24 -30.29 15.42
N LEU D 404 -29.09 -30.19 14.09
CA LEU D 404 -30.01 -30.87 13.19
C LEU D 404 -29.95 -32.38 13.38
N PHE D 405 -28.74 -32.95 13.29
CA PHE D 405 -28.57 -34.37 13.53
C PHE D 405 -29.02 -34.75 14.94
N ARG D 406 -28.72 -33.90 15.91
CA ARG D 406 -29.13 -34.17 17.29
C ARG D 406 -30.65 -34.26 17.40
N SER D 407 -31.35 -33.26 16.86
CA SER D 407 -32.81 -33.25 16.95
C SER D 407 -33.42 -34.45 16.25
N ILE D 408 -32.91 -34.79 15.06
CA ILE D 408 -33.45 -35.94 14.34
C ILE D 408 -33.35 -37.20 15.19
N ALA D 409 -32.26 -37.35 15.93
CA ALA D 409 -32.11 -38.52 16.79
C ALA D 409 -33.17 -38.55 17.88
N GLU D 410 -33.51 -37.38 18.43
CA GLU D 410 -34.57 -37.29 19.42
C GLU D 410 -35.93 -37.63 18.82
N MSE D 411 -36.10 -37.45 17.52
CA MSE D 411 -37.36 -37.76 16.85
C MSE D 411 -37.44 -39.24 16.46
O MSE D 411 -38.39 -39.67 15.79
CB MSE D 411 -37.53 -36.90 15.59
CG MSE D 411 -37.71 -35.42 15.88
SE MSE D 411 -37.36 -34.31 14.31
CE MSE D 411 -38.73 -35.01 13.12
H MSE D 411 -35.50 -37.16 16.99
HA MSE D 411 -38.09 -37.56 17.45
HB2 MSE D 411 -36.74 -37.00 15.04
HB3 MSE D 411 -38.32 -37.20 15.12
HG2 MSE D 411 -38.62 -35.25 16.17
HG3 MSE D 411 -37.08 -35.15 16.58
HE1 MSE D 411 -38.68 -34.55 12.27
HE2 MSE D 411 -38.59 -35.96 12.99
HE3 MSE D 411 -39.61 -34.86 13.53
N GLY D 412 -36.45 -40.02 16.88
CA GLY D 412 -36.45 -41.44 16.61
C GLY D 412 -36.35 -41.81 15.15
N TYR D 413 -35.87 -40.91 14.30
CA TYR D 413 -35.73 -41.16 12.87
C TYR D 413 -34.41 -41.86 12.58
N LYS D 414 -34.43 -42.77 11.62
CA LYS D 414 -33.21 -43.32 11.06
C LYS D 414 -32.68 -42.38 9.99
N VAL D 415 -31.36 -42.15 9.98
CA VAL D 415 -30.71 -41.23 9.06
C VAL D 415 -29.88 -42.02 8.07
N VAL D 416 -30.06 -41.72 6.78
CA VAL D 416 -29.15 -42.14 5.74
C VAL D 416 -28.39 -40.91 5.29
N LEU D 417 -27.12 -40.82 5.68
CA LEU D 417 -26.26 -39.70 5.33
C LEU D 417 -25.35 -40.10 4.18
N THR D 418 -25.34 -39.30 3.13
CA THR D 418 -24.49 -39.59 1.97
C THR D 418 -24.14 -38.28 1.29
N THR D 419 -23.66 -38.39 0.05
CA THR D 419 -23.24 -37.24 -0.74
C THR D 419 -23.41 -37.60 -2.20
N ASP D 420 -23.21 -36.59 -3.06
CA ASP D 420 -23.26 -36.82 -4.49
C ASP D 420 -21.89 -37.15 -5.07
N HIS D 421 -20.82 -36.67 -4.44
CA HIS D 421 -19.47 -36.91 -4.93
C HIS D 421 -18.50 -36.37 -3.88
N GLY D 422 -17.23 -36.66 -4.08
CA GLY D 422 -16.17 -36.04 -3.32
C GLY D 422 -15.44 -34.99 -4.13
N THR D 423 -14.19 -34.74 -3.74
CA THR D 423 -13.33 -33.83 -4.48
C THR D 423 -11.88 -34.20 -4.18
N ILE D 424 -10.99 -33.74 -5.05
CA ILE D 424 -9.58 -34.14 -4.98
C ILE D 424 -8.71 -32.91 -5.23
N GLN D 425 -7.62 -32.81 -4.47
CA GLN D 425 -6.64 -31.75 -4.64
C GLN D 425 -5.82 -32.04 -5.89
N VAL D 426 -5.95 -31.18 -6.89
CA VAL D 426 -5.28 -31.41 -8.17
C VAL D 426 -3.85 -30.90 -8.12
N LYS D 427 -2.99 -31.46 -8.97
CA LYS D 427 -1.57 -31.14 -8.97
C LYS D 427 -1.04 -30.86 -10.37
N ASN D 428 -1.23 -31.80 -11.30
CA ASN D 428 -0.57 -31.71 -12.61
C ASN D 428 -1.57 -31.37 -13.71
N PRO D 429 -1.17 -30.57 -14.69
CA PRO D 429 -2.10 -30.18 -15.76
C PRO D 429 -2.15 -31.15 -16.93
N VAL D 430 -3.21 -31.02 -17.72
CA VAL D 430 -3.42 -31.82 -18.91
C VAL D 430 -3.82 -30.88 -20.05
N LYS D 431 -3.09 -30.94 -21.15
CA LYS D 431 -3.37 -30.05 -22.28
C LYS D 431 -4.77 -30.29 -22.82
N VAL D 432 -5.42 -29.21 -23.26
CA VAL D 432 -6.75 -29.31 -23.84
C VAL D 432 -7.04 -28.01 -24.60
N ILE D 433 -7.68 -28.16 -25.76
CA ILE D 433 -8.12 -27.03 -26.57
C ILE D 433 -9.61 -27.19 -26.82
N GLY D 434 -10.35 -26.08 -26.74
CA GLY D 434 -11.80 -26.18 -26.81
C GLY D 434 -12.52 -24.99 -27.42
N ASP D 435 -13.84 -25.07 -27.37
CA ASP D 435 -14.73 -24.09 -27.98
C ASP D 435 -14.63 -22.73 -27.27
N ARG D 436 -15.39 -21.77 -27.77
CA ARG D 436 -15.62 -20.53 -27.02
C ARG D 436 -16.64 -20.75 -25.92
N SER D 437 -17.54 -21.74 -26.08
CA SER D 437 -18.56 -22.05 -25.09
C SER D 437 -18.25 -23.34 -24.32
N THR D 438 -17.02 -23.84 -24.41
CA THR D 438 -16.66 -25.05 -23.69
C THR D 438 -16.89 -24.87 -22.20
N ASN D 439 -17.41 -25.92 -21.56
CA ASN D 439 -17.67 -25.85 -20.13
C ASN D 439 -16.37 -25.60 -19.38
N THR D 440 -16.51 -24.96 -18.21
CA THR D 440 -15.35 -24.48 -17.47
C THR D 440 -14.85 -25.46 -16.42
N ASN D 441 -15.53 -26.58 -16.22
CA ASN D 441 -15.10 -27.54 -15.21
C ASN D 441 -13.69 -28.05 -15.53
N LEU D 442 -12.89 -28.25 -14.49
CA LEU D 442 -11.49 -28.58 -14.64
C LEU D 442 -11.21 -30.08 -14.67
N ARG D 443 -12.15 -30.92 -14.27
CA ARG D 443 -11.94 -32.36 -14.23
C ARG D 443 -12.60 -33.10 -15.38
N TYR D 444 -13.51 -32.45 -16.12
CA TYR D 444 -14.14 -33.08 -17.27
C TYR D 444 -14.56 -31.99 -18.24
N LYS D 445 -14.60 -32.35 -19.52
CA LYS D 445 -14.96 -31.42 -20.58
C LYS D 445 -16.01 -32.03 -21.50
N ILE D 446 -16.89 -31.17 -22.01
CA ILE D 446 -17.93 -31.55 -22.96
C ILE D 446 -17.72 -30.69 -24.20
N GLY D 447 -17.35 -31.30 -25.30
CA GLY D 447 -17.11 -30.53 -26.51
C GLY D 447 -17.10 -31.34 -27.79
N LYS D 448 -17.72 -30.79 -28.84
CA LYS D 448 -17.59 -31.37 -30.17
C LYS D 448 -16.14 -31.32 -30.63
N ASN D 449 -15.57 -30.11 -30.70
CA ASN D 449 -14.28 -29.89 -31.33
C ASN D 449 -13.22 -29.76 -30.23
N LEU D 450 -12.83 -30.91 -29.68
CA LEU D 450 -11.87 -30.98 -28.60
C LEU D 450 -10.56 -31.60 -29.08
N ASP D 451 -9.46 -30.94 -28.76
CA ASP D 451 -8.12 -31.41 -29.11
C ASP D 451 -7.40 -31.79 -27.82
N TYR D 452 -6.99 -33.05 -27.74
CA TYR D 452 -6.39 -33.57 -26.51
C TYR D 452 -5.60 -34.83 -26.83
N ASN D 453 -4.85 -35.29 -25.83
CA ASN D 453 -4.12 -36.55 -25.92
C ASN D 453 -4.97 -37.63 -25.28
N PRO D 454 -5.55 -38.55 -26.06
CA PRO D 454 -6.46 -39.55 -25.45
C PRO D 454 -5.82 -40.41 -24.38
N LYS D 455 -4.49 -40.62 -24.42
CA LYS D 455 -3.86 -41.40 -23.37
C LYS D 455 -3.94 -40.70 -22.03
N GLU D 456 -4.04 -39.38 -22.02
CA GLU D 456 -4.05 -38.63 -20.77
C GLU D 456 -5.39 -38.67 -20.05
N VAL D 457 -6.48 -38.96 -20.77
CA VAL D 457 -7.82 -38.83 -20.23
C VAL D 457 -8.58 -40.14 -20.46
N PHE D 458 -9.84 -40.13 -20.03
CA PHE D 458 -10.77 -41.23 -20.24
C PHE D 458 -11.87 -40.68 -21.15
N GLU D 459 -11.85 -41.08 -22.42
CA GLU D 459 -12.68 -40.46 -23.44
C GLU D 459 -13.94 -41.28 -23.68
N ILE D 460 -15.09 -40.62 -23.62
CA ILE D 460 -16.38 -41.21 -23.99
C ILE D 460 -16.82 -40.52 -25.26
N LYS D 461 -16.65 -41.21 -26.40
CA LYS D 461 -17.06 -40.66 -27.68
C LYS D 461 -18.55 -40.85 -27.94
N ASP D 462 -19.21 -41.73 -27.17
CA ASP D 462 -20.65 -41.96 -27.26
C ASP D 462 -21.25 -41.70 -25.89
N PRO D 463 -21.65 -40.46 -25.59
CA PRO D 463 -22.26 -40.19 -24.28
C PRO D 463 -23.42 -41.10 -23.96
N ALA D 464 -24.20 -41.49 -24.97
CA ALA D 464 -25.37 -42.32 -24.73
C ALA D 464 -25.01 -43.70 -24.20
N SER D 465 -23.81 -44.20 -24.53
CA SER D 465 -23.40 -45.51 -24.06
C SER D 465 -23.13 -45.55 -22.57
N VAL D 466 -23.11 -44.39 -21.90
CA VAL D 466 -22.92 -44.33 -20.45
C VAL D 466 -23.99 -43.42 -19.85
N GLY D 467 -25.14 -43.34 -20.50
CA GLY D 467 -26.30 -42.68 -19.92
C GLY D 467 -26.14 -41.19 -19.69
N LEU D 468 -25.46 -40.50 -20.61
CA LEU D 468 -25.25 -39.07 -20.50
C LEU D 468 -25.86 -38.36 -21.70
N PRO D 469 -26.67 -37.31 -21.49
CA PRO D 469 -27.21 -36.55 -22.64
C PRO D 469 -26.20 -35.57 -23.19
N HIS D 470 -26.67 -34.64 -24.02
CA HIS D 470 -25.80 -33.64 -24.64
C HIS D 470 -26.69 -32.57 -25.27
N ASN D 471 -26.05 -31.47 -25.67
CA ASN D 471 -26.69 -30.44 -26.47
C ASN D 471 -26.35 -30.56 -27.95
N ASN D 472 -25.08 -30.78 -28.27
CA ASN D 472 -24.66 -31.02 -29.64
C ASN D 472 -24.55 -32.52 -29.88
N LEU D 473 -24.94 -32.95 -31.07
CA LEU D 473 -24.91 -34.37 -31.40
C LEU D 473 -23.48 -34.88 -31.43
N SER D 474 -22.57 -34.06 -31.95
CA SER D 474 -21.16 -34.42 -32.01
C SER D 474 -20.51 -34.44 -30.64
N ASP D 475 -21.12 -33.80 -29.64
CA ASP D 475 -20.46 -33.62 -28.35
C ASP D 475 -20.07 -34.97 -27.76
N LYS D 476 -19.04 -34.93 -26.92
CA LYS D 476 -18.44 -36.10 -26.31
C LYS D 476 -17.97 -35.70 -24.93
N PHE D 477 -17.48 -36.68 -24.17
CA PHE D 477 -17.02 -36.45 -22.81
C PHE D 477 -15.58 -36.91 -22.67
N ILE D 478 -14.79 -36.14 -21.92
CA ILE D 478 -13.46 -36.54 -21.50
C ILE D 478 -13.30 -36.22 -20.02
N PHE D 479 -12.64 -37.12 -19.29
CA PHE D 479 -12.48 -37.01 -17.86
C PHE D 479 -11.02 -37.16 -17.49
N THR D 480 -10.56 -36.34 -16.54
CA THR D 480 -9.23 -36.51 -15.99
C THR D 480 -9.21 -37.67 -15.00
N LYS D 481 -8.01 -38.13 -14.69
CA LYS D 481 -7.79 -39.19 -13.74
C LYS D 481 -6.85 -38.71 -12.65
N GLU D 482 -6.81 -39.45 -11.54
CA GLU D 482 -5.91 -39.17 -10.44
C GLU D 482 -6.08 -37.69 -10.07
N ASP D 483 -5.01 -36.92 -9.95
CA ASP D 483 -5.08 -35.52 -9.54
C ASP D 483 -4.72 -34.58 -10.70
N ASP D 484 -5.13 -34.95 -11.91
CA ASP D 484 -4.92 -34.10 -13.07
C ASP D 484 -6.01 -33.03 -13.14
N PHE D 485 -5.75 -31.99 -13.94
CA PHE D 485 -6.74 -30.95 -14.18
C PHE D 485 -6.51 -30.35 -15.55
N PHE D 486 -7.61 -30.09 -16.26
CA PHE D 486 -7.53 -29.57 -17.62
C PHE D 486 -7.02 -28.14 -17.62
N ALA D 487 -6.02 -27.88 -18.46
CA ALA D 487 -5.40 -26.56 -18.57
C ALA D 487 -5.43 -26.11 -20.01
N TYR D 488 -6.13 -25.02 -20.28
CA TYR D 488 -6.11 -24.42 -21.61
C TYR D 488 -4.74 -23.81 -21.87
N PRO D 489 -4.38 -23.64 -23.14
CA PRO D 489 -3.03 -23.14 -23.46
C PRO D 489 -2.88 -21.64 -23.52
N ASN D 490 -3.97 -20.88 -23.61
CA ASN D 490 -3.88 -19.43 -23.82
C ASN D 490 -2.96 -18.78 -22.81
N ASN D 491 -3.24 -18.96 -21.52
CA ASN D 491 -2.36 -18.48 -20.46
C ASN D 491 -1.99 -19.67 -19.58
N TYR D 492 -1.51 -20.73 -20.23
CA TYR D 492 -1.17 -21.99 -19.57
C TYR D 492 -0.42 -21.79 -18.26
N ASN D 493 0.73 -21.11 -18.32
CA ASN D 493 1.59 -21.01 -17.15
C ASN D 493 0.91 -20.29 -16.00
N TYR D 494 0.07 -19.30 -16.29
CA TYR D 494 -0.64 -18.61 -15.22
C TYR D 494 -1.70 -19.50 -14.60
N TYR D 495 -2.56 -20.11 -15.44
CA TYR D 495 -3.65 -20.91 -14.90
C TYR D 495 -3.14 -22.15 -14.20
N VAL D 496 -2.02 -22.70 -14.65
CA VAL D 496 -1.46 -23.89 -13.98
C VAL D 496 -1.14 -23.57 -12.53
N GLN D 497 -0.46 -22.45 -12.30
CA GLN D 497 -0.13 -22.06 -10.93
C GLN D 497 -1.39 -21.66 -10.16
N TYR D 498 -2.34 -21.00 -10.83
CA TYR D 498 -3.54 -20.54 -10.15
C TYR D 498 -4.38 -21.71 -9.66
N TYR D 499 -4.54 -22.73 -10.51
CA TYR D 499 -5.39 -23.87 -10.17
C TYR D 499 -4.66 -24.98 -9.43
N ARG D 500 -3.34 -25.05 -9.52
CA ARG D 500 -2.60 -26.09 -8.83
C ARG D 500 -2.91 -26.04 -7.34
N ASN D 501 -3.24 -27.20 -6.77
CA ASN D 501 -3.50 -27.41 -5.33
C ASN D 501 -4.89 -26.94 -4.91
N THR D 502 -5.79 -26.65 -5.83
CA THR D 502 -7.18 -26.37 -5.48
C THR D 502 -7.99 -27.66 -5.46
N PHE D 503 -9.21 -27.55 -4.95
CA PHE D 503 -10.13 -28.68 -4.86
C PHE D 503 -11.04 -28.67 -6.09
N GLN D 504 -11.05 -29.79 -6.82
CA GLN D 504 -11.87 -29.92 -8.02
C GLN D 504 -12.55 -31.28 -8.02
N HIS D 505 -13.77 -31.31 -8.53
CA HIS D 505 -14.52 -32.55 -8.68
C HIS D 505 -15.13 -32.61 -10.08
N GLY D 506 -15.45 -33.83 -10.50
CA GLY D 506 -16.01 -34.07 -11.82
C GLY D 506 -15.29 -35.16 -12.58
N GLY D 507 -14.14 -35.61 -12.06
CA GLY D 507 -13.33 -36.60 -12.70
C GLY D 507 -13.32 -37.92 -11.97
N ILE D 508 -12.34 -38.75 -12.31
CA ILE D 508 -12.19 -40.10 -11.75
C ILE D 508 -11.13 -40.06 -10.66
N SER D 509 -11.51 -40.47 -9.46
CA SER D 509 -10.56 -40.62 -8.36
C SER D 509 -11.27 -41.31 -7.22
N LEU D 510 -10.47 -41.85 -6.29
CA LEU D 510 -11.04 -42.45 -5.09
C LEU D 510 -11.85 -41.43 -4.29
N GLU D 511 -11.32 -40.21 -4.16
CA GLU D 511 -12.01 -39.19 -3.38
C GLU D 511 -13.33 -38.79 -4.04
N GLU D 512 -13.33 -38.63 -5.36
CA GLU D 512 -14.53 -38.15 -6.05
C GLU D 512 -15.61 -39.22 -6.11
N MSE D 513 -15.24 -40.45 -6.47
CA MSE D 513 -16.23 -41.47 -6.81
C MSE D 513 -16.63 -42.36 -5.64
O MSE D 513 -17.81 -42.63 -5.46
CB MSE D 513 -15.70 -42.35 -7.95
CG MSE D 513 -15.72 -41.68 -9.31
SE MSE D 513 -15.10 -42.88 -10.72
CE MSE D 513 -16.67 -44.04 -10.86
H MSE D 513 -14.42 -40.71 -6.52
HA MSE D 513 -17.02 -41.02 -7.14
HB2 MSE D 513 -14.78 -42.59 -7.75
HB3 MSE D 513 -16.25 -43.15 -8.00
HG2 MSE D 513 -16.62 -41.41 -9.51
HG3 MSE D 513 -15.13 -40.91 -9.29
HE1 MSE D 513 -16.50 -44.71 -11.55
HE2 MSE D 513 -16.81 -44.47 -10.00
HE3 MSE D 513 -17.44 -43.49 -11.09
N LEU D 514 -15.66 -42.83 -4.87
CA LEU D 514 -15.94 -43.77 -3.79
C LEU D 514 -16.35 -42.95 -2.57
N VAL D 515 -17.65 -42.79 -2.37
CA VAL D 515 -18.18 -41.80 -1.44
C VAL D 515 -18.99 -42.52 -0.39
N PRO D 516 -19.17 -41.93 0.79
CA PRO D 516 -19.82 -42.63 1.89
C PRO D 516 -21.34 -42.57 1.82
N VAL D 517 -21.95 -43.63 2.34
CA VAL D 517 -23.38 -43.68 2.61
C VAL D 517 -23.54 -44.39 3.95
N ILE D 518 -23.94 -43.65 4.98
CA ILE D 518 -24.01 -44.15 6.34
C ILE D 518 -25.48 -44.27 6.74
N THR D 519 -25.87 -45.46 7.18
CA THR D 519 -27.18 -45.68 7.76
C THR D 519 -27.05 -45.63 9.28
N MSE D 520 -27.71 -44.66 9.90
CA MSE D 520 -27.54 -44.38 11.32
C MSE D 520 -28.82 -44.64 12.10
O MSE D 520 -29.89 -44.17 11.73
CB MSE D 520 -27.11 -42.93 11.53
CG MSE D 520 -26.09 -42.45 10.51
SE MSE D 520 -25.18 -40.84 11.12
CE MSE D 520 -26.72 -39.69 11.41
H MSE D 520 -28.28 -44.15 9.51
HA MSE D 520 -26.84 -44.95 11.68
HB2 MSE D 520 -27.89 -42.36 11.45
HB3 MSE D 520 -26.72 -42.86 12.41
HG2 MSE D 520 -25.43 -43.15 10.39
HG3 MSE D 520 -26.54 -42.26 9.68
HE1 MSE D 520 -26.41 -38.83 11.71
HE2 MSE D 520 -27.20 -39.60 10.56
HE3 MSE D 520 -27.29 -40.11 12.07
N GLN D 521 -28.70 -45.37 13.20
CA GLN D 521 -29.80 -45.66 14.09
C GLN D 521 -29.63 -44.87 15.37
N PRO D 522 -30.59 -44.05 15.79
CA PRO D 522 -30.42 -43.29 17.03
C PRO D 522 -30.16 -44.20 18.22
N LYS D 523 -29.24 -43.77 19.08
CA LYS D 523 -29.00 -44.47 20.34
C LYS D 523 -30.19 -44.28 21.28
MG MG I . 42.37 45.91 -34.30
BE BEF J . 40.21 43.87 -35.52
F1 BEF J . 41.54 44.62 -35.51
F2 BEF J . 39.64 43.72 -36.95
F3 BEF J . 40.39 42.44 -34.98
ZN ZN K . -2.54 7.86 -13.77
ZN ZN L . -3.95 10.86 -10.68
C1 GOL M . 13.32 43.41 -26.72
O1 GOL M . 12.61 43.05 -27.90
C2 GOL M . 13.85 42.15 -26.05
O2 GOL M . 14.49 41.34 -27.00
C3 GOL M . 14.82 42.50 -24.93
O3 GOL M . 14.92 41.41 -24.04
H11 GOL M . 12.66 43.94 -26.05
H12 GOL M . 14.15 44.07 -26.98
HO1 GOL M . 12.22 43.85 -28.29
H2 GOL M . 13.01 41.61 -25.61
HO2 GOL M . 15.27 41.82 -27.37
H31 GOL M . 14.46 43.39 -24.39
H32 GOL M . 15.80 42.74 -25.34
HO3 GOL M . 15.85 41.10 -24.02
C1 GOL N . -6.14 -3.36 -34.33
O1 GOL N . -5.19 -4.00 -33.51
C2 GOL N . -5.73 -3.49 -35.78
O2 GOL N . -5.92 -4.83 -36.20
C3 GOL N . -6.55 -2.57 -36.69
O3 GOL N . -6.71 -1.30 -36.08
H11 GOL N . -6.21 -2.30 -34.06
H12 GOL N . -7.12 -3.81 -34.18
HO1 GOL N . -5.43 -3.86 -32.57
H2 GOL N . -4.67 -3.22 -35.87
HO2 GOL N . -6.87 -5.05 -36.14
H31 GOL N . -7.52 -3.02 -36.88
H32 GOL N . -6.03 -2.46 -37.64
HO3 GOL N . -7.66 -1.13 -35.95
C1 GOL O . -8.39 26.69 -6.36
O1 GOL O . -7.54 27.52 -7.11
C2 GOL O . -8.00 26.74 -4.89
O2 GOL O . -9.14 26.95 -4.08
C3 GOL O . -7.31 25.44 -4.47
O3 GOL O . -8.20 24.35 -4.57
H11 GOL O . -8.32 25.66 -6.72
H12 GOL O . -9.42 27.02 -6.47
HO1 GOL O . -7.75 27.43 -8.06
H2 GOL O . -7.29 27.56 -4.74
HO2 GOL O . -9.77 26.20 -4.19
H31 GOL O . -6.97 25.52 -3.44
H32 GOL O . -6.44 25.27 -5.10
HO3 GOL O . -9.03 24.63 -5.00
C1 GOL P . -7.66 27.22 -18.43
O1 GOL P . -7.41 27.54 -19.78
C2 GOL P . -6.86 28.14 -17.52
O2 GOL P . -7.31 29.47 -17.65
C3 GOL P . -5.38 28.07 -17.89
O3 GOL P . -4.57 28.38 -16.78
H11 GOL P . -7.38 26.18 -18.24
H12 GOL P . -8.72 27.33 -18.21
HO1 GOL P . -7.88 26.90 -20.36
H2 GOL P . -6.97 27.80 -16.49
HO2 GOL P . -6.79 30.05 -17.07
H31 GOL P . -5.17 28.76 -18.71
H32 GOL P . -5.14 27.06 -18.25
HO3 GOL P . -5.01 29.09 -16.25
C1 GOL Q . 46.00 41.71 -28.11
O1 GOL Q . 46.50 40.79 -27.16
C2 GOL Q . 45.09 41.01 -29.11
O2 GOL Q . 44.82 41.91 -30.16
C3 GOL Q . 45.74 39.75 -29.66
O3 GOL Q . 45.06 39.32 -30.82
H11 GOL Q . 46.83 42.17 -28.64
H12 GOL Q . 45.44 42.50 -27.59
HO1 GOL Q . 47.12 41.25 -26.56
H2 GOL Q . 44.16 40.73 -28.60
HO2 GOL Q . 45.66 42.14 -30.60
H31 GOL Q . 45.72 38.95 -28.91
H32 GOL Q . 46.79 39.95 -29.91
HO3 GOL Q . 44.69 40.09 -31.29
C FMT R . 17.72 -0.14 -31.01
O1 FMT R . 17.82 -1.34 -31.24
O2 FMT R . 18.69 0.63 -31.10
H FMT R . 16.74 0.25 -30.72
C FMT S . 21.08 45.52 -23.29
O1 FMT S . 20.12 45.32 -24.04
O2 FMT S . 20.97 45.53 -22.07
H FMT S . 22.07 45.70 -23.71
C FMT T . 39.33 45.51 -42.81
O1 FMT T . 38.42 45.24 -43.59
O2 FMT T . 39.51 46.66 -42.39
H FMT T . 40.01 44.74 -42.45
MG MG U . 16.79 31.87 -54.32
BE BEF V . 17.98 33.62 -52.28
F1 BEF V . 17.61 33.50 -53.75
F2 BEF V . 16.94 34.49 -51.47
F3 BEF V . 19.40 34.24 -52.12
ZN ZN W . 12.75 36.09 6.64
C1 GOL X . 23.83 21.92 -29.29
O1 GOL X . 22.44 22.03 -29.09
C2 GOL X . 24.59 21.90 -27.97
O2 GOL X . 24.47 23.16 -27.33
C3 GOL X . 26.05 21.52 -28.22
O3 GOL X . 26.96 22.25 -27.42
H11 GOL X . 24.17 22.76 -29.89
H12 GOL X . 24.04 21.01 -29.84
HO1 GOL X . 21.99 22.11 -29.96
H2 GOL X . 24.14 21.14 -27.32
H31 GOL X . 26.28 21.71 -29.28
H32 GOL X . 26.19 20.46 -28.04
HO3 GOL X . 27.24 21.71 -26.67
C1 GOL Y . 28.71 53.83 8.03
O1 GOL Y . 30.07 54.13 7.81
C2 GOL Y . 27.85 54.52 6.98
O2 GOL Y . 27.34 53.55 6.08
C3 GOL Y . 26.70 55.27 7.66
O3 GOL Y . 25.96 55.99 6.70
H11 GOL Y . 28.41 54.16 9.02
H12 GOL Y . 28.56 52.75 7.98
HO1 GOL Y . 30.61 53.73 8.53
H2 GOL Y . 28.46 55.23 6.44
HO2 GOL Y . 26.76 52.91 6.57
H31 GOL Y . 27.11 55.96 8.40
H32 GOL Y . 26.05 54.56 8.16
HO3 GOL Y . 25.01 55.80 6.82
C1 GOL Z . 14.91 16.00 4.99
O1 GOL Z . 13.56 16.21 4.65
C2 GOL Z . 15.76 15.82 3.74
O2 GOL Z . 14.99 15.38 2.65
C3 GOL Z . 16.89 14.81 3.99
O3 GOL Z . 17.81 14.90 2.93
H11 GOL Z . 14.99 15.11 5.62
H12 GOL Z . 15.28 16.85 5.56
HO1 GOL Z . 13.02 16.26 5.48
H2 GOL Z . 16.22 16.77 3.49
HO2 GOL Z . 15.56 15.29 1.85
H31 GOL Z . 16.47 13.80 4.05
H32 GOL Z . 17.39 15.03 4.94
HO3 GOL Z . 18.37 14.10 2.92
C1 GOL AA . 27.19 27.29 29.11
O1 GOL AA . 27.50 28.66 29.14
C2 GOL AA . 28.19 26.58 28.22
O2 GOL AA . 29.51 26.84 28.66
C3 GOL AA . 27.93 25.08 28.27
O3 GOL AA . 28.01 24.61 29.60
H11 GOL AA . 26.18 27.14 28.73
H12 GOL AA . 27.23 26.88 30.12
HO1 GOL AA . 26.82 29.14 29.67
H2 GOL AA . 28.06 26.92 27.19
HO2 GOL AA . 29.61 26.52 29.57
H31 GOL AA . 28.66 24.56 27.65
H32 GOL AA . 26.94 24.86 27.87
HO3 GOL AA . 28.24 23.65 29.59
C1 GOL BA . 22.85 35.79 -15.43
O1 GOL BA . 22.34 36.75 -16.34
C2 GOL BA . 24.32 36.12 -15.14
O2 GOL BA . 25.18 35.14 -15.69
C3 GOL BA . 24.58 36.21 -13.64
O3 GOL BA . 25.80 36.88 -13.37
H11 GOL BA . 22.78 34.80 -15.87
H12 GOL BA . 22.28 35.81 -14.51
HO1 GOL BA . 21.42 36.50 -16.59
H2 GOL BA . 24.56 37.09 -15.58
HO2 GOL BA . 26.11 35.38 -15.52
H31 GOL BA . 24.62 35.21 -13.22
H32 GOL BA . 23.76 36.74 -13.16
HO3 GOL BA . 26.15 37.24 -14.21
C FMT CA . 14.37 11.02 8.96
O1 FMT CA . 15.47 10.91 9.50
O2 FMT CA . 14.25 11.30 7.77
H FMT CA . 13.46 10.85 9.53
ZN ZN DA . 12.02 31.76 7.37
MG MG EA . -4.69 -63.45 30.26
BE BEF FA . -3.95 -60.47 31.40
F1 BEF FA . -3.64 -61.96 31.37
F2 BEF FA . -3.86 -59.90 32.85
F3 BEF FA . -2.91 -59.70 30.54
ZN ZN GA . -5.79 -4.01 14.68
C1 GOL HA . -20.76 -39.87 25.29
O1 GOL HA . -20.04 -38.84 24.64
C2 GOL HA . -20.84 -39.57 26.79
O2 GOL HA . -19.79 -38.71 27.15
C3 GOL HA . -22.17 -38.88 27.11
O3 GOL HA . -22.17 -38.47 28.46
H11 GOL HA . -20.27 -40.83 25.14
H12 GOL HA . -21.77 -39.92 24.88
HO1 GOL HA . -19.93 -39.08 23.69
H2 GOL HA . -20.78 -40.50 27.34
HO2 GOL HA . -19.87 -37.86 26.66
H31 GOL HA . -22.99 -39.58 26.94
H32 GOL HA . -22.32 -38.02 26.46
HO3 GOL HA . -21.29 -38.66 28.85
C1 GOL IA . -23.48 -10.54 7.42
O1 GOL IA . -23.27 -9.24 6.91
C2 GOL IA . -24.22 -10.51 8.77
O2 GOL IA . -25.26 -9.57 8.73
C3 GOL IA . -24.80 -11.88 9.07
O3 GOL IA . -25.29 -11.91 10.39
H11 GOL IA . -22.52 -11.05 7.55
H12 GOL IA . -24.07 -11.13 6.71
HO1 GOL IA . -22.74 -9.31 6.09
H2 GOL IA . -23.51 -10.25 9.55
HO2 GOL IA . -25.91 -9.83 8.04
H31 GOL IA . -24.02 -12.65 8.96
H32 GOL IA . -25.60 -12.11 8.37
HO3 GOL IA . -25.24 -11.01 10.77
C1 GOL JA . 0.96 -61.87 25.87
O1 GOL JA . 2.17 -61.19 25.68
C2 GOL JA . 0.28 -62.14 24.54
O2 GOL JA . -0.80 -63.03 24.75
C3 GOL JA . 1.26 -62.74 23.54
O3 GOL JA . 0.73 -62.62 22.24
H11 GOL JA . 0.30 -61.27 26.51
H12 GOL JA . 1.14 -62.81 26.38
HO1 GOL JA . 2.56 -60.96 26.55
H2 GOL JA . -0.10 -61.19 24.14
HO2 GOL JA . -1.25 -63.19 23.89
H31 GOL JA . 1.43 -63.79 23.78
H32 GOL JA . 2.21 -62.22 23.60
HO3 GOL JA . -0.23 -62.44 22.28
C1 GOL KA . -17.66 -67.25 31.45
O1 GOL KA . -17.92 -67.75 30.16
C2 GOL KA . -18.91 -66.60 32.02
O2 GOL KA . -20.07 -67.23 31.53
C3 GOL KA . -18.91 -66.61 33.54
O3 GOL KA . -19.07 -65.30 34.02
H11 GOL KA . -16.84 -66.53 31.41
H12 GOL KA . -17.35 -68.06 32.10
HO1 GOL KA . -17.09 -68.11 29.77
H2 GOL KA . -18.92 -65.55 31.70
HO2 GOL KA . -20.08 -68.16 31.84
H31 GOL KA . -17.97 -67.02 33.90
H32 GOL KA . -19.72 -67.25 33.91
HO3 GOL KA . -19.37 -65.32 34.94
C1 GOL LA . 12.78 -8.74 36.24
O1 GOL LA . 12.57 -7.66 37.12
C2 GOL LA . 11.85 -8.62 35.04
O2 GOL LA . 12.27 -9.49 34.02
C3 GOL LA . 10.43 -8.98 35.46
O3 GOL LA . 9.60 -9.01 34.32
H11 GOL LA . 12.60 -9.67 36.77
H12 GOL LA . 13.82 -8.73 35.90
HO1 GOL LA . 13.13 -7.77 37.92
H2 GOL LA . 11.86 -7.59 34.70
HO2 GOL LA . 12.24 -10.41 34.34
H31 GOL LA . 10.05 -8.24 36.17
H32 GOL LA . 10.42 -9.96 35.95
HO3 GOL LA . 9.36 -9.95 34.11
C FMT MA . 3.86 6.34 31.91
O1 FMT MA . 2.70 6.05 32.21
O2 FMT MA . 4.78 6.29 32.72
H FMT MA . 4.10 6.63 30.88
ZN ZN NA . -49.88 -48.24 -5.52
ZN ZN NA . 7.88 -57.76 28.35
ZN ZN OA . -9.41 -4.42 11.83
MG MG PA . -7.65 -37.04 53.52
BE BEF QA . -8.56 -38.75 51.24
F1 BEF QA . -8.64 -38.23 52.68
F2 BEF QA . -8.12 -40.24 51.17
F3 BEF QA . -9.94 -38.66 50.56
ZN ZN RA . -21.99 -31.78 -5.72
C1 GOL SA . 0.72 -34.88 26.47
O1 GOL SA . -0.21 -33.95 27.00
C2 GOL SA . 1.80 -34.13 25.70
O2 GOL SA . 2.04 -32.89 26.32
C3 GOL SA . 3.08 -34.97 25.68
O3 GOL SA . 2.87 -36.17 24.99
H11 GOL SA . 0.20 -35.57 25.80
H12 GOL SA . 1.16 -35.45 27.28
HO1 GOL SA . -0.95 -34.44 27.43
H2 GOL SA . 1.46 -33.98 24.68
HO2 GOL SA . 2.36 -33.03 27.23
H31 GOL SA . 3.39 -35.18 26.70
H32 GOL SA . 3.88 -34.39 25.20
HO3 GOL SA . 3.58 -36.80 25.20
C1 GOL TA . -27.49 -57.17 -8.09
O1 GOL TA . -27.99 -58.06 -7.12
C2 GOL TA . -27.28 -55.79 -7.49
O2 GOL TA . -28.46 -55.36 -6.87
C3 GOL TA . -26.13 -55.83 -6.49
O3 GOL TA . -26.08 -54.63 -5.74
H11 GOL TA . -28.19 -57.11 -8.93
H12 GOL TA . -26.55 -57.56 -8.48
HO1 GOL TA . -28.18 -58.93 -7.53
H2 GOL TA . -27.01 -55.11 -8.30
HO2 GOL TA . -28.68 -55.97 -6.13
H31 GOL TA . -25.19 -55.96 -7.01
H32 GOL TA . -26.26 -56.67 -5.82
HO3 GOL TA . -25.66 -54.80 -4.87
C1 GOL UA . -4.10 -21.27 -4.50
O1 GOL UA . -4.63 -20.87 -5.75
C2 GOL UA . -3.10 -22.42 -4.63
O2 GOL UA . -2.22 -22.14 -5.70
C3 GOL UA . -2.30 -22.60 -3.34
O3 GOL UA . -1.23 -23.52 -3.48
H11 GOL UA . -4.93 -21.59 -3.86
H12 GOL UA . -3.62 -20.42 -4.03
HO1 GOL UA . -5.32 -20.19 -5.62
H2 GOL UA . -3.64 -23.35 -4.84
HO2 GOL UA . -1.71 -21.32 -5.50
H31 GOL UA . -2.96 -22.96 -2.55
H32 GOL UA . -1.90 -21.64 -3.02
HO3 GOL UA . -0.38 -23.03 -3.52
C FMT VA . -1.30 -17.45 -10.13
O1 FMT VA . -1.72 -17.28 -8.99
O2 FMT VA . -0.27 -18.07 -10.36
H FMT VA . -1.85 -17.05 -10.98
ZN ZN WA . -19.07 -28.53 -6.64
#